data_5SWO
#
_entry.id   5SWO
#
_cell.length_a   114.826
_cell.length_b   116.360
_cell.length_c   149.442
_cell.angle_alpha   90.000
_cell.angle_beta   90.000
_cell.angle_gamma   90.000
#
_symmetry.space_group_name_H-M   'P 21 21 21'
#
loop_
_entity.id
_entity.type
_entity.pdbx_description
1 polymer 'Phosphatidylinositol 4,5-bisphosphate 3-kinase catalytic subunit alpha isoform'
2 polymer 'Phosphatidylinositol 3-kinase regulatory subunit alpha'
3 non-polymer 'CHLORIDE ION'
4 non-polymer 2-methyl-5-nitro-1H-indole
5 non-polymer 4-methyl-3-nitropyridin-2-amine
#
loop_
_entity_poly.entity_id
_entity_poly.type
_entity_poly.pdbx_seq_one_letter_code
_entity_poly.pdbx_strand_id
1 'polypeptide(L)'
;MSYYHHHHHHDYDIPTTENLYFQGAMGSMPPRPSSGELWGIHLMPPRILVECLLPNGMIVTLECLREATLITIKHELFKE
ARKYPLHQLLQDESSYIFVSVTQEAEREEFFDETRRLCDLRLFQPFLKVIEPVGNREEKILNREIGFAIGMPVCEFDMVK
DPEVQDFRRNILNVCKEAVDLRDLNSPHSRAMYVYPPNVESSPELPKHIYNKLDKGQIIVVIWVIVSPNNDKQKYTLKIN
HDCVPEQVIAEAIRKKTRSMLLSSEQLKLCVLEYQGKYILKVCGCDEYFLEKYPLSQYKYIRSCIMLGRMPNLMLMAKES
LYSQLPMDCFTMPSYSRRISTATPYMNGETSTKSLWVINSALRIKILCATYVNVNIRDIDKIYVRTGIYHGGEPLCDNVN
TQRVPCSNPRWNEWLNYDIYIPDLPRAARLCLSICSVKGRKGAKEEHCPLAWGNINLFDYTDTLVSGKMALNLWPVPHGL
EDLLNPIGVTGSNPNKETPCLELEFDWFSSVVKFPDMSVIEEHANWSVSREAGFSYSHAGLSNRLARDNELRENDKEQLK
AISTRDPLSEITEQEKDFLWSHRHYCVTIPEILPKLLLSVKWNSRDEVAQMYCLVKDWPPIKPEQAMELLDCNYPDPMVR
GFAVRCLEKYLTDDKLSQYLIQLVQVLKYEQYLDNLLVRFLLKKALTNQRIGHFFFWHLKSEMHNKTVSQRFGLLLESYC
RACGMYLKHLNRQVEAMEKLINLTDILKQEKKDETQKVQMKFLVEQMRRPDFMDALQGFLSPLNPAHQLGNLRLEECRIM
SSAKRPLWLNWENPDIM(SEP)ELLFQNNEIIFKNGDDLRQDMLTLQIIRIMENIWQNQGLDLRMLPYGCLSIGDCVGLI
EVVRNSHTIMQIQCKGGLKGALQFNSHTLHQWLKDKNKGEIYDAAIDLFTRSCAGYCVATFILGIGDRHNSNIMVKDDGQ
LFHIDFGHFLDHKKKKFGYKRERVPFVLTQDFLIVISKGAQECTKTREFERFQEMCYKAYLAIRQHANLFINLFSMMLGS
GMPELQSFDDIAYIRKTLALDKTEQEALEYFMKQMNDAHHGGWTTKMDWIFHTIKQHALN
;
A
2 'polypeptide(L)'
;MNNNMSLQDAEWYWGDISREEVNEKLRDTADGTFLVRDASTKMHGDYTLTLRKGGNNKLIKIFHRDGKYGFSDPLTFSSV
VELINHYRNESLAQYNPKLDVKLLYPVSKYQQDQVVKEDNIEAVGKKLHEYNTQFQEKSREYDRLYEEYTRTSQEIQMKR
TAIEAFNETIKIFEEQCQTQERYSKEYIEKFKREGNEKEIQRIMHNYDKLKSRISEIIDSRRRLEEDLKKQAAEYREIDK
RMNSIKPDLIQLRKTRDQYLMWLTQKGVRQKKLNEWLGN
;
B
#
loop_
_chem_comp.id
_chem_comp.type
_chem_comp.name
_chem_comp.formula
2ZV non-polymer 4-methyl-3-nitropyridin-2-amine 'C6 H7 N3 O2'
70T non-polymer 2-methyl-5-nitro-1H-indole 'C9 H8 N2 O2'
CL non-polymer 'CHLORIDE ION' 'Cl -1'
#
# COMPACT_ATOMS: atom_id res chain seq x y z
N SER A 2 30.61 38.99 17.46
CA SER A 2 31.51 38.96 16.27
C SER A 2 31.10 37.85 15.32
N TYR A 3 30.59 36.76 15.89
CA TYR A 3 30.18 35.58 15.11
C TYR A 3 28.91 35.86 14.34
N TYR A 4 27.96 36.57 14.97
CA TYR A 4 26.63 36.77 14.35
C TYR A 4 26.30 38.22 13.93
N HIS A 5 27.30 39.11 13.98
CA HIS A 5 27.08 40.58 13.86
C HIS A 5 26.10 41.12 14.91
N HIS A 6 26.25 40.63 16.13
CA HIS A 6 25.37 40.93 17.26
C HIS A 6 23.88 41.15 16.83
N HIS A 7 23.41 40.32 15.88
CA HIS A 7 22.04 40.38 15.36
C HIS A 7 21.18 39.45 16.19
N HIS A 8 20.18 40.03 16.85
CA HIS A 8 19.37 39.30 17.80
C HIS A 8 18.23 38.66 17.05
N HIS A 9 17.87 37.43 17.42
CA HIS A 9 16.59 36.85 17.00
C HIS A 9 15.65 37.01 18.18
N HIS A 10 14.80 38.04 18.07
CA HIS A 10 13.94 38.46 19.17
C HIS A 10 12.83 37.42 19.42
N ASP A 11 12.30 36.86 18.33
CA ASP A 11 11.24 35.83 18.37
C ASP A 11 11.60 34.56 19.17
N TYR A 12 12.85 34.12 19.03
CA TYR A 12 13.35 32.85 19.58
C TYR A 12 13.21 32.74 21.10
N ASP A 13 12.62 31.65 21.59
CA ASP A 13 12.61 31.35 23.02
C ASP A 13 12.78 29.83 23.27
N ILE A 14 13.95 29.45 23.79
CA ILE A 14 14.24 28.08 24.33
C ILE A 14 13.13 27.36 25.14
N PRO A 15 12.34 28.05 26.04
CA PRO A 15 11.12 27.37 26.46
C PRO A 15 10.07 27.54 25.35
N THR A 16 9.70 26.44 24.70
CA THR A 16 8.83 26.42 23.50
C THR A 16 9.62 26.67 22.21
N SER A 28 12.61 11.95 17.80
CA SER A 28 11.97 10.90 16.98
C SER A 28 10.59 10.46 17.53
N MET A 29 9.99 9.48 16.85
CA MET A 29 8.81 8.69 17.30
C MET A 29 7.35 9.18 16.98
N PRO A 30 7.11 9.79 15.77
CA PRO A 30 5.85 10.53 15.58
C PRO A 30 4.77 9.91 14.65
N PRO A 31 3.76 9.21 15.21
CA PRO A 31 2.53 8.98 14.44
C PRO A 31 1.19 8.95 15.23
N ARG A 32 1.15 9.50 16.44
CA ARG A 32 0.02 9.27 17.39
C ARG A 32 -1.27 10.07 17.03
N PRO A 33 -2.42 9.87 17.70
CA PRO A 33 -2.62 8.95 18.83
C PRO A 33 -3.84 8.03 18.67
N SER A 34 -4.06 7.22 19.71
CA SER A 34 -5.30 6.49 19.95
C SER A 34 -5.38 6.22 21.45
N SER A 35 -6.57 5.92 21.95
CA SER A 35 -6.72 5.38 23.31
C SER A 35 -7.05 3.90 23.22
N GLY A 36 -6.80 3.22 24.33
CA GLY A 36 -6.68 1.77 24.34
C GLY A 36 -7.74 1.02 25.09
N GLU A 37 -7.66 1.08 26.42
CA GLU A 37 -8.38 0.14 27.31
C GLU A 37 -9.69 0.63 27.94
N LEU A 38 -9.75 1.93 28.23
CA LEU A 38 -10.98 2.57 28.70
C LEU A 38 -10.95 3.92 28.00
N TRP A 39 -12.08 4.64 27.96
CA TRP A 39 -12.19 5.84 27.10
C TRP A 39 -10.96 6.76 27.27
N GLY A 40 -10.78 7.27 28.48
CA GLY A 40 -9.74 8.24 28.73
C GLY A 40 -8.31 7.73 28.65
N ILE A 41 -8.10 6.45 28.93
CA ILE A 41 -6.81 6.01 29.48
C ILE A 41 -6.30 4.71 28.86
N HIS A 42 -4.98 4.61 28.65
CA HIS A 42 -4.35 3.47 27.95
C HIS A 42 -4.42 2.13 28.67
N LEU A 43 -4.43 2.19 30.00
CA LEU A 43 -4.15 1.03 30.83
C LEU A 43 -5.02 1.20 32.05
N MET A 44 -6.08 0.39 32.15
CA MET A 44 -7.02 0.62 33.24
C MET A 44 -6.34 0.28 34.57
N PRO A 45 -6.61 1.08 35.62
CA PRO A 45 -6.12 0.82 36.97
C PRO A 45 -6.24 -0.65 37.39
N PRO A 46 -5.21 -1.21 38.07
CA PRO A 46 -5.20 -2.64 38.45
C PRO A 46 -6.40 -3.13 39.30
N ARG A 47 -6.96 -2.22 40.09
CA ARG A 47 -8.18 -2.45 40.84
C ARG A 47 -9.06 -1.27 40.47
N ILE A 48 -10.36 -1.51 40.27
CA ILE A 48 -11.27 -0.55 39.60
C ILE A 48 -12.73 -0.73 40.01
N LEU A 49 -13.47 0.37 40.10
CA LEU A 49 -14.90 0.30 40.43
C LEU A 49 -15.75 0.25 39.18
N VAL A 50 -16.65 -0.74 39.10
CA VAL A 50 -17.51 -0.93 37.91
C VAL A 50 -19.00 -1.05 38.25
N GLU A 51 -19.79 -0.12 37.70
CA GLU A 51 -21.22 -0.01 37.99
C GLU A 51 -21.99 -1.13 37.30
N CYS A 52 -22.50 -2.04 38.11
CA CYS A 52 -23.28 -3.15 37.59
C CYS A 52 -24.74 -2.79 37.65
N LEU A 53 -25.36 -2.65 36.48
CA LEU A 53 -26.80 -2.35 36.34
C LEU A 53 -27.62 -3.66 36.22
N LEU A 54 -28.55 -3.81 37.16
CA LEU A 54 -29.39 -5.01 37.29
C LEU A 54 -30.81 -4.82 36.70
N PRO A 55 -31.51 -5.94 36.37
CA PRO A 55 -32.86 -5.81 35.76
C PRO A 55 -33.83 -5.08 36.68
N ASN A 56 -33.73 -5.38 37.98
CA ASN A 56 -34.50 -4.71 39.02
C ASN A 56 -34.27 -3.19 39.17
N GLY A 57 -33.23 -2.64 38.55
CA GLY A 57 -33.00 -1.18 38.56
C GLY A 57 -32.01 -0.67 39.61
N MET A 58 -31.46 -1.60 40.39
CA MET A 58 -30.40 -1.32 41.34
C MET A 58 -29.08 -1.11 40.60
N ILE A 59 -28.26 -0.17 41.07
CA ILE A 59 -26.84 -0.09 40.71
C ILE A 59 -26.04 -0.56 41.91
N VAL A 60 -24.97 -1.29 41.65
CA VAL A 60 -24.08 -1.80 42.69
C VAL A 60 -22.64 -1.69 42.21
N THR A 61 -21.97 -0.58 42.55
CA THR A 61 -20.60 -0.38 42.09
C THR A 61 -19.74 -1.45 42.75
N LEU A 62 -19.03 -2.21 41.93
CA LEU A 62 -18.32 -3.40 42.37
C LEU A 62 -16.83 -3.11 42.17
N GLU A 63 -16.00 -3.26 43.21
CA GLU A 63 -14.56 -3.14 43.00
C GLU A 63 -14.10 -4.45 42.42
N CYS A 64 -13.40 -4.37 41.29
CA CYS A 64 -12.95 -5.52 40.54
C CYS A 64 -11.50 -5.37 40.19
N LEU A 65 -10.80 -6.49 40.15
CA LEU A 65 -9.50 -6.49 39.55
C LEU A 65 -9.61 -6.21 38.03
N ARG A 66 -8.76 -5.30 37.54
CA ARG A 66 -8.55 -5.02 36.10
C ARG A 66 -8.69 -6.22 35.18
N GLU A 67 -8.11 -7.33 35.63
CA GLU A 67 -7.90 -8.53 34.81
C GLU A 67 -9.01 -9.59 34.98
N ALA A 68 -10.07 -9.29 35.74
CA ALA A 68 -11.05 -10.30 36.14
C ALA A 68 -11.94 -10.74 35.00
N THR A 69 -12.21 -12.04 34.94
CA THR A 69 -13.10 -12.58 33.93
C THR A 69 -14.53 -12.14 34.23
N LEU A 70 -15.36 -12.05 33.20
CA LEU A 70 -16.78 -11.74 33.39
C LEU A 70 -17.56 -12.81 34.20
N ILE A 71 -17.10 -14.08 34.18
CA ILE A 71 -17.69 -15.15 34.98
C ILE A 71 -17.51 -14.82 36.44
N THR A 72 -16.30 -14.37 36.78
CA THR A 72 -15.95 -13.93 38.11
C THR A 72 -16.79 -12.74 38.52
N ILE A 73 -16.86 -11.73 37.66
CA ILE A 73 -17.63 -10.54 37.98
C ILE A 73 -19.12 -10.87 38.13
N LYS A 74 -19.68 -11.63 37.19
CA LYS A 74 -21.08 -12.05 37.31
C LYS A 74 -21.28 -12.77 38.65
N HIS A 75 -20.48 -13.83 38.85
CA HIS A 75 -20.59 -14.69 40.04
C HIS A 75 -20.56 -13.89 41.33
N GLU A 76 -19.68 -12.89 41.39
CA GLU A 76 -19.53 -12.08 42.61
C GLU A 76 -20.68 -11.07 42.70
N LEU A 77 -21.11 -10.53 41.56
CA LEU A 77 -22.22 -9.57 41.53
C LEU A 77 -23.53 -10.16 42.04
N PHE A 78 -23.79 -11.40 41.69
CA PHE A 78 -24.98 -12.10 42.20
C PHE A 78 -24.83 -12.65 43.62
N LYS A 79 -23.60 -12.68 44.15
CA LYS A 79 -23.43 -12.72 45.61
C LYS A 79 -23.75 -11.34 46.18
N GLU A 80 -23.09 -10.30 45.68
CA GLU A 80 -23.20 -8.96 46.27
C GLU A 80 -24.56 -8.27 46.11
N ALA A 81 -25.37 -8.70 45.14
CA ALA A 81 -26.68 -8.07 44.93
C ALA A 81 -27.65 -8.46 46.06
N ARG A 82 -27.54 -9.70 46.56
CA ARG A 82 -28.28 -10.18 47.77
C ARG A 82 -28.41 -9.16 48.91
N LYS A 83 -27.39 -8.34 49.10
CA LYS A 83 -27.33 -7.38 50.20
C LYS A 83 -28.02 -6.06 49.88
N TYR A 84 -28.44 -5.90 48.61
CA TYR A 84 -29.25 -4.78 48.16
C TYR A 84 -30.74 -5.18 48.12
N PRO A 85 -31.66 -4.18 48.06
CA PRO A 85 -33.09 -4.54 48.01
C PRO A 85 -33.54 -5.08 46.64
N LEU A 86 -34.75 -5.64 46.62
CA LEU A 86 -35.34 -6.29 45.44
C LEU A 86 -34.62 -7.58 44.95
N HIS A 87 -33.82 -8.23 45.79
CA HIS A 87 -33.12 -9.49 45.41
C HIS A 87 -34.07 -10.61 44.90
N GLN A 88 -35.31 -10.63 45.41
CA GLN A 88 -36.34 -11.56 44.93
C GLN A 88 -36.74 -11.36 43.46
N LEU A 89 -36.50 -10.17 42.90
CA LEU A 89 -36.79 -9.90 41.49
C LEU A 89 -35.68 -10.29 40.50
N LEU A 90 -34.55 -10.80 40.98
CA LEU A 90 -33.53 -11.32 40.08
C LEU A 90 -33.82 -12.78 39.81
N GLN A 91 -33.37 -13.23 38.65
CA GLN A 91 -33.37 -14.66 38.30
C GLN A 91 -32.05 -15.26 38.78
N ASP A 92 -31.89 -16.57 38.56
CA ASP A 92 -30.58 -17.20 38.63
C ASP A 92 -29.62 -16.45 37.67
N GLU A 93 -28.35 -16.34 38.06
CA GLU A 93 -27.38 -15.58 37.25
C GLU A 93 -27.24 -16.18 35.87
N SER A 94 -27.28 -17.51 35.78
CA SER A 94 -27.19 -18.23 34.52
C SER A 94 -28.17 -17.75 33.42
N SER A 95 -29.27 -17.10 33.81
CA SER A 95 -30.21 -16.48 32.87
C SER A 95 -29.89 -15.01 32.58
N TYR A 96 -28.60 -14.67 32.50
CA TYR A 96 -28.16 -13.31 32.17
C TYR A 96 -26.81 -13.23 31.42
N ILE A 97 -26.62 -12.11 30.73
CA ILE A 97 -25.43 -11.86 29.92
C ILE A 97 -25.05 -10.38 30.12
N PHE A 98 -23.76 -10.08 30.20
CA PHE A 98 -23.36 -8.69 30.36
C PHE A 98 -23.49 -7.93 29.06
N VAL A 99 -23.82 -6.65 29.15
CA VAL A 99 -23.79 -5.76 27.98
C VAL A 99 -23.30 -4.39 28.43
N SER A 100 -22.66 -3.66 27.52
CA SER A 100 -22.13 -2.32 27.82
C SER A 100 -21.81 -1.60 26.52
N VAL A 101 -21.55 -0.30 26.62
CA VAL A 101 -21.13 0.50 25.49
C VAL A 101 -19.62 0.44 25.37
N THR A 102 -19.15 0.06 24.17
CA THR A 102 -17.71 -0.02 23.86
C THR A 102 -17.19 1.34 23.35
N GLN A 103 -15.88 1.43 23.12
CA GLN A 103 -15.25 2.67 22.60
C GLN A 103 -15.68 2.99 21.15
N GLU A 104 -16.04 1.95 20.38
CA GLU A 104 -16.69 2.11 19.08
C GLU A 104 -18.19 2.55 19.18
N ALA A 105 -18.67 2.90 20.37
CA ALA A 105 -20.03 3.44 20.56
C ALA A 105 -21.18 2.45 20.36
N GLU A 106 -20.90 1.16 20.30
CA GLU A 106 -21.94 0.17 20.07
C GLU A 106 -22.20 -0.64 21.32
N ARG A 107 -23.46 -0.97 21.54
CA ARG A 107 -23.85 -1.78 22.69
C ARG A 107 -23.60 -3.26 22.39
N GLU A 108 -22.46 -3.76 22.89
CA GLU A 108 -22.01 -5.13 22.64
C GLU A 108 -22.47 -6.04 23.75
N GLU A 109 -23.21 -7.10 23.39
CA GLU A 109 -23.61 -8.16 24.34
C GLU A 109 -22.37 -9.04 24.54
N PHE A 110 -22.05 -9.36 25.79
CA PHE A 110 -20.80 -10.04 26.12
C PHE A 110 -21.04 -11.52 26.37
N PHE A 111 -21.00 -12.27 25.26
CA PHE A 111 -21.33 -13.68 25.24
C PHE A 111 -20.22 -14.54 25.80
N ASP A 112 -18.98 -14.27 25.37
CA ASP A 112 -17.81 -15.07 25.79
C ASP A 112 -17.38 -14.60 27.17
N GLU A 113 -17.96 -15.21 28.21
CA GLU A 113 -17.85 -14.68 29.58
C GLU A 113 -16.50 -14.92 30.18
N THR A 114 -15.69 -15.77 29.53
CA THR A 114 -14.24 -15.89 29.81
C THR A 114 -13.40 -14.62 29.57
N ARG A 115 -13.88 -13.68 28.76
CA ARG A 115 -13.15 -12.42 28.49
C ARG A 115 -12.96 -11.58 29.76
N ARG A 116 -11.81 -10.89 29.80
CA ARG A 116 -11.42 -10.13 30.97
C ARG A 116 -11.84 -8.67 30.84
N LEU A 117 -12.24 -8.07 31.96
CA LEU A 117 -12.61 -6.66 32.01
C LEU A 117 -11.68 -5.67 31.25
N CYS A 118 -10.36 -5.88 31.26
CA CYS A 118 -9.46 -5.00 30.47
C CYS A 118 -9.54 -5.21 28.96
N ASP A 119 -9.95 -6.40 28.57
CA ASP A 119 -9.92 -6.78 27.17
C ASP A 119 -11.22 -6.42 26.44
N LEU A 120 -12.18 -5.76 27.10
CA LEU A 120 -13.52 -5.52 26.52
C LEU A 120 -13.66 -4.28 25.61
N ARG A 121 -12.68 -3.39 25.69
CA ARG A 121 -12.75 -2.07 25.06
C ARG A 121 -14.00 -1.31 25.52
N LEU A 122 -14.25 -1.34 26.83
CA LEU A 122 -15.35 -0.58 27.43
C LEU A 122 -15.13 0.91 27.22
N PHE A 123 -16.21 1.66 27.17
CA PHE A 123 -16.12 3.11 27.11
C PHE A 123 -16.03 3.67 28.53
N GLN A 124 -17.07 3.42 29.33
CA GLN A 124 -17.04 3.69 30.75
C GLN A 124 -17.01 2.36 31.49
N PRO A 125 -16.46 2.36 32.72
CA PRO A 125 -16.40 1.13 33.50
C PRO A 125 -17.76 0.81 34.11
N PHE A 126 -18.63 0.19 33.31
CA PHE A 126 -19.96 -0.22 33.76
C PHE A 126 -20.48 -1.37 32.92
N LEU A 127 -21.44 -2.09 33.49
CA LEU A 127 -21.91 -3.34 32.92
C LEU A 127 -23.39 -3.49 33.23
N LYS A 128 -24.20 -3.71 32.19
CA LYS A 128 -25.64 -3.95 32.35
C LYS A 128 -25.98 -5.44 32.19
N VAL A 129 -26.95 -5.88 32.99
CA VAL A 129 -27.35 -7.28 33.06
C VAL A 129 -28.70 -7.49 32.37
N ILE A 130 -28.78 -8.52 31.52
CA ILE A 130 -29.97 -8.82 30.71
C ILE A 130 -30.10 -10.31 30.37
N GLU A 131 -31.31 -10.79 30.12
CA GLU A 131 -31.53 -12.15 29.59
C GLU A 131 -31.32 -12.04 28.08
N PRO A 132 -30.63 -13.04 27.45
CA PRO A 132 -30.06 -12.76 26.12
C PRO A 132 -31.08 -12.73 24.98
N VAL A 133 -31.50 -11.51 24.64
CA VAL A 133 -32.28 -11.25 23.43
C VAL A 133 -31.46 -11.62 22.19
N GLY A 134 -32.15 -12.04 21.14
CA GLY A 134 -31.51 -12.42 19.89
C GLY A 134 -31.13 -13.88 19.98
N ASN A 135 -32.16 -14.73 19.96
CA ASN A 135 -32.08 -16.16 20.33
C ASN A 135 -31.04 -16.96 19.54
N ARG A 136 -30.65 -16.49 18.35
CA ARG A 136 -29.47 -17.00 17.66
C ARG A 136 -28.27 -16.23 18.21
N GLU A 137 -27.75 -16.77 19.32
CA GLU A 137 -26.47 -16.39 19.92
C GLU A 137 -25.39 -16.55 18.85
N GLU A 138 -25.42 -17.69 18.16
CA GLU A 138 -24.49 -18.03 17.07
C GLU A 138 -24.37 -16.90 16.08
N LYS A 139 -25.51 -16.35 15.68
CA LYS A 139 -25.56 -15.30 14.67
C LYS A 139 -24.80 -14.07 15.11
N ILE A 140 -24.82 -13.76 16.41
CA ILE A 140 -24.15 -12.56 16.91
C ILE A 140 -22.66 -12.87 17.26
N LEU A 141 -22.04 -13.79 16.52
CA LEU A 141 -20.59 -13.83 16.28
C LEU A 141 -20.30 -13.34 14.81
N ASN A 142 -20.71 -12.08 14.64
CA ASN A 142 -20.14 -11.08 13.76
C ASN A 142 -19.29 -10.19 14.65
N ARG A 143 -19.36 -10.33 15.97
CA ARG A 143 -18.43 -9.67 16.88
C ARG A 143 -17.03 -10.14 16.52
N GLU A 144 -16.91 -11.45 16.28
CA GLU A 144 -15.66 -12.03 15.78
C GLU A 144 -15.17 -11.30 14.53
N ILE A 145 -16.08 -11.15 13.58
CA ILE A 145 -15.77 -10.51 12.32
C ILE A 145 -15.33 -9.06 12.52
N GLY A 146 -16.16 -8.28 13.20
CA GLY A 146 -15.88 -6.87 13.44
C GLY A 146 -14.69 -6.56 14.33
N PHE A 147 -14.32 -7.50 15.19
CA PHE A 147 -13.06 -7.40 15.94
C PHE A 147 -11.84 -7.56 15.03
N ALA A 148 -11.87 -8.60 14.22
CA ALA A 148 -10.90 -8.81 13.16
C ALA A 148 -10.77 -7.58 12.25
N ILE A 149 -11.90 -6.96 11.94
CA ILE A 149 -11.93 -5.83 11.02
C ILE A 149 -11.53 -4.53 11.73
N GLY A 150 -11.99 -4.38 12.97
CA GLY A 150 -11.74 -3.16 13.73
C GLY A 150 -12.83 -2.12 13.65
N MET A 151 -13.94 -2.49 13.02
CA MET A 151 -15.18 -1.74 13.10
C MET A 151 -16.28 -2.76 13.18
N PRO A 152 -17.40 -2.43 13.86
CA PRO A 152 -18.44 -3.42 14.07
C PRO A 152 -19.26 -3.63 12.81
N VAL A 153 -19.73 -4.86 12.58
CA VAL A 153 -20.43 -5.18 11.34
C VAL A 153 -21.72 -4.36 11.24
N CYS A 154 -22.43 -4.20 12.37
CA CYS A 154 -23.64 -3.35 12.43
C CYS A 154 -23.50 -1.93 11.86
N GLU A 155 -22.28 -1.38 11.92
CA GLU A 155 -21.96 -0.10 11.27
C GLU A 155 -22.18 -0.09 9.75
N PHE A 156 -22.03 -1.24 9.08
CA PHE A 156 -22.43 -1.38 7.67
C PHE A 156 -23.94 -1.47 7.50
N ASP A 157 -24.63 -2.27 8.32
CA ASP A 157 -26.08 -2.45 8.20
C ASP A 157 -26.79 -1.12 8.03
N MET A 158 -26.35 -0.12 8.78
CA MET A 158 -26.95 1.21 8.74
C MET A 158 -26.43 2.11 7.61
N VAL A 159 -25.70 1.59 6.61
CA VAL A 159 -25.27 2.44 5.50
C VAL A 159 -26.40 2.54 4.46
N LYS A 160 -26.79 3.78 4.13
CA LYS A 160 -27.93 4.08 3.24
C LYS A 160 -27.68 3.59 1.81
N ASP A 161 -26.61 4.16 1.23
CA ASP A 161 -26.09 3.87 -0.12
C ASP A 161 -26.31 2.41 -0.59
N PRO A 162 -26.99 2.21 -1.73
CA PRO A 162 -27.31 0.85 -2.18
C PRO A 162 -26.18 0.11 -2.86
N GLU A 163 -25.14 0.81 -3.32
CA GLU A 163 -23.99 0.11 -3.87
C GLU A 163 -23.41 -0.77 -2.79
N VAL A 164 -23.24 -0.17 -1.62
CA VAL A 164 -22.66 -0.82 -0.46
C VAL A 164 -23.42 -2.09 -0.14
N GLN A 165 -24.73 -1.94 -0.05
CA GLN A 165 -25.58 -3.05 0.36
C GLN A 165 -25.64 -4.11 -0.74
N ASP A 166 -25.53 -3.66 -1.99
CA ASP A 166 -25.45 -4.56 -3.13
C ASP A 166 -24.11 -5.29 -3.17
N PHE A 167 -23.01 -4.61 -2.85
CA PHE A 167 -21.74 -5.32 -2.68
C PHE A 167 -21.90 -6.46 -1.71
N ARG A 168 -22.47 -6.15 -0.55
CA ARG A 168 -22.52 -7.13 0.54
C ARG A 168 -23.30 -8.37 0.13
N ARG A 169 -24.45 -8.16 -0.51
CA ARG A 169 -25.30 -9.27 -0.92
C ARG A 169 -24.70 -10.05 -2.08
N ASN A 170 -24.23 -9.33 -3.08
CA ASN A 170 -23.72 -9.98 -4.30
C ASN A 170 -22.33 -10.60 -4.21
N ILE A 171 -21.48 -10.11 -3.30
CA ILE A 171 -20.14 -10.67 -3.18
C ILE A 171 -20.21 -12.09 -2.62
N LEU A 172 -21.29 -12.43 -1.89
CA LEU A 172 -21.48 -13.77 -1.32
C LEU A 172 -21.47 -14.88 -2.36
N ASN A 173 -21.88 -14.56 -3.59
CA ASN A 173 -21.61 -15.41 -4.76
C ASN A 173 -20.22 -16.03 -4.67
N VAL A 174 -19.21 -15.16 -4.57
CA VAL A 174 -17.79 -15.57 -4.57
C VAL A 174 -17.42 -16.48 -3.44
N CYS A 175 -17.83 -16.09 -2.23
CA CYS A 175 -17.61 -16.86 -1.01
C CYS A 175 -18.08 -18.30 -1.11
N LYS A 176 -19.33 -18.45 -1.53
CA LYS A 176 -19.98 -19.75 -1.60
C LYS A 176 -19.29 -20.64 -2.63
N GLU A 177 -18.80 -20.05 -3.71
CA GLU A 177 -18.08 -20.84 -4.72
C GLU A 177 -16.73 -21.34 -4.22
N ALA A 178 -16.08 -20.54 -3.39
CA ALA A 178 -14.78 -20.87 -2.82
C ALA A 178 -14.95 -21.97 -1.79
N VAL A 179 -15.89 -21.80 -0.88
CA VAL A 179 -16.19 -22.83 0.14
C VAL A 179 -16.47 -24.20 -0.52
N ASP A 180 -17.04 -24.17 -1.72
CA ASP A 180 -17.34 -25.40 -2.43
C ASP A 180 -16.06 -26.08 -2.88
N LEU A 181 -15.12 -25.31 -3.44
CA LEU A 181 -13.79 -25.85 -3.82
C LEU A 181 -12.99 -26.43 -2.66
N ARG A 182 -13.20 -25.92 -1.45
CA ARG A 182 -12.63 -26.52 -0.24
C ARG A 182 -13.20 -27.92 0.03
N ASP A 183 -14.49 -28.01 0.37
CA ASP A 183 -15.09 -29.27 0.86
C ASP A 183 -15.47 -30.22 -0.29
N LEU A 184 -14.68 -30.19 -1.37
CA LEU A 184 -14.92 -30.97 -2.57
C LEU A 184 -14.41 -32.40 -2.37
N ASN A 185 -13.08 -32.55 -2.25
CA ASN A 185 -12.46 -33.86 -1.95
C ASN A 185 -11.83 -33.84 -0.56
N SER A 186 -12.61 -33.37 0.41
CA SER A 186 -12.20 -33.28 1.81
C SER A 186 -12.04 -34.71 2.42
N PRO A 187 -11.11 -34.92 3.35
CA PRO A 187 -10.39 -33.88 4.07
C PRO A 187 -9.16 -33.32 3.35
N HIS A 188 -8.78 -33.89 2.21
CA HIS A 188 -7.52 -33.53 1.58
C HIS A 188 -7.58 -32.11 1.11
N SER A 189 -8.66 -31.78 0.43
CA SER A 189 -8.78 -30.47 -0.18
C SER A 189 -8.91 -29.37 0.88
N ARG A 190 -9.43 -29.71 2.06
CA ARG A 190 -9.43 -28.78 3.20
C ARG A 190 -8.00 -28.54 3.68
N ALA A 191 -7.25 -29.61 3.89
CA ALA A 191 -5.82 -29.52 4.23
C ALA A 191 -5.03 -28.72 3.19
N MET A 192 -5.35 -28.95 1.94
CA MET A 192 -4.82 -28.14 0.86
C MET A 192 -5.10 -26.60 1.00
N TYR A 193 -6.27 -26.25 1.54
CA TYR A 193 -6.64 -24.84 1.78
C TYR A 193 -5.68 -24.28 2.83
N VAL A 194 -5.70 -24.90 4.01
CA VAL A 194 -4.98 -24.41 5.18
C VAL A 194 -3.45 -24.40 5.00
N TYR A 195 -2.92 -25.43 4.34
CA TYR A 195 -1.48 -25.70 4.30
C TYR A 195 -1.03 -25.86 2.87
N PRO A 196 -1.26 -24.83 2.07
CA PRO A 196 -0.94 -25.03 0.65
C PRO A 196 0.54 -25.30 0.42
N PRO A 197 0.86 -26.05 -0.63
CA PRO A 197 2.25 -26.35 -0.88
C PRO A 197 3.04 -25.09 -1.26
N ASN A 198 4.03 -24.77 -0.43
CA ASN A 198 4.90 -23.60 -0.63
C ASN A 198 6.02 -23.96 -1.59
N VAL A 199 5.80 -23.71 -2.88
CA VAL A 199 6.73 -24.10 -3.94
C VAL A 199 7.05 -22.95 -4.89
N GLU A 200 8.16 -23.09 -5.60
CA GLU A 200 8.61 -22.10 -6.58
C GLU A 200 7.72 -22.25 -7.78
N SER A 201 7.77 -21.26 -8.66
CA SER A 201 6.89 -21.24 -9.83
C SER A 201 7.38 -22.24 -10.87
N SER A 202 8.71 -22.35 -11.01
CA SER A 202 9.36 -23.27 -11.97
C SER A 202 9.95 -24.52 -11.30
N PRO A 203 9.84 -25.70 -11.95
CA PRO A 203 10.50 -26.90 -11.44
C PRO A 203 11.93 -26.96 -11.90
N GLU A 204 12.23 -26.43 -13.09
CA GLU A 204 13.60 -26.24 -13.57
C GLU A 204 14.51 -25.65 -12.49
N LEU A 205 15.66 -26.28 -12.30
CA LEU A 205 16.65 -25.85 -11.32
C LEU A 205 17.73 -25.06 -12.07
N PRO A 206 18.09 -23.85 -11.57
CA PRO A 206 19.25 -23.13 -12.09
C PRO A 206 20.52 -23.95 -12.00
N LYS A 207 21.46 -23.66 -12.90
CA LYS A 207 22.66 -24.47 -13.04
C LYS A 207 23.54 -24.43 -11.79
N HIS A 208 23.56 -23.29 -11.10
CA HIS A 208 24.31 -23.16 -9.84
C HIS A 208 23.71 -23.92 -8.66
N ILE A 209 22.41 -24.19 -8.68
CA ILE A 209 21.76 -24.95 -7.60
C ILE A 209 22.00 -26.43 -7.85
N TYR A 210 21.84 -26.85 -9.11
CA TYR A 210 22.08 -28.24 -9.52
C TYR A 210 23.49 -28.72 -9.17
N ASN A 211 24.48 -27.91 -9.55
CA ASN A 211 25.91 -28.19 -9.29
C ASN A 211 26.30 -28.28 -7.81
N LYS A 212 25.40 -27.90 -6.90
CA LYS A 212 25.54 -28.26 -5.48
C LYS A 212 24.95 -29.65 -5.17
N LEU A 213 24.70 -30.48 -6.18
CA LEU A 213 24.25 -31.86 -5.98
C LEU A 213 25.24 -32.89 -6.58
N ASP A 214 25.03 -34.19 -6.29
CA ASP A 214 25.74 -35.28 -7.00
C ASP A 214 24.88 -35.68 -8.19
N LYS A 215 25.09 -35.00 -9.32
CA LYS A 215 24.30 -35.23 -10.53
C LYS A 215 22.84 -35.48 -10.16
N GLY A 216 22.28 -34.50 -9.44
CA GLY A 216 20.88 -34.51 -9.04
C GLY A 216 20.49 -35.44 -7.89
N GLN A 217 21.25 -35.41 -6.80
CA GLN A 217 20.84 -36.10 -5.59
C GLN A 217 21.10 -35.26 -4.34
N ILE A 218 20.21 -35.40 -3.36
CA ILE A 218 20.29 -34.68 -2.09
C ILE A 218 20.21 -35.70 -0.96
N ILE A 219 21.01 -35.52 0.07
CA ILE A 219 20.81 -36.25 1.30
C ILE A 219 19.70 -35.52 2.06
N VAL A 220 18.72 -36.29 2.55
CA VAL A 220 17.53 -35.79 3.28
C VAL A 220 17.50 -36.47 4.64
N VAL A 221 16.61 -36.07 5.54
CA VAL A 221 16.42 -36.79 6.80
C VAL A 221 14.93 -36.88 7.10
N ILE A 222 14.40 -38.09 7.15
CA ILE A 222 12.99 -38.29 7.51
C ILE A 222 12.86 -38.70 8.96
N TRP A 223 12.21 -37.90 9.78
CA TRP A 223 12.06 -38.21 11.18
C TRP A 223 10.71 -38.85 11.45
N VAL A 224 10.62 -39.58 12.55
CA VAL A 224 9.44 -40.41 12.87
C VAL A 224 9.30 -40.51 14.39
N ILE A 225 8.08 -40.80 14.85
CA ILE A 225 7.78 -41.02 16.28
C ILE A 225 6.94 -42.32 16.42
N VAL A 226 7.24 -43.16 17.45
CA VAL A 226 6.48 -44.43 17.67
C VAL A 226 5.74 -44.58 19.03
N SER A 227 6.42 -44.41 20.18
CA SER A 227 5.77 -44.55 21.52
C SER A 227 6.60 -44.15 22.78
N PRO A 228 5.99 -43.49 23.77
CA PRO A 228 4.64 -42.88 23.70
C PRO A 228 4.68 -41.62 22.82
N ASN A 229 5.70 -40.82 23.06
CA ASN A 229 6.09 -39.69 22.22
C ASN A 229 7.60 -39.62 22.47
N ASN A 230 8.22 -38.44 22.45
CA ASN A 230 9.53 -38.22 23.09
C ASN A 230 10.74 -39.05 22.63
N ASP A 231 10.56 -40.00 21.70
CA ASP A 231 11.69 -40.59 20.99
C ASP A 231 11.38 -40.53 19.52
N LYS A 232 12.38 -40.07 18.77
CA LYS A 232 12.27 -39.84 17.35
C LYS A 232 13.37 -40.63 16.69
N GLN A 233 13.23 -40.89 15.40
CA GLN A 233 14.23 -41.67 14.68
C GLN A 233 14.56 -41.18 13.28
N LYS A 234 15.86 -40.93 13.05
CA LYS A 234 16.40 -40.48 11.75
C LYS A 234 16.30 -41.60 10.73
N TYR A 235 16.12 -41.24 9.47
CA TYR A 235 16.21 -42.19 8.37
C TYR A 235 16.74 -41.42 7.18
N THR A 236 18.06 -41.36 7.12
CA THR A 236 18.80 -40.41 6.32
C THR A 236 18.95 -40.85 4.86
N LEU A 237 17.98 -40.56 4.01
CA LEU A 237 17.99 -40.96 2.56
C LEU A 237 18.98 -40.20 1.65
N LYS A 238 19.07 -40.60 0.40
CA LYS A 238 19.83 -39.85 -0.58
C LYS A 238 19.11 -39.94 -1.90
N ILE A 239 17.90 -39.42 -1.90
CA ILE A 239 17.02 -39.53 -3.05
C ILE A 239 17.37 -38.56 -4.20
N ASN A 240 16.77 -38.77 -5.36
CA ASN A 240 16.89 -37.80 -6.47
C ASN A 240 16.21 -36.49 -6.14
N HIS A 241 16.81 -35.39 -6.60
CA HIS A 241 16.26 -34.06 -6.32
C HIS A 241 14.82 -33.99 -6.81
N ASP A 242 14.61 -34.44 -8.06
CA ASP A 242 13.31 -34.33 -8.73
C ASP A 242 12.30 -35.47 -8.45
N CYS A 243 12.54 -36.25 -7.39
CA CYS A 243 11.54 -37.22 -6.95
C CYS A 243 10.54 -36.51 -6.03
N VAL A 244 9.37 -37.11 -5.83
CA VAL A 244 8.22 -36.43 -5.25
C VAL A 244 7.92 -36.94 -3.83
N PRO A 245 7.10 -36.21 -3.04
CA PRO A 245 6.87 -36.56 -1.63
C PRO A 245 6.54 -38.02 -1.42
N GLU A 246 5.63 -38.54 -2.24
CA GLU A 246 5.20 -39.94 -2.16
C GLU A 246 6.39 -40.90 -2.26
N GLN A 247 7.22 -40.72 -3.28
CA GLN A 247 8.44 -41.55 -3.45
C GLN A 247 9.35 -41.49 -2.24
N VAL A 248 9.52 -40.29 -1.69
CA VAL A 248 10.35 -40.09 -0.51
C VAL A 248 9.73 -40.75 0.73
N ILE A 249 8.40 -40.70 0.83
CA ILE A 249 7.66 -41.36 1.94
C ILE A 249 7.85 -42.87 1.92
N ALA A 250 7.87 -43.45 0.72
CA ALA A 250 8.17 -44.88 0.54
C ALA A 250 9.56 -45.25 1.03
N GLU A 251 10.59 -44.60 0.45
CA GLU A 251 12.01 -44.86 0.80
C GLU A 251 12.29 -44.73 2.30
N ALA A 252 11.65 -43.77 2.93
CA ALA A 252 11.68 -43.64 4.37
C ALA A 252 11.09 -44.88 5.06
N ILE A 253 9.95 -45.34 4.59
CA ILE A 253 9.30 -46.51 5.18
C ILE A 253 10.06 -47.79 4.84
N ARG A 254 10.52 -47.92 3.59
CA ARG A 254 11.33 -49.07 3.17
C ARG A 254 12.43 -49.24 4.18
N LYS A 255 13.34 -48.27 4.24
CA LYS A 255 14.49 -48.38 5.11
C LYS A 255 14.07 -48.56 6.58
N LYS A 256 12.99 -47.92 7.00
CA LYS A 256 12.45 -48.11 8.36
C LYS A 256 12.14 -49.59 8.63
N THR A 257 11.42 -50.21 7.69
CA THR A 257 10.84 -51.55 7.86
C THR A 257 11.53 -52.64 7.01
N ARG A 258 12.84 -52.53 6.79
CA ARG A 258 13.65 -53.67 6.29
C ARG A 258 13.97 -54.46 7.51
N SER A 259 14.19 -55.75 7.35
CA SER A 259 14.52 -56.61 8.50
C SER A 259 15.09 -57.93 8.08
N MET A 260 15.68 -58.61 9.06
CA MET A 260 16.11 -60.00 8.90
C MET A 260 14.96 -60.98 9.05
N LEU A 261 13.82 -60.51 9.55
CA LEU A 261 12.64 -61.35 9.61
C LEU A 261 11.64 -61.12 8.47
N LEU A 262 12.00 -60.33 7.45
CA LEU A 262 11.06 -59.94 6.39
C LEU A 262 11.66 -60.23 5.03
N SER A 263 11.01 -61.06 4.21
CA SER A 263 11.50 -61.31 2.83
C SER A 263 11.46 -60.03 2.05
N SER A 264 12.03 -60.01 0.85
CA SER A 264 11.90 -58.79 0.04
C SER A 264 10.45 -58.61 -0.40
N GLU A 265 9.84 -59.67 -0.93
CA GLU A 265 8.41 -59.65 -1.27
C GLU A 265 7.58 -59.13 -0.10
N GLN A 266 7.78 -59.72 1.09
CA GLN A 266 7.08 -59.29 2.30
C GLN A 266 7.25 -57.82 2.67
N LEU A 267 8.37 -57.21 2.25
CA LEU A 267 8.65 -55.79 2.54
C LEU A 267 7.72 -54.91 1.73
N LYS A 268 7.76 -55.08 0.40
CA LYS A 268 6.88 -54.32 -0.53
C LYS A 268 5.40 -54.33 -0.09
N LEU A 269 4.92 -55.48 0.35
CA LEU A 269 3.54 -55.63 0.86
C LEU A 269 3.27 -54.92 2.21
N CYS A 270 4.32 -54.64 2.99
CA CYS A 270 4.18 -53.79 4.18
C CYS A 270 4.32 -52.33 3.82
N VAL A 271 5.11 -52.01 2.79
CA VAL A 271 5.26 -50.63 2.28
C VAL A 271 3.96 -50.10 1.69
N LEU A 272 3.27 -50.91 0.91
CA LEU A 272 2.04 -50.47 0.25
C LEU A 272 0.92 -50.14 1.25
N GLU A 273 0.69 -51.02 2.21
CA GLU A 273 -0.24 -50.71 3.31
C GLU A 273 0.14 -49.45 4.12
N TYR A 274 1.44 -49.27 4.36
CA TYR A 274 1.93 -48.12 5.14
C TYR A 274 2.00 -46.78 4.36
N GLN A 275 2.40 -46.82 3.09
CA GLN A 275 2.85 -45.63 2.34
C GLN A 275 1.87 -44.46 2.31
N GLY A 276 0.61 -44.74 1.96
CA GLY A 276 -0.44 -43.71 1.85
C GLY A 276 -1.11 -43.27 3.15
N LYS A 277 -0.65 -43.77 4.28
CA LYS A 277 -1.16 -43.34 5.58
C LYS A 277 -0.41 -42.14 6.08
N TYR A 278 0.66 -41.75 5.38
CA TYR A 278 1.54 -40.67 5.81
C TYR A 278 1.61 -39.53 4.83
N ILE A 279 1.93 -38.35 5.35
CA ILE A 279 2.36 -37.17 4.55
C ILE A 279 3.55 -36.45 5.19
N LEU A 280 4.30 -35.74 4.36
CA LEU A 280 5.55 -35.09 4.78
C LEU A 280 5.36 -33.70 5.36
N LYS A 281 5.66 -33.55 6.64
CA LYS A 281 5.77 -32.24 7.28
C LYS A 281 7.18 -31.68 7.03
N VAL A 282 7.40 -30.39 7.33
CA VAL A 282 8.75 -29.85 7.59
C VAL A 282 8.93 -29.79 9.11
N CYS A 283 10.05 -30.30 9.61
CA CYS A 283 10.35 -30.25 11.03
C CYS A 283 10.53 -28.75 11.43
N GLY A 284 9.79 -28.30 12.45
CA GLY A 284 9.97 -26.94 13.01
C GLY A 284 8.96 -25.85 12.66
N CYS A 285 8.09 -26.11 11.70
CA CYS A 285 7.07 -25.13 11.28
C CYS A 285 5.99 -25.81 10.47
N ASP A 286 4.82 -25.20 10.38
CA ASP A 286 3.69 -25.87 9.74
C ASP A 286 3.69 -25.67 8.24
N GLU A 287 4.67 -26.28 7.59
CA GLU A 287 4.71 -26.44 6.14
C GLU A 287 4.43 -27.93 5.96
N TYR A 288 3.89 -28.31 4.80
CA TYR A 288 3.71 -29.73 4.45
C TYR A 288 3.80 -29.94 2.93
N PHE A 289 4.21 -31.14 2.53
CA PHE A 289 4.44 -31.45 1.12
C PHE A 289 3.28 -32.27 0.60
N LEU A 290 2.25 -31.56 0.14
CA LEU A 290 0.96 -32.18 -0.08
C LEU A 290 0.64 -32.45 -1.54
N GLU A 291 1.51 -32.14 -2.50
CA GLU A 291 1.24 -32.62 -3.85
C GLU A 291 2.46 -32.94 -4.70
N LYS A 292 2.19 -33.72 -5.76
CA LYS A 292 3.17 -34.14 -6.77
C LYS A 292 3.93 -32.93 -7.29
N TYR A 293 5.11 -32.74 -6.72
CA TYR A 293 5.98 -31.68 -7.11
C TYR A 293 7.36 -32.22 -6.83
N PRO A 294 8.29 -32.06 -7.77
CA PRO A 294 9.71 -32.26 -7.46
C PRO A 294 10.09 -31.68 -6.09
N LEU A 295 10.70 -32.48 -5.20
CA LEU A 295 11.16 -31.97 -3.90
C LEU A 295 11.86 -30.64 -4.02
N SER A 296 12.71 -30.54 -5.05
CA SER A 296 13.46 -29.32 -5.38
C SER A 296 12.63 -28.07 -5.63
N GLN A 297 11.41 -28.26 -6.12
CA GLN A 297 10.46 -27.17 -6.27
C GLN A 297 9.97 -26.56 -4.95
N TYR A 298 9.74 -27.39 -3.93
CA TYR A 298 9.32 -26.85 -2.63
C TYR A 298 10.36 -25.90 -2.09
N LYS A 299 9.94 -24.72 -1.64
CA LYS A 299 10.89 -23.66 -1.30
C LYS A 299 11.86 -24.10 -0.22
N TYR A 300 11.37 -24.81 0.79
CA TYR A 300 12.24 -25.30 1.87
C TYR A 300 13.47 -26.05 1.37
N ILE A 301 13.27 -26.92 0.40
CA ILE A 301 14.33 -27.78 -0.10
C ILE A 301 15.38 -26.88 -0.75
N ARG A 302 14.95 -26.18 -1.81
CA ARG A 302 15.81 -25.27 -2.56
C ARG A 302 16.58 -24.27 -1.68
N SER A 303 16.09 -23.90 -0.50
CA SER A 303 16.90 -23.17 0.51
C SER A 303 17.98 -24.04 1.10
N CYS A 304 17.58 -25.25 1.51
CA CYS A 304 18.49 -26.19 2.14
C CYS A 304 19.67 -26.49 1.20
N ILE A 305 19.41 -26.52 -0.11
CA ILE A 305 20.47 -26.68 -1.10
C ILE A 305 21.42 -25.46 -1.13
N MET A 306 20.85 -24.25 -1.13
CA MET A 306 21.64 -23.01 -1.23
C MET A 306 22.43 -22.75 0.02
N LEU A 307 21.83 -23.03 1.17
CA LEU A 307 22.47 -22.82 2.46
C LEU A 307 23.40 -23.97 2.91
N GLY A 308 23.46 -25.03 2.11
CA GLY A 308 24.27 -26.20 2.45
C GLY A 308 23.73 -26.89 3.68
N ARG A 309 22.44 -27.21 3.62
CA ARG A 309 21.76 -27.90 4.71
C ARG A 309 21.03 -29.15 4.23
N MET A 310 20.75 -30.01 5.20
CA MET A 310 20.21 -31.30 4.93
C MET A 310 18.74 -31.19 5.36
N PRO A 311 17.80 -31.30 4.40
CA PRO A 311 16.40 -31.10 4.73
C PRO A 311 15.93 -31.99 5.85
N ASN A 312 15.14 -31.46 6.77
CA ASN A 312 14.57 -32.22 7.90
C ASN A 312 13.08 -32.17 7.86
N LEU A 313 12.53 -33.20 7.22
CA LEU A 313 11.11 -33.41 7.06
C LEU A 313 10.66 -34.39 8.12
N MET A 314 9.36 -34.49 8.34
CA MET A 314 8.80 -35.40 9.35
C MET A 314 7.72 -36.24 8.67
N LEU A 315 7.68 -37.54 9.00
CA LEU A 315 6.62 -38.39 8.49
C LEU A 315 5.52 -38.25 9.48
N MET A 316 4.39 -37.78 8.98
CA MET A 316 3.22 -37.51 9.79
C MET A 316 2.02 -38.29 9.24
N ALA A 317 1.30 -38.92 10.17
CA ALA A 317 0.05 -39.63 9.90
C ALA A 317 -1.00 -38.67 9.37
N LYS A 318 -1.55 -38.95 8.19
CA LYS A 318 -2.64 -38.14 7.66
C LYS A 318 -3.78 -37.93 8.62
N GLU A 319 -4.10 -38.94 9.43
CA GLU A 319 -5.19 -38.81 10.39
C GLU A 319 -4.86 -37.94 11.61
N SER A 320 -3.59 -37.85 12.01
CA SER A 320 -3.22 -36.85 13.03
C SER A 320 -3.22 -35.43 12.43
N LEU A 321 -3.01 -35.31 11.11
CA LEU A 321 -3.16 -34.02 10.43
C LEU A 321 -4.63 -33.64 10.29
N TYR A 322 -5.43 -34.55 9.74
CA TYR A 322 -6.89 -34.34 9.62
C TYR A 322 -7.62 -34.27 11.00
N SER A 323 -6.95 -34.68 12.08
CA SER A 323 -7.41 -34.34 13.44
C SER A 323 -7.47 -32.85 13.65
N GLN A 324 -6.44 -32.17 13.14
CA GLN A 324 -6.08 -30.79 13.48
C GLN A 324 -6.85 -29.71 12.69
N LEU A 325 -7.54 -30.08 11.61
CA LEU A 325 -8.38 -29.16 10.85
C LEU A 325 -9.84 -29.41 11.18
N PRO A 326 -10.58 -28.37 11.60
CA PRO A 326 -12.02 -28.58 11.73
C PRO A 326 -12.75 -27.93 10.57
N MET A 327 -14.04 -28.20 10.44
CA MET A 327 -14.80 -27.71 9.30
C MET A 327 -14.99 -26.21 9.39
N ASP A 328 -15.02 -25.62 8.19
CA ASP A 328 -15.19 -24.18 7.99
C ASP A 328 -16.66 -23.77 8.08
N CYS A 329 -17.55 -24.66 7.63
CA CYS A 329 -19.00 -24.54 7.85
C CYS A 329 -19.56 -23.14 7.53
N PHE A 330 -19.63 -22.83 6.24
CA PHE A 330 -20.04 -21.49 5.79
C PHE A 330 -21.53 -21.18 5.90
N THR A 331 -21.84 -20.01 6.44
CA THR A 331 -23.21 -19.56 6.68
C THR A 331 -23.50 -18.31 5.87
N MET A 332 -24.57 -18.36 5.08
CA MET A 332 -25.11 -17.17 4.46
C MET A 332 -25.64 -16.25 5.56
N PRO A 333 -25.28 -14.97 5.53
CA PRO A 333 -25.70 -14.06 6.60
C PRO A 333 -27.17 -13.68 6.58
N SER A 334 -27.58 -12.95 7.62
CA SER A 334 -28.96 -12.45 7.76
C SER A 334 -29.41 -11.62 6.56
N TYR A 335 -28.48 -10.86 5.98
CA TYR A 335 -28.74 -10.07 4.76
C TYR A 335 -28.83 -10.98 3.49
N SER A 336 -29.76 -11.95 3.52
CA SER A 336 -29.89 -13.04 2.53
C SER A 336 -28.55 -13.56 1.96
N ASN A 347 -32.35 -0.47 -11.99
CA ASN A 347 -32.71 -1.33 -13.12
C ASN A 347 -34.22 -1.68 -13.20
N GLY A 348 -35.02 -1.15 -12.28
CA GLY A 348 -36.47 -1.42 -12.24
C GLY A 348 -37.38 -0.42 -12.92
N GLU A 349 -36.83 0.64 -13.55
CA GLU A 349 -37.64 1.73 -14.15
C GLU A 349 -38.55 1.20 -15.27
N THR A 350 -37.91 0.71 -16.34
CA THR A 350 -38.55 0.27 -17.62
C THR A 350 -37.42 0.21 -18.64
N SER A 351 -37.75 0.12 -19.93
CA SER A 351 -36.78 0.44 -20.99
C SER A 351 -36.36 1.94 -20.92
N THR A 352 -35.32 2.21 -20.13
CA THR A 352 -34.81 3.57 -19.87
C THR A 352 -34.07 4.10 -21.10
N LYS A 353 -33.75 5.39 -21.11
CA LYS A 353 -33.13 6.02 -22.30
C LYS A 353 -31.62 5.71 -22.51
N SER A 354 -31.25 5.14 -23.66
CA SER A 354 -29.82 4.97 -24.06
C SER A 354 -29.04 6.30 -24.07
N LEU A 355 -27.75 6.22 -23.78
CA LEU A 355 -26.91 7.41 -23.69
C LEU A 355 -26.80 8.05 -25.05
N TRP A 356 -26.73 7.22 -26.08
CA TRP A 356 -26.44 7.71 -27.44
C TRP A 356 -27.65 8.41 -28.13
N VAL A 357 -28.81 8.40 -27.48
CA VAL A 357 -29.97 9.18 -27.89
C VAL A 357 -29.90 10.66 -27.43
N ILE A 358 -29.14 10.95 -26.37
CA ILE A 358 -29.10 12.31 -25.81
C ILE A 358 -28.35 13.24 -26.78
N ASN A 359 -29.00 14.32 -27.17
CA ASN A 359 -28.47 15.19 -28.22
C ASN A 359 -28.10 16.54 -27.63
N SER A 360 -27.06 16.54 -26.79
CA SER A 360 -26.54 17.79 -26.19
C SER A 360 -25.14 17.63 -25.65
N ALA A 361 -24.42 18.74 -25.55
CA ALA A 361 -23.13 18.77 -24.87
C ALA A 361 -23.34 18.66 -23.36
N LEU A 362 -22.30 18.26 -22.65
CA LEU A 362 -22.35 18.19 -21.20
C LEU A 362 -22.23 19.57 -20.63
N ARG A 363 -23.12 19.84 -19.68
CA ARG A 363 -22.98 20.98 -18.80
C ARG A 363 -23.27 20.60 -17.37
N ILE A 364 -22.53 21.25 -16.48
CA ILE A 364 -22.50 20.92 -15.07
C ILE A 364 -22.67 22.23 -14.28
N LYS A 365 -23.75 22.26 -13.48
CA LYS A 365 -24.06 23.40 -12.65
C LYS A 365 -23.22 23.33 -11.37
N ILE A 366 -22.32 24.28 -11.20
CA ILE A 366 -21.68 24.51 -9.90
C ILE A 366 -22.69 25.33 -9.08
N LEU A 367 -22.71 25.23 -7.75
CA LEU A 367 -23.63 26.02 -6.90
C LEU A 367 -22.93 26.82 -5.79
N CYS A 368 -22.42 26.14 -4.77
CA CYS A 368 -21.81 26.85 -3.65
C CYS A 368 -20.93 25.93 -2.82
N ALA A 369 -19.71 26.40 -2.53
CA ALA A 369 -18.89 25.81 -1.48
C ALA A 369 -19.36 26.47 -0.20
N THR A 370 -19.21 25.77 0.92
CA THR A 370 -19.65 26.28 2.20
C THR A 370 -18.49 26.66 3.12
N TYR A 371 -17.50 25.76 3.23
CA TYR A 371 -16.64 25.72 4.41
C TYR A 371 -15.19 26.12 4.10
N VAL A 372 -15.00 27.09 3.21
CA VAL A 372 -13.67 27.36 2.65
C VAL A 372 -12.77 28.21 3.57
N ASN A 373 -11.70 27.61 4.12
CA ASN A 373 -10.86 28.24 5.17
C ASN A 373 -9.64 28.97 4.59
N VAL A 374 -9.78 30.28 4.35
CA VAL A 374 -8.78 31.09 3.64
C VAL A 374 -8.52 32.41 4.38
N ASN A 375 -7.25 32.83 4.40
CA ASN A 375 -6.90 34.18 4.86
C ASN A 375 -7.21 35.20 3.77
N ILE A 376 -8.22 36.04 4.01
CA ILE A 376 -8.74 36.98 2.99
C ILE A 376 -7.73 38.12 2.73
N ARG A 377 -6.93 38.43 3.75
CA ARG A 377 -5.79 39.36 3.60
C ARG A 377 -4.80 38.82 2.57
N ASP A 378 -4.48 37.54 2.72
CA ASP A 378 -3.51 36.86 1.88
C ASP A 378 -4.06 36.65 0.46
N ILE A 379 -5.24 36.05 0.37
CA ILE A 379 -5.80 35.57 -0.90
C ILE A 379 -6.79 36.56 -1.51
N ASP A 380 -6.59 36.86 -2.79
CA ASP A 380 -7.49 37.75 -3.56
C ASP A 380 -8.86 37.11 -3.72
N LYS A 381 -8.90 36.08 -4.56
CA LYS A 381 -10.12 35.60 -5.21
C LYS A 381 -10.04 34.10 -5.43
N ILE A 382 -11.18 33.42 -5.27
CA ILE A 382 -11.23 31.96 -5.35
C ILE A 382 -12.33 31.47 -6.29
N TYR A 383 -12.07 30.34 -6.94
CA TYR A 383 -12.92 29.78 -8.01
C TYR A 383 -12.88 28.27 -8.07
N VAL A 384 -13.87 27.67 -8.72
CA VAL A 384 -13.88 26.22 -8.95
C VAL A 384 -13.30 25.90 -10.32
N ARG A 385 -12.27 25.06 -10.33
CA ARG A 385 -11.75 24.49 -11.54
C ARG A 385 -12.52 23.20 -11.78
N THR A 386 -12.68 22.81 -13.05
CA THR A 386 -13.26 21.51 -13.43
C THR A 386 -12.60 20.91 -14.68
N GLY A 387 -12.92 19.64 -14.93
CA GLY A 387 -12.45 18.91 -16.11
C GLY A 387 -13.07 17.54 -16.19
N ILE A 388 -13.31 17.03 -17.39
CA ILE A 388 -13.68 15.64 -17.53
C ILE A 388 -12.37 14.88 -17.74
N TYR A 389 -12.32 13.64 -17.25
CA TYR A 389 -11.11 12.81 -17.33
C TYR A 389 -11.42 11.33 -17.59
N HIS A 390 -10.38 10.61 -18.04
CA HIS A 390 -10.34 9.14 -18.20
C HIS A 390 -8.96 8.58 -17.72
N GLY A 391 -8.40 9.08 -16.61
CA GLY A 391 -6.94 9.03 -16.37
C GLY A 391 -6.30 10.33 -16.89
N GLY A 392 -6.18 10.52 -18.23
CA GLY A 392 -5.99 11.86 -18.90
C GLY A 392 -7.30 12.35 -19.57
N GLU A 393 -7.39 13.62 -20.01
CA GLU A 393 -8.72 14.33 -20.19
C GLU A 393 -9.45 14.33 -21.58
N PRO A 394 -10.78 13.98 -21.65
CA PRO A 394 -11.53 14.06 -22.94
C PRO A 394 -11.89 15.43 -23.55
N LEU A 395 -11.47 16.55 -22.95
CA LEU A 395 -11.69 17.91 -23.53
C LEU A 395 -10.89 19.01 -22.84
N CYS A 396 -10.99 20.22 -23.38
CA CYS A 396 -10.44 21.40 -22.73
C CYS A 396 -10.94 21.47 -21.30
N ASP A 397 -10.02 21.72 -20.41
CA ASP A 397 -10.33 21.94 -19.01
C ASP A 397 -10.95 23.32 -18.92
N ASN A 398 -11.94 23.48 -18.07
CA ASN A 398 -12.48 24.81 -17.80
C ASN A 398 -12.76 25.10 -16.32
N VAL A 399 -12.73 26.38 -16.00
CA VAL A 399 -12.92 26.84 -14.64
C VAL A 399 -14.26 27.54 -14.64
N ASN A 400 -14.54 28.35 -13.64
CA ASN A 400 -15.64 29.29 -13.71
C ASN A 400 -15.10 30.67 -13.39
N THR A 401 -15.94 31.71 -13.40
CA THR A 401 -15.46 33.09 -13.09
C THR A 401 -15.08 33.21 -11.59
N GLN A 402 -14.25 34.21 -11.27
CA GLN A 402 -13.64 34.41 -9.94
C GLN A 402 -14.60 35.07 -8.92
N ARG A 403 -15.86 34.65 -8.94
CA ARG A 403 -16.94 35.31 -8.21
C ARG A 403 -16.82 35.06 -6.70
N VAL A 404 -17.48 35.94 -5.94
CA VAL A 404 -17.48 35.96 -4.47
C VAL A 404 -16.08 35.63 -3.94
N PRO A 405 -15.14 36.55 -4.14
CA PRO A 405 -13.70 36.32 -4.08
C PRO A 405 -13.22 35.42 -2.92
N CYS A 406 -13.78 35.61 -1.72
CA CYS A 406 -13.63 34.66 -0.59
C CYS A 406 -14.97 34.68 0.17
N SER A 407 -14.98 35.04 1.46
CA SER A 407 -16.23 35.27 2.23
C SER A 407 -17.20 34.08 2.24
N ASN A 408 -18.39 34.20 1.61
CA ASN A 408 -19.33 33.07 1.41
C ASN A 408 -19.37 32.68 -0.09
N PRO A 409 -18.37 31.89 -0.58
CA PRO A 409 -18.18 31.65 -2.03
C PRO A 409 -19.33 30.90 -2.72
N ARG A 410 -19.89 31.53 -3.75
CA ARG A 410 -21.14 31.14 -4.36
C ARG A 410 -21.05 31.55 -5.83
N TRP A 411 -21.13 30.57 -6.72
CA TRP A 411 -21.24 30.78 -8.17
C TRP A 411 -22.43 29.94 -8.54
N ASN A 412 -23.44 30.52 -9.17
CA ASN A 412 -24.52 29.68 -9.72
C ASN A 412 -24.40 29.70 -11.21
N GLU A 413 -23.29 29.12 -11.67
CA GLU A 413 -22.97 28.94 -13.08
C GLU A 413 -23.34 27.55 -13.60
N TRP A 414 -23.44 27.46 -14.92
CA TRP A 414 -23.40 26.21 -15.65
C TRP A 414 -22.09 26.24 -16.39
N LEU A 415 -21.27 25.20 -16.23
CA LEU A 415 -20.06 25.06 -17.04
C LEU A 415 -20.42 24.18 -18.22
N ASN A 416 -19.87 24.51 -19.39
CA ASN A 416 -20.23 23.87 -20.69
C ASN A 416 -19.02 23.18 -21.34
N TYR A 417 -19.09 21.85 -21.47
CA TYR A 417 -17.93 21.03 -21.87
C TYR A 417 -18.12 20.55 -23.28
N ASP A 418 -17.20 20.95 -24.17
CA ASP A 418 -17.25 20.51 -25.58
C ASP A 418 -16.93 19.01 -25.77
N ILE A 419 -17.94 18.19 -25.43
CA ILE A 419 -18.00 16.77 -25.72
C ILE A 419 -19.47 16.43 -25.78
N TYR A 420 -19.94 15.73 -26.81
CA TYR A 420 -21.36 15.40 -26.86
C TYR A 420 -21.61 14.29 -25.84
N ILE A 421 -22.77 14.32 -25.21
CA ILE A 421 -23.09 13.37 -24.15
C ILE A 421 -22.91 11.89 -24.57
N PRO A 422 -23.14 11.55 -25.84
CA PRO A 422 -22.85 10.14 -26.27
C PRO A 422 -21.34 9.73 -26.28
N ASP A 423 -20.48 10.72 -26.48
CA ASP A 423 -19.06 10.50 -26.51
C ASP A 423 -18.39 10.25 -25.13
N LEU A 424 -19.11 10.54 -24.04
CA LEU A 424 -18.64 10.18 -22.71
C LEU A 424 -18.39 8.67 -22.61
N PRO A 425 -17.14 8.27 -22.35
CA PRO A 425 -16.83 6.84 -22.18
C PRO A 425 -17.26 6.30 -20.81
N ARG A 426 -17.69 5.03 -20.76
CA ARG A 426 -18.19 4.40 -19.52
C ARG A 426 -17.47 4.76 -18.24
N ALA A 427 -16.15 4.87 -18.33
CA ALA A 427 -15.30 5.16 -17.18
C ALA A 427 -15.04 6.65 -16.92
N ALA A 428 -15.94 7.51 -17.39
CA ALA A 428 -15.69 8.94 -17.34
C ALA A 428 -15.98 9.50 -15.97
N ARG A 429 -15.19 10.52 -15.62
CA ARG A 429 -15.14 11.07 -14.27
C ARG A 429 -14.86 12.58 -14.32
N LEU A 430 -15.63 13.34 -13.53
CA LEU A 430 -15.47 14.78 -13.33
C LEU A 430 -14.50 15.05 -12.17
N CYS A 431 -13.45 15.82 -12.43
CA CYS A 431 -12.45 16.16 -11.41
C CYS A 431 -12.49 17.66 -11.20
N LEU A 432 -12.75 18.07 -9.97
CA LEU A 432 -12.90 19.49 -9.64
C LEU A 432 -12.04 19.86 -8.45
N SER A 433 -11.90 21.17 -8.24
CA SER A 433 -11.00 21.73 -7.22
C SER A 433 -11.24 23.21 -7.05
N ILE A 434 -11.50 23.63 -5.83
CA ILE A 434 -11.57 25.05 -5.51
C ILE A 434 -10.12 25.58 -5.45
N CYS A 435 -9.88 26.78 -5.97
CA CYS A 435 -8.52 27.33 -6.08
C CYS A 435 -8.42 28.81 -5.61
N SER A 436 -7.21 29.34 -5.53
CA SER A 436 -6.95 30.73 -5.11
C SER A 436 -6.15 31.45 -6.18
N VAL A 437 -6.48 32.74 -6.38
CA VAL A 437 -5.62 33.68 -7.14
C VAL A 437 -5.48 34.96 -6.34
N GLU A 445 -0.40 35.38 -11.84
CA GLU A 445 -0.30 33.92 -11.77
C GLU A 445 -0.06 33.48 -10.33
N GLU A 446 -1.12 33.61 -9.54
CA GLU A 446 -1.15 33.25 -8.12
C GLU A 446 -1.93 31.94 -7.90
N HIS A 447 -1.89 31.02 -8.87
CA HIS A 447 -2.82 29.89 -8.94
C HIS A 447 -2.49 28.83 -7.89
N CYS A 448 -3.51 28.33 -7.18
CA CYS A 448 -3.28 27.54 -5.97
C CYS A 448 -4.50 26.73 -5.47
N PRO A 449 -4.38 25.39 -5.42
CA PRO A 449 -5.57 24.60 -5.06
C PRO A 449 -5.86 24.60 -3.56
N LEU A 450 -7.11 24.85 -3.18
CA LEU A 450 -7.53 24.71 -1.78
C LEU A 450 -7.91 23.27 -1.42
N ALA A 451 -8.91 22.76 -2.13
CA ALA A 451 -9.46 21.42 -1.92
C ALA A 451 -9.63 20.72 -3.27
N TRP A 452 -10.17 19.50 -3.25
CA TRP A 452 -10.46 18.75 -4.49
C TRP A 452 -11.51 17.65 -4.23
N GLY A 453 -12.01 17.07 -5.31
CA GLY A 453 -12.89 15.90 -5.21
C GLY A 453 -13.29 15.49 -6.60
N ASN A 454 -13.42 14.19 -6.83
CA ASN A 454 -13.85 13.75 -8.16
C ASN A 454 -15.16 12.95 -8.08
N ILE A 455 -15.90 12.86 -9.19
CA ILE A 455 -17.13 12.06 -9.23
C ILE A 455 -17.24 11.23 -10.50
N ASN A 456 -17.61 9.97 -10.34
CA ASN A 456 -17.91 9.12 -11.48
C ASN A 456 -19.15 9.67 -12.15
N LEU A 457 -19.06 9.89 -13.46
CA LEU A 457 -20.18 10.45 -14.22
C LEU A 457 -21.28 9.45 -14.38
N PHE A 458 -20.94 8.17 -14.31
CA PHE A 458 -21.93 7.10 -14.26
C PHE A 458 -21.91 6.46 -12.90
N ASP A 459 -23.05 5.96 -12.43
CA ASP A 459 -23.08 5.19 -11.17
C ASP A 459 -22.77 3.71 -11.45
N TYR A 460 -22.76 2.92 -10.38
CA TYR A 460 -22.43 1.50 -10.48
C TYR A 460 -23.41 0.68 -11.32
N THR A 461 -24.67 1.12 -11.42
CA THR A 461 -25.68 0.48 -12.29
C THR A 461 -25.62 0.89 -13.80
N ASP A 462 -24.57 1.62 -14.20
CA ASP A 462 -24.37 2.17 -15.58
C ASP A 462 -25.13 3.47 -15.88
N THR A 463 -25.67 4.13 -14.85
CA THR A 463 -26.64 5.22 -15.02
C THR A 463 -26.02 6.63 -15.01
N LEU A 464 -26.07 7.32 -16.14
CA LEU A 464 -25.53 8.69 -16.25
C LEU A 464 -26.09 9.55 -15.11
N VAL A 465 -25.20 10.22 -14.40
CA VAL A 465 -25.56 10.91 -13.16
C VAL A 465 -26.22 12.25 -13.52
N SER A 466 -27.36 12.50 -12.87
CA SER A 466 -28.26 13.62 -13.21
C SER A 466 -29.04 14.07 -11.99
N GLY A 467 -29.02 15.36 -11.71
CA GLY A 467 -29.69 15.91 -10.51
C GLY A 467 -28.71 16.66 -9.63
N LYS A 468 -28.98 16.70 -8.33
CA LYS A 468 -28.13 17.43 -7.39
C LYS A 468 -27.18 16.51 -6.60
N MET A 469 -25.95 16.97 -6.40
CA MET A 469 -24.89 16.21 -5.71
C MET A 469 -24.26 17.09 -4.64
N ALA A 470 -23.98 16.48 -3.49
CA ALA A 470 -23.22 17.09 -2.41
C ALA A 470 -21.88 16.40 -2.31
N LEU A 471 -20.80 17.08 -2.68
CA LEU A 471 -19.47 16.48 -2.65
C LEU A 471 -18.56 17.19 -1.64
N ASN A 472 -18.23 16.48 -0.56
CA ASN A 472 -17.32 16.99 0.47
C ASN A 472 -15.90 16.80 -0.02
N LEU A 473 -15.08 17.83 0.06
CA LEU A 473 -13.75 17.75 -0.57
C LEU A 473 -12.62 17.20 0.33
N TRP A 474 -11.53 16.80 -0.31
CA TRP A 474 -10.30 16.31 0.34
C TRP A 474 -9.26 17.42 0.32
N PRO A 475 -8.28 17.42 1.23
CA PRO A 475 -7.25 18.47 1.18
C PRO A 475 -6.14 18.07 0.25
N VAL A 476 -5.48 19.04 -0.37
CA VAL A 476 -4.39 18.74 -1.31
C VAL A 476 -3.22 18.08 -0.57
N PRO A 477 -2.74 16.92 -1.07
CA PRO A 477 -1.60 16.30 -0.40
C PRO A 477 -0.25 16.99 -0.61
N HIS A 478 0.75 16.47 0.10
CA HIS A 478 2.12 17.03 0.17
C HIS A 478 2.64 17.50 -1.17
N GLY A 479 2.91 16.55 -2.06
CA GLY A 479 3.61 16.80 -3.31
C GLY A 479 2.81 17.52 -4.36
N LEU A 480 1.48 17.37 -4.32
CA LEU A 480 0.62 17.81 -5.41
C LEU A 480 0.49 19.34 -5.46
N GLU A 481 1.31 19.93 -6.34
CA GLU A 481 1.18 21.31 -6.77
C GLU A 481 0.14 21.46 -7.88
N ASP A 482 -0.14 20.38 -8.62
CA ASP A 482 -1.12 20.41 -9.72
C ASP A 482 -2.49 20.89 -9.25
N LEU A 483 -3.21 21.57 -10.14
CA LEU A 483 -4.45 22.24 -9.77
C LEU A 483 -5.59 21.31 -9.39
N LEU A 484 -5.62 20.12 -9.98
CA LEU A 484 -6.87 19.38 -10.10
C LEU A 484 -6.95 17.94 -9.55
N ASN A 485 -5.85 17.19 -9.66
CA ASN A 485 -5.75 15.82 -9.05
C ASN A 485 -6.83 14.77 -9.50
N PRO A 486 -6.65 14.20 -10.71
CA PRO A 486 -7.54 13.16 -11.20
C PRO A 486 -7.19 11.74 -10.77
N ILE A 487 -5.91 11.45 -10.53
CA ILE A 487 -5.49 10.12 -10.05
C ILE A 487 -6.06 9.79 -8.65
N GLY A 488 -6.29 10.82 -7.82
CA GLY A 488 -6.92 10.66 -6.49
C GLY A 488 -8.30 10.02 -6.51
N VAL A 489 -8.74 9.50 -5.37
CA VAL A 489 -9.90 8.61 -5.33
C VAL A 489 -11.25 9.26 -5.66
N THR A 490 -12.04 8.49 -6.40
CA THR A 490 -13.39 8.85 -6.77
C THR A 490 -14.32 8.74 -5.57
N GLY A 491 -15.13 9.76 -5.37
CA GLY A 491 -16.07 9.81 -4.27
C GLY A 491 -15.83 11.04 -3.41
N SER A 492 -16.80 11.27 -2.52
CA SER A 492 -16.72 12.35 -1.53
C SER A 492 -15.75 11.98 -0.42
N ASN A 493 -15.29 12.98 0.30
CA ASN A 493 -14.67 12.79 1.61
C ASN A 493 -15.76 12.39 2.63
N PRO A 494 -15.44 11.45 3.55
CA PRO A 494 -16.41 11.21 4.62
C PRO A 494 -16.32 12.22 5.77
N ASN A 495 -15.16 12.84 6.00
CA ASN A 495 -15.05 13.89 7.02
C ASN A 495 -16.03 15.02 6.69
N LYS A 496 -17.09 15.14 7.49
CA LYS A 496 -18.15 16.12 7.26
C LYS A 496 -17.58 17.54 7.22
N GLU A 497 -16.92 17.94 8.31
CA GLU A 497 -16.41 19.31 8.45
C GLU A 497 -15.18 19.55 7.56
N THR A 498 -15.44 19.63 6.25
CA THR A 498 -14.47 20.00 5.20
C THR A 498 -15.26 20.56 4.03
N PRO A 499 -14.63 21.45 3.23
CA PRO A 499 -15.29 22.11 2.09
C PRO A 499 -16.26 21.23 1.32
N CYS A 500 -17.55 21.45 1.55
CA CYS A 500 -18.61 20.79 0.77
C CYS A 500 -19.01 21.73 -0.36
N LEU A 501 -18.60 21.38 -1.58
CA LEU A 501 -18.99 22.10 -2.78
C LEU A 501 -20.07 21.29 -3.46
N GLU A 502 -21.32 21.71 -3.33
CA GLU A 502 -22.46 21.04 -3.96
C GLU A 502 -22.68 21.56 -5.39
N LEU A 503 -23.46 20.82 -6.18
CA LEU A 503 -23.54 21.04 -7.62
C LEU A 503 -24.71 20.27 -8.22
N GLU A 504 -24.97 20.48 -9.53
CA GLU A 504 -26.11 19.86 -10.22
C GLU A 504 -25.83 19.50 -11.69
N PHE A 505 -26.28 18.30 -12.07
CA PHE A 505 -26.10 17.73 -13.41
C PHE A 505 -27.39 17.73 -14.20
N ASP A 506 -27.24 17.91 -15.51
CA ASP A 506 -28.35 18.07 -16.43
C ASP A 506 -29.28 16.83 -16.41
N TRP A 507 -30.58 17.11 -16.46
CA TRP A 507 -31.63 16.09 -16.30
C TRP A 507 -32.39 15.95 -17.61
N PHE A 508 -32.38 14.76 -18.19
CA PHE A 508 -32.96 14.53 -19.50
C PHE A 508 -34.27 13.74 -19.40
N SER A 509 -35.16 14.22 -18.53
CA SER A 509 -36.54 13.72 -18.39
C SER A 509 -36.72 12.18 -18.23
N SER A 510 -35.60 11.48 -18.06
CA SER A 510 -35.52 10.01 -18.11
C SER A 510 -34.16 9.62 -17.52
N VAL A 511 -34.07 8.46 -16.86
CA VAL A 511 -32.75 7.99 -16.38
C VAL A 511 -31.96 7.49 -17.60
N VAL A 512 -30.81 8.09 -17.84
CA VAL A 512 -29.97 7.75 -18.99
C VAL A 512 -29.03 6.62 -18.61
N LYS A 513 -28.92 5.61 -19.45
CA LYS A 513 -27.99 4.51 -19.20
C LYS A 513 -26.93 4.33 -20.31
N PHE A 514 -25.88 3.59 -19.98
CA PHE A 514 -24.80 3.31 -20.91
C PHE A 514 -25.20 2.15 -21.82
N PRO A 515 -24.98 2.28 -23.15
CA PRO A 515 -25.50 1.26 -24.06
C PRO A 515 -24.94 -0.14 -23.82
N ASP A 516 -25.75 -1.16 -24.12
CA ASP A 516 -25.33 -2.58 -23.97
C ASP A 516 -24.11 -2.88 -24.84
N MET A 517 -23.50 -4.04 -24.65
CA MET A 517 -22.41 -4.46 -25.52
C MET A 517 -22.99 -4.82 -26.87
N SER A 518 -24.06 -5.62 -26.84
CA SER A 518 -24.92 -5.87 -28.01
C SER A 518 -25.05 -4.64 -28.93
N VAL A 519 -25.40 -3.51 -28.36
CA VAL A 519 -25.51 -2.26 -29.11
C VAL A 519 -24.16 -1.75 -29.63
N ILE A 520 -23.16 -1.80 -28.77
CA ILE A 520 -21.82 -1.28 -29.10
C ILE A 520 -21.16 -2.08 -30.24
N GLU A 521 -21.30 -3.40 -30.20
CA GLU A 521 -20.79 -4.30 -31.26
C GLU A 521 -21.33 -3.94 -32.64
N GLU A 522 -22.62 -3.64 -32.73
CA GLU A 522 -23.22 -3.19 -33.99
C GLU A 522 -22.61 -1.87 -34.45
N HIS A 523 -22.58 -0.86 -33.58
CA HIS A 523 -22.01 0.44 -33.95
C HIS A 523 -20.54 0.36 -34.36
N ALA A 524 -19.80 -0.61 -33.81
CA ALA A 524 -18.42 -0.85 -34.25
C ALA A 524 -18.41 -1.46 -35.63
N ASN A 525 -19.13 -2.57 -35.81
CA ASN A 525 -19.28 -3.22 -37.11
C ASN A 525 -19.69 -2.25 -38.20
N TRP A 526 -20.57 -1.32 -37.85
CA TRP A 526 -20.92 -0.23 -38.73
C TRP A 526 -19.70 0.67 -39.02
N SER A 527 -19.08 1.24 -37.99
CA SER A 527 -17.91 2.14 -38.19
C SER A 527 -16.79 1.48 -39.01
N VAL A 528 -16.70 0.15 -38.94
CA VAL A 528 -15.76 -0.65 -39.73
C VAL A 528 -16.15 -0.66 -41.22
N SER A 529 -17.38 -1.11 -41.49
CA SER A 529 -17.93 -1.11 -42.87
C SER A 529 -17.86 0.29 -43.46
N ARG A 530 -18.38 1.26 -42.71
CA ARG A 530 -18.24 2.69 -43.03
C ARG A 530 -16.80 3.00 -43.50
N GLU A 531 -15.80 2.65 -42.68
CA GLU A 531 -14.37 2.93 -42.97
C GLU A 531 -13.85 2.40 -44.31
N ALA A 532 -14.40 1.27 -44.77
CA ALA A 532 -13.94 0.63 -46.02
C ALA A 532 -14.19 1.43 -47.31
N GLY A 533 -15.32 2.15 -47.39
CA GLY A 533 -15.74 2.84 -48.62
C GLY A 533 -15.41 4.32 -48.75
N PHE A 534 -14.55 4.83 -47.86
CA PHE A 534 -14.08 6.22 -47.96
C PHE A 534 -13.21 6.36 -49.21
N SER A 535 -12.97 7.58 -49.67
CA SER A 535 -12.02 7.80 -50.78
C SER A 535 -10.59 7.62 -50.28
N TYR A 536 -9.67 7.23 -51.16
CA TYR A 536 -8.25 7.31 -50.80
C TYR A 536 -7.85 8.77 -50.60
N SER A 537 -8.43 9.67 -51.40
CA SER A 537 -8.25 11.12 -51.22
C SER A 537 -8.35 11.52 -49.75
N HIS A 538 -9.35 10.97 -49.06
CA HIS A 538 -9.56 11.20 -47.64
C HIS A 538 -8.55 10.47 -46.74
N ALA A 539 -8.34 9.18 -47.02
CA ALA A 539 -7.36 8.34 -46.30
C ALA A 539 -5.91 8.89 -46.24
N GLY A 540 -5.67 10.02 -46.90
CA GLY A 540 -4.57 10.91 -46.56
C GLY A 540 -4.99 12.02 -45.60
N LEU A 541 -5.56 11.65 -44.45
CA LEU A 541 -5.52 12.51 -43.26
C LEU A 541 -5.61 11.72 -41.94
N SER A 542 -4.42 11.29 -41.50
CA SER A 542 -4.13 10.75 -40.16
C SER A 542 -4.64 9.34 -39.85
N ASN A 543 -5.09 8.60 -40.88
CA ASN A 543 -5.53 7.20 -40.71
C ASN A 543 -5.53 6.31 -41.97
N ARG A 544 -5.71 5.00 -41.70
CA ARG A 544 -5.96 3.94 -42.69
C ARG A 544 -4.87 3.74 -43.78
N LEU A 545 -5.04 4.35 -44.97
CA LEU A 545 -4.02 4.45 -46.06
C LEU A 545 -4.08 3.27 -47.08
N ALA A 546 -3.20 3.34 -48.09
CA ALA A 546 -2.99 2.36 -49.19
C ALA A 546 -2.76 0.91 -48.78
N ARG A 547 -1.84 0.72 -47.84
CA ARG A 547 -1.52 -0.56 -47.22
C ARG A 547 -2.64 -1.62 -47.30
N ASP A 548 -3.83 -1.26 -46.82
CA ASP A 548 -5.01 -2.13 -46.81
C ASP A 548 -4.73 -3.44 -46.01
N ASN A 549 -4.89 -4.62 -46.61
CA ASN A 549 -4.56 -5.90 -45.95
C ASN A 549 -3.07 -6.29 -46.07
N GLU A 550 -2.32 -5.63 -46.96
CA GLU A 550 -0.89 -5.94 -47.16
C GLU A 550 0.03 -5.30 -46.09
N LEU A 551 -0.23 -4.04 -45.75
CA LEU A 551 0.64 -3.23 -44.85
C LEU A 551 1.99 -2.91 -45.50
N ARG A 552 2.91 -2.33 -44.73
CA ARG A 552 4.32 -2.25 -45.16
C ARG A 552 5.21 -2.93 -44.12
N GLU A 553 6.36 -3.42 -44.59
CA GLU A 553 7.35 -4.08 -43.73
C GLU A 553 8.04 -3.08 -42.80
N ASN A 554 8.39 -1.91 -43.31
CA ASN A 554 8.93 -0.81 -42.47
C ASN A 554 7.97 -0.37 -41.35
N ASP A 555 6.67 -0.39 -41.67
CA ASP A 555 5.61 -0.12 -40.70
C ASP A 555 5.65 -1.21 -39.62
N LYS A 556 5.52 -2.48 -40.04
CA LYS A 556 5.60 -3.63 -39.12
C LYS A 556 6.88 -3.66 -38.26
N GLU A 557 7.98 -3.11 -38.79
CA GLU A 557 9.23 -2.94 -38.04
C GLU A 557 9.08 -1.90 -36.92
N GLN A 558 8.47 -0.76 -37.23
CA GLN A 558 8.26 0.30 -36.24
C GLN A 558 7.32 -0.13 -35.11
N LEU A 559 6.39 -1.04 -35.38
CA LEU A 559 5.38 -1.45 -34.38
C LEU A 559 5.91 -2.26 -33.20
N LYS A 560 6.73 -3.28 -33.48
CA LYS A 560 7.35 -4.07 -32.40
C LYS A 560 8.40 -3.27 -31.65
N ALA A 561 8.99 -2.28 -32.34
CA ALA A 561 9.97 -1.35 -31.74
C ALA A 561 9.33 -0.49 -30.67
N ILE A 562 8.15 0.04 -30.98
CA ILE A 562 7.32 0.75 -30.01
C ILE A 562 7.02 -0.20 -28.85
N SER A 563 6.35 -1.31 -29.16
CA SER A 563 5.89 -2.32 -28.19
C SER A 563 6.88 -2.64 -27.08
N THR A 564 8.15 -2.72 -27.44
CA THR A 564 9.23 -3.05 -26.51
C THR A 564 9.57 -1.93 -25.54
N ARG A 565 9.21 -0.70 -25.88
CA ARG A 565 9.44 0.44 -24.99
C ARG A 565 8.69 0.30 -23.66
N ASP A 566 9.24 0.84 -22.58
CA ASP A 566 8.57 0.81 -21.28
C ASP A 566 7.29 1.65 -21.29
N PRO A 567 6.46 1.52 -20.23
CA PRO A 567 5.27 2.37 -20.12
C PRO A 567 5.53 3.85 -19.95
N LEU A 568 6.63 4.25 -19.35
CA LEU A 568 6.88 5.69 -19.14
C LEU A 568 7.54 6.46 -20.29
N SER A 569 7.90 5.77 -21.38
CA SER A 569 8.37 6.46 -22.60
C SER A 569 7.18 6.97 -23.38
N GLU A 570 6.64 8.11 -22.96
CA GLU A 570 5.35 8.60 -23.49
C GLU A 570 5.34 8.63 -25.02
N ILE A 571 4.20 8.27 -25.61
CA ILE A 571 4.06 8.06 -27.03
C ILE A 571 3.59 9.36 -27.68
N THR A 572 4.10 9.63 -28.89
CA THR A 572 3.73 10.83 -29.65
C THR A 572 2.40 10.67 -30.34
N GLU A 573 1.78 11.82 -30.67
CA GLU A 573 0.55 11.84 -31.47
C GLU A 573 0.71 11.08 -32.79
N GLN A 574 1.87 11.27 -33.44
CA GLN A 574 2.22 10.50 -34.65
C GLN A 574 2.08 9.00 -34.39
N GLU A 575 2.76 8.53 -33.35
CA GLU A 575 2.74 7.10 -33.00
C GLU A 575 1.36 6.63 -32.57
N LYS A 576 0.58 7.50 -31.93
CA LYS A 576 -0.78 7.16 -31.52
C LYS A 576 -1.64 6.95 -32.73
N ASP A 577 -1.66 7.94 -33.61
CA ASP A 577 -2.45 7.82 -34.84
C ASP A 577 -1.97 6.64 -35.66
N PHE A 578 -0.64 6.50 -35.73
CA PHE A 578 0.00 5.35 -36.36
C PHE A 578 -0.47 4.02 -35.78
N LEU A 579 -0.34 3.86 -34.48
CA LEU A 579 -0.82 2.64 -33.80
C LEU A 579 -2.32 2.38 -34.00
N TRP A 580 -3.12 3.45 -33.85
CA TRP A 580 -4.58 3.37 -33.95
C TRP A 580 -5.02 2.88 -35.35
N SER A 581 -4.36 3.37 -36.40
CA SER A 581 -4.66 2.90 -37.76
C SER A 581 -4.34 1.42 -37.94
N HIS A 582 -3.25 0.98 -37.30
CA HIS A 582 -2.77 -0.38 -37.42
C HIS A 582 -3.36 -1.28 -36.33
N ARG A 583 -4.38 -0.79 -35.62
CA ARG A 583 -4.99 -1.52 -34.49
C ARG A 583 -5.30 -3.00 -34.77
N HIS A 584 -5.63 -3.32 -36.02
CA HIS A 584 -5.96 -4.70 -36.38
C HIS A 584 -4.73 -5.57 -36.53
N TYR A 585 -3.63 -5.02 -37.09
CA TYR A 585 -2.34 -5.74 -37.07
C TYR A 585 -1.85 -5.93 -35.64
N CYS A 586 -2.03 -4.91 -34.81
CA CYS A 586 -1.63 -4.97 -33.40
C CYS A 586 -2.10 -6.20 -32.65
N VAL A 587 -3.15 -6.89 -33.13
CA VAL A 587 -3.58 -8.20 -32.59
C VAL A 587 -2.51 -9.31 -32.75
N THR A 588 -1.73 -9.24 -33.83
CA THR A 588 -0.53 -10.07 -33.99
C THR A 588 0.52 -9.90 -32.89
N ILE A 589 0.66 -8.67 -32.38
CA ILE A 589 1.59 -8.35 -31.30
C ILE A 589 0.83 -8.01 -30.02
N PRO A 590 0.21 -9.02 -29.37
CA PRO A 590 -0.61 -8.77 -28.17
C PRO A 590 -0.03 -7.74 -27.19
N GLU A 591 1.25 -7.88 -26.89
CA GLU A 591 1.93 -7.06 -25.88
C GLU A 591 1.85 -5.54 -26.14
N ILE A 592 1.57 -5.14 -27.39
CA ILE A 592 1.37 -3.71 -27.74
C ILE A 592 0.13 -3.06 -27.09
N LEU A 593 -0.84 -3.87 -26.63
CA LEU A 593 -2.15 -3.37 -26.15
C LEU A 593 -2.08 -2.14 -25.23
N PRO A 594 -1.22 -2.18 -24.20
CA PRO A 594 -1.11 -0.98 -23.34
C PRO A 594 -0.85 0.29 -24.10
N LYS A 595 -0.01 0.19 -25.13
CA LYS A 595 0.37 1.32 -25.98
C LYS A 595 -0.83 1.72 -26.86
N LEU A 596 -1.50 0.71 -27.40
CA LEU A 596 -2.62 0.91 -28.28
C LEU A 596 -3.73 1.62 -27.55
N LEU A 597 -4.18 1.04 -26.43
CA LEU A 597 -5.25 1.63 -25.60
C LEU A 597 -5.05 3.11 -25.26
N LEU A 598 -3.80 3.52 -25.04
CA LEU A 598 -3.45 4.92 -24.79
C LEU A 598 -3.41 5.78 -26.06
N SER A 599 -3.56 5.12 -27.21
CA SER A 599 -3.75 5.78 -28.50
C SER A 599 -5.24 6.03 -28.80
N VAL A 600 -6.14 5.21 -28.27
CA VAL A 600 -7.57 5.39 -28.53
C VAL A 600 -8.01 6.77 -28.06
N LYS A 601 -8.83 7.42 -28.87
CA LYS A 601 -9.45 8.69 -28.52
C LYS A 601 -10.71 8.34 -27.78
N TRP A 602 -10.66 8.42 -26.45
CA TRP A 602 -11.75 7.95 -25.58
C TRP A 602 -12.99 8.85 -25.71
N ASN A 603 -12.78 10.10 -26.18
CA ASN A 603 -13.90 10.93 -26.64
C ASN A 603 -14.59 10.46 -27.94
N SER A 604 -13.91 9.95 -28.96
CA SER A 604 -14.68 9.42 -30.12
C SER A 604 -15.23 8.03 -29.82
N ARG A 605 -16.48 7.99 -29.35
CA ARG A 605 -17.18 6.72 -29.06
C ARG A 605 -17.11 5.74 -30.25
N ASP A 606 -17.02 6.28 -31.47
CA ASP A 606 -16.76 5.52 -32.70
C ASP A 606 -15.52 4.68 -32.53
N GLU A 607 -14.41 5.33 -32.15
CA GLU A 607 -13.14 4.63 -31.85
C GLU A 607 -13.32 3.61 -30.69
N VAL A 608 -13.74 4.11 -29.53
CA VAL A 608 -13.91 3.31 -28.30
C VAL A 608 -14.74 2.03 -28.49
N ALA A 609 -15.87 2.15 -29.19
CA ALA A 609 -16.68 0.98 -29.51
C ALA A 609 -15.90 -0.08 -30.28
N GLN A 610 -15.06 0.36 -31.21
CA GLN A 610 -14.22 -0.57 -31.95
C GLN A 610 -13.21 -1.22 -31.02
N MET A 611 -12.53 -0.42 -30.20
CA MET A 611 -11.54 -0.94 -29.24
C MET A 611 -12.19 -1.96 -28.30
N TYR A 612 -13.42 -1.72 -27.87
CA TYR A 612 -14.20 -2.72 -27.09
C TYR A 612 -14.30 -4.07 -27.79
N CYS A 613 -14.33 -4.07 -29.13
CA CYS A 613 -14.39 -5.30 -29.93
C CYS A 613 -13.04 -5.98 -30.13
N LEU A 614 -11.97 -5.19 -30.15
CA LEU A 614 -10.62 -5.76 -30.23
C LEU A 614 -10.29 -6.43 -28.91
N VAL A 615 -10.44 -5.67 -27.84
CA VAL A 615 -10.26 -6.16 -26.46
C VAL A 615 -11.15 -7.36 -26.16
N LYS A 616 -12.37 -7.39 -26.70
CA LYS A 616 -13.30 -8.52 -26.50
C LYS A 616 -12.61 -9.88 -26.65
N ASP A 617 -11.76 -10.01 -27.68
CA ASP A 617 -11.02 -11.25 -27.94
C ASP A 617 -9.60 -10.98 -28.44
N TRP A 618 -8.93 -10.14 -27.69
CA TRP A 618 -7.50 -9.91 -27.88
C TRP A 618 -6.86 -11.13 -27.25
N PRO A 619 -5.68 -11.54 -27.74
CA PRO A 619 -4.96 -12.65 -27.12
C PRO A 619 -4.56 -12.32 -25.70
N PRO A 620 -4.68 -13.29 -24.78
CA PRO A 620 -4.22 -13.00 -23.44
C PRO A 620 -2.70 -12.82 -23.39
N ILE A 621 -2.27 -12.04 -22.42
CA ILE A 621 -0.87 -11.70 -22.24
C ILE A 621 -0.37 -12.04 -20.83
N LYS A 622 0.94 -12.00 -20.69
CA LYS A 622 1.58 -12.44 -19.48
C LYS A 622 1.18 -11.51 -18.32
N PRO A 623 0.98 -12.05 -17.11
CA PRO A 623 0.51 -11.23 -16.00
C PRO A 623 1.36 -10.04 -15.64
N GLU A 624 2.66 -10.15 -15.83
CA GLU A 624 3.55 -9.04 -15.54
C GLU A 624 3.25 -7.86 -16.47
N GLN A 625 2.71 -8.16 -17.66
CA GLN A 625 2.35 -7.18 -18.68
C GLN A 625 0.94 -6.68 -18.47
N ALA A 626 0.06 -7.62 -18.13
CA ALA A 626 -1.36 -7.34 -17.89
C ALA A 626 -1.65 -6.58 -16.59
N MET A 627 -0.72 -6.55 -15.66
CA MET A 627 -0.88 -5.70 -14.47
C MET A 627 -0.85 -4.23 -14.77
N GLU A 628 -0.13 -3.84 -15.82
CA GLU A 628 -0.05 -2.45 -16.22
C GLU A 628 -1.47 -1.95 -16.46
N LEU A 629 -2.29 -2.85 -17.04
CA LEU A 629 -3.68 -2.54 -17.39
C LEU A 629 -4.64 -2.40 -16.21
N LEU A 630 -4.17 -2.60 -14.98
CA LEU A 630 -4.94 -2.27 -13.81
C LEU A 630 -4.43 -1.01 -13.09
N ASP A 631 -3.41 -0.29 -13.60
CA ASP A 631 -3.00 1.00 -12.98
C ASP A 631 -4.05 2.11 -13.22
N CYS A 632 -3.77 3.33 -12.79
CA CYS A 632 -4.71 4.44 -13.00
C CYS A 632 -4.96 4.82 -14.46
N ASN A 633 -3.93 4.70 -15.30
CA ASN A 633 -4.07 5.06 -16.73
C ASN A 633 -4.94 4.14 -17.59
N TYR A 634 -5.46 3.05 -17.02
CA TYR A 634 -6.42 2.19 -17.71
C TYR A 634 -7.63 1.90 -16.80
N PRO A 635 -8.59 2.87 -16.72
CA PRO A 635 -9.76 2.75 -15.87
C PRO A 635 -10.98 2.16 -16.56
N ASP A 636 -10.90 1.84 -17.84
CA ASP A 636 -12.06 1.23 -18.50
C ASP A 636 -12.40 -0.16 -17.91
N PRO A 637 -13.70 -0.52 -17.79
CA PRO A 637 -14.08 -1.85 -17.35
C PRO A 637 -13.68 -2.97 -18.28
N MET A 638 -13.76 -2.72 -19.58
CA MET A 638 -13.50 -3.76 -20.54
C MET A 638 -12.04 -4.11 -20.53
N VAL A 639 -11.20 -3.09 -20.47
CA VAL A 639 -9.77 -3.29 -20.38
C VAL A 639 -9.46 -4.04 -19.08
N ARG A 640 -9.87 -3.50 -17.95
CA ARG A 640 -9.56 -4.13 -16.68
C ARG A 640 -10.10 -5.55 -16.54
N GLY A 641 -11.20 -5.84 -17.21
CA GLY A 641 -11.69 -7.20 -17.26
C GLY A 641 -10.68 -8.10 -17.97
N PHE A 642 -10.28 -7.70 -19.18
CA PHE A 642 -9.24 -8.37 -19.97
C PHE A 642 -8.07 -8.70 -19.06
N ALA A 643 -7.56 -7.68 -18.38
CA ALA A 643 -6.46 -7.84 -17.45
C ALA A 643 -6.72 -8.91 -16.38
N VAL A 644 -7.91 -8.94 -15.78
CA VAL A 644 -8.26 -10.02 -14.85
C VAL A 644 -8.28 -11.38 -15.59
N ARG A 645 -8.77 -11.40 -16.82
CA ARG A 645 -8.79 -12.63 -17.62
C ARG A 645 -7.37 -13.13 -17.88
N CYS A 646 -6.44 -12.19 -18.11
CA CYS A 646 -5.02 -12.53 -18.24
C CYS A 646 -4.55 -13.26 -16.95
N LEU A 647 -4.66 -12.59 -15.81
CA LEU A 647 -4.38 -13.21 -14.49
C LEU A 647 -5.07 -14.57 -14.23
N GLU A 648 -6.38 -14.64 -14.49
CA GLU A 648 -7.16 -15.85 -14.22
C GLU A 648 -6.54 -17.02 -14.92
N LYS A 649 -6.05 -16.78 -16.14
CA LYS A 649 -5.39 -17.78 -16.95
C LYS A 649 -3.99 -18.06 -16.42
N TYR A 650 -3.06 -17.13 -16.58
CA TYR A 650 -1.64 -17.40 -16.30
C TYR A 650 -1.22 -17.35 -14.80
N LEU A 651 -1.43 -16.20 -14.15
CA LEU A 651 -0.95 -15.95 -12.76
C LEU A 651 -1.16 -17.06 -11.71
N THR A 652 -0.05 -17.62 -11.24
CA THR A 652 -0.08 -18.72 -10.28
C THR A 652 -0.22 -18.23 -8.86
N ASP A 653 -0.71 -19.12 -7.99
CA ASP A 653 -0.81 -18.82 -6.56
C ASP A 653 0.50 -18.33 -5.99
N ASP A 654 1.62 -18.76 -6.58
CA ASP A 654 2.92 -18.23 -6.20
C ASP A 654 3.07 -16.77 -6.59
N LYS A 655 2.85 -16.50 -7.86
CA LYS A 655 3.16 -15.20 -8.42
C LYS A 655 2.15 -14.14 -7.97
N LEU A 656 0.91 -14.55 -7.71
CA LEU A 656 -0.13 -13.70 -7.04
C LEU A 656 0.31 -13.26 -5.67
N SER A 657 0.81 -14.20 -4.89
CA SER A 657 1.27 -13.96 -3.53
C SER A 657 2.49 -13.03 -3.51
N GLN A 658 3.27 -13.01 -4.59
CA GLN A 658 4.45 -12.13 -4.68
C GLN A 658 4.08 -10.69 -4.96
N TYR A 659 3.20 -10.56 -5.97
CA TYR A 659 2.61 -9.28 -6.39
C TYR A 659 1.32 -8.83 -5.62
N LEU A 660 1.00 -9.42 -4.46
CA LEU A 660 -0.29 -9.20 -3.84
C LEU A 660 -0.47 -7.78 -3.40
N ILE A 661 0.58 -7.14 -2.89
CA ILE A 661 0.49 -5.71 -2.44
C ILE A 661 0.04 -4.85 -3.59
N GLN A 662 0.65 -5.02 -4.74
CA GLN A 662 0.26 -4.26 -5.91
C GLN A 662 -1.19 -4.51 -6.34
N LEU A 663 -1.70 -5.71 -6.13
CA LEU A 663 -3.07 -6.04 -6.53
C LEU A 663 -4.13 -5.53 -5.54
N VAL A 664 -3.84 -5.61 -4.26
CA VAL A 664 -4.70 -5.01 -3.22
C VAL A 664 -4.72 -3.48 -3.40
N GLN A 665 -3.55 -2.88 -3.58
CA GLN A 665 -3.45 -1.43 -3.84
C GLN A 665 -4.24 -1.00 -5.08
N VAL A 666 -4.12 -1.78 -6.13
CA VAL A 666 -4.66 -1.34 -7.41
C VAL A 666 -6.21 -1.37 -7.40
N LEU A 667 -6.83 -1.87 -6.31
CA LEU A 667 -8.30 -1.74 -6.04
C LEU A 667 -8.76 -0.29 -5.87
N LYS A 668 -7.93 0.57 -5.28
CA LYS A 668 -8.24 2.00 -5.22
C LYS A 668 -8.61 2.66 -6.56
N TYR A 669 -8.08 2.14 -7.67
CA TYR A 669 -8.40 2.64 -9.01
C TYR A 669 -9.58 1.95 -9.72
N GLU A 670 -10.27 1.06 -9.02
CA GLU A 670 -11.51 0.57 -9.56
C GLU A 670 -12.63 1.62 -9.27
N GLN A 671 -13.60 1.73 -10.17
CA GLN A 671 -14.69 2.74 -10.06
C GLN A 671 -15.72 2.35 -8.99
N TYR A 672 -16.02 1.06 -8.90
CA TYR A 672 -17.13 0.61 -8.06
C TYR A 672 -16.65 -0.45 -7.05
N LEU A 673 -17.43 -0.66 -5.99
CA LEU A 673 -17.09 -1.68 -4.97
C LEU A 673 -17.03 -3.07 -5.56
N ASP A 674 -18.05 -3.37 -6.34
CA ASP A 674 -18.24 -4.67 -6.97
C ASP A 674 -17.63 -4.63 -8.36
N ASN A 675 -16.64 -5.48 -8.57
CA ASN A 675 -15.92 -5.56 -9.83
C ASN A 675 -15.16 -6.87 -9.92
N LEU A 676 -14.63 -7.17 -11.10
CA LEU A 676 -14.03 -8.46 -11.43
C LEU A 676 -12.74 -8.71 -10.68
N LEU A 677 -11.85 -7.70 -10.63
CA LEU A 677 -10.63 -7.81 -9.85
C LEU A 677 -10.90 -8.16 -8.37
N VAL A 678 -11.82 -7.45 -7.70
CA VAL A 678 -12.15 -7.74 -6.30
C VAL A 678 -12.64 -9.19 -6.13
N ARG A 679 -13.42 -9.68 -7.11
CA ARG A 679 -13.96 -11.05 -7.11
C ARG A 679 -12.90 -12.13 -7.38
N PHE A 680 -11.87 -11.76 -8.14
CA PHE A 680 -10.70 -12.60 -8.40
C PHE A 680 -9.93 -12.88 -7.11
N LEU A 681 -9.48 -11.79 -6.48
CA LEU A 681 -8.66 -11.84 -5.29
C LEU A 681 -9.43 -12.48 -4.12
N LEU A 682 -10.63 -12.01 -3.85
CA LEU A 682 -11.45 -12.57 -2.78
C LEU A 682 -11.49 -14.08 -2.89
N LYS A 683 -11.72 -14.59 -4.10
CA LYS A 683 -11.76 -16.03 -4.32
C LYS A 683 -10.41 -16.70 -4.06
N LYS A 684 -9.32 -16.09 -4.54
CA LYS A 684 -7.98 -16.63 -4.30
C LYS A 684 -7.72 -16.75 -2.81
N ALA A 685 -7.97 -15.65 -2.10
CA ALA A 685 -7.91 -15.58 -0.61
C ALA A 685 -8.64 -16.67 0.16
N LEU A 686 -9.84 -16.98 -0.32
CA LEU A 686 -10.68 -18.02 0.29
C LEU A 686 -10.32 -19.48 -0.18
N THR A 687 -9.57 -19.55 -1.28
CA THR A 687 -9.06 -20.79 -1.83
C THR A 687 -7.72 -21.20 -1.22
N ASN A 688 -6.86 -20.23 -0.95
CA ASN A 688 -5.49 -20.51 -0.52
C ASN A 688 -5.20 -19.65 0.68
N GLN A 689 -5.04 -20.28 1.85
CA GLN A 689 -4.98 -19.57 3.12
C GLN A 689 -3.66 -18.81 3.36
N ARG A 690 -2.62 -19.10 2.57
CA ARG A 690 -1.40 -18.33 2.65
C ARG A 690 -1.67 -16.94 2.06
N ILE A 691 -2.32 -16.90 0.90
CA ILE A 691 -2.80 -15.63 0.30
C ILE A 691 -3.78 -14.92 1.23
N GLY A 692 -4.80 -15.66 1.64
CA GLY A 692 -5.78 -15.15 2.56
C GLY A 692 -5.10 -14.40 3.70
N HIS A 693 -4.05 -15.00 4.24
CA HIS A 693 -3.46 -14.42 5.43
C HIS A 693 -2.94 -13.03 5.15
N PHE A 694 -2.24 -12.87 4.03
CA PHE A 694 -1.63 -11.58 3.71
C PHE A 694 -2.66 -10.62 3.08
N PHE A 695 -3.63 -11.20 2.40
CA PHE A 695 -4.74 -10.44 1.88
C PHE A 695 -5.52 -9.75 3.00
N PHE A 696 -5.59 -10.36 4.17
CA PHE A 696 -6.26 -9.76 5.32
C PHE A 696 -5.43 -8.60 5.77
N TRP A 697 -4.19 -8.91 6.11
CA TRP A 697 -3.32 -7.97 6.79
C TRP A 697 -3.06 -6.70 5.99
N HIS A 698 -2.98 -6.80 4.65
CA HIS A 698 -2.79 -5.60 3.87
C HIS A 698 -4.02 -4.70 3.84
N LEU A 699 -5.21 -5.32 3.82
CA LEU A 699 -6.49 -4.60 3.91
C LEU A 699 -6.65 -3.98 5.29
N LYS A 700 -6.52 -4.82 6.30
CA LYS A 700 -6.59 -4.36 7.66
C LYS A 700 -5.55 -3.27 7.93
N SER A 701 -4.37 -3.40 7.33
CA SER A 701 -3.29 -2.41 7.48
C SER A 701 -3.70 -1.00 7.13
N GLU A 702 -4.42 -0.85 6.02
CA GLU A 702 -4.82 0.45 5.53
C GLU A 702 -6.16 0.88 6.08
N MET A 703 -6.67 0.24 7.12
CA MET A 703 -8.02 0.51 7.56
C MET A 703 -8.26 1.92 8.06
N HIS A 704 -7.33 2.44 8.85
CA HIS A 704 -7.33 3.86 9.28
C HIS A 704 -7.55 4.91 8.16
N ASN A 705 -7.00 4.64 6.97
CA ASN A 705 -7.04 5.58 5.85
C ASN A 705 -8.42 5.64 5.18
N LYS A 706 -9.12 6.77 5.36
CA LYS A 706 -10.53 6.90 4.96
C LYS A 706 -10.78 6.87 3.44
N THR A 707 -9.75 7.12 2.64
CA THR A 707 -9.90 6.92 1.20
C THR A 707 -10.34 5.49 0.91
N VAL A 708 -10.05 4.56 1.83
CA VAL A 708 -10.41 3.14 1.65
C VAL A 708 -11.17 2.44 2.82
N SER A 709 -11.29 3.10 3.97
CA SER A 709 -12.06 2.59 5.12
C SER A 709 -13.26 1.74 4.75
N GLN A 710 -14.15 2.24 3.93
CA GLN A 710 -15.38 1.49 3.70
C GLN A 710 -15.06 0.38 2.73
N ARG A 711 -14.49 0.70 1.58
CA ARG A 711 -14.26 -0.34 0.55
C ARG A 711 -13.65 -1.62 1.14
N PHE A 712 -12.49 -1.45 1.78
CA PHE A 712 -11.75 -2.54 2.40
C PHE A 712 -12.41 -3.19 3.59
N GLY A 713 -13.26 -2.46 4.29
CA GLY A 713 -14.01 -3.00 5.40
C GLY A 713 -15.03 -3.99 4.87
N LEU A 714 -15.86 -3.50 3.96
CA LEU A 714 -16.83 -4.33 3.25
C LEU A 714 -16.20 -5.64 2.79
N LEU A 715 -15.02 -5.52 2.17
CA LEU A 715 -14.27 -6.63 1.58
C LEU A 715 -13.76 -7.57 2.63
N LEU A 716 -13.18 -7.00 3.69
CA LEU A 716 -12.72 -7.77 4.85
C LEU A 716 -13.86 -8.47 5.54
N GLU A 717 -15.04 -7.86 5.58
CA GLU A 717 -16.22 -8.54 6.07
C GLU A 717 -16.49 -9.81 5.28
N SER A 718 -16.39 -9.73 3.95
CA SER A 718 -16.57 -10.89 3.05
C SER A 718 -15.60 -11.97 3.45
N TYR A 719 -14.30 -11.62 3.40
CA TYR A 719 -13.21 -12.56 3.67
C TYR A 719 -13.48 -13.25 5.01
N CYS A 720 -13.66 -12.43 6.04
CA CYS A 720 -13.81 -12.90 7.42
C CYS A 720 -14.99 -13.84 7.58
N ARG A 721 -16.10 -13.51 6.94
CA ARG A 721 -17.30 -14.33 6.96
C ARG A 721 -17.11 -15.73 6.33
N ALA A 722 -16.20 -15.85 5.35
CA ALA A 722 -16.04 -17.08 4.56
C ALA A 722 -14.74 -17.85 4.72
N CYS A 723 -13.73 -17.27 5.37
CA CYS A 723 -12.39 -17.91 5.49
C CYS A 723 -12.26 -19.14 6.43
N GLY A 724 -13.34 -19.55 7.07
CA GLY A 724 -13.33 -20.72 7.93
C GLY A 724 -12.78 -20.37 9.29
N MET A 725 -12.10 -21.34 9.92
CA MET A 725 -11.50 -21.13 11.25
C MET A 725 -10.42 -20.09 11.31
N TYR A 726 -9.73 -19.85 10.19
CA TYR A 726 -8.66 -18.85 10.18
C TYR A 726 -9.08 -17.51 10.78
N LEU A 727 -10.37 -17.22 10.80
CA LEU A 727 -10.88 -16.04 11.49
C LEU A 727 -10.43 -16.04 12.93
N LYS A 728 -10.61 -17.18 13.60
CA LYS A 728 -10.23 -17.31 15.03
C LYS A 728 -8.74 -17.18 15.28
N HIS A 729 -7.96 -17.73 14.35
CA HIS A 729 -6.53 -17.49 14.32
C HIS A 729 -6.15 -16.03 14.08
N LEU A 730 -6.78 -15.40 13.08
CA LEU A 730 -6.55 -14.01 12.84
C LEU A 730 -6.94 -13.25 14.07
N ASN A 731 -8.05 -13.60 14.70
CA ASN A 731 -8.52 -12.85 15.88
C ASN A 731 -7.53 -12.85 17.02
N ARG A 732 -6.72 -13.90 17.12
CA ARG A 732 -5.64 -13.89 18.09
C ARG A 732 -4.46 -12.98 17.69
N GLN A 733 -4.11 -13.00 16.42
CA GLN A 733 -3.06 -12.14 15.93
C GLN A 733 -3.49 -10.71 16.12
N VAL A 734 -4.76 -10.40 15.87
CA VAL A 734 -5.23 -9.02 16.02
C VAL A 734 -5.22 -8.57 17.48
N GLU A 735 -5.69 -9.47 18.35
CA GLU A 735 -5.68 -9.25 19.81
C GLU A 735 -4.26 -9.01 20.33
N ALA A 736 -3.30 -9.77 19.81
CA ALA A 736 -1.89 -9.61 20.17
C ALA A 736 -1.30 -8.28 19.73
N MET A 737 -1.59 -7.87 18.50
CA MET A 737 -1.08 -6.59 18.02
C MET A 737 -1.69 -5.41 18.80
N GLU A 738 -2.95 -5.49 19.18
CA GLU A 738 -3.57 -4.43 19.95
C GLU A 738 -2.89 -4.27 21.27
N LYS A 739 -2.60 -5.38 21.95
CA LYS A 739 -1.88 -5.35 23.23
C LYS A 739 -0.52 -4.65 23.13
N LEU A 740 0.25 -5.08 22.11
CA LEU A 740 1.51 -4.44 21.75
C LEU A 740 1.41 -2.96 21.32
N ILE A 741 0.35 -2.58 20.63
CA ILE A 741 0.17 -1.17 20.27
C ILE A 741 -0.04 -0.35 21.54
N ASN A 742 -0.85 -0.85 22.45
CA ASN A 742 -1.05 -0.16 23.71
C ASN A 742 0.23 -0.02 24.48
N LEU A 743 0.94 -1.14 24.63
CA LEU A 743 2.13 -1.16 25.47
C LEU A 743 3.09 -0.06 25.02
N THR A 744 3.51 -0.13 23.76
CA THR A 744 4.40 0.86 23.19
C THR A 744 3.82 2.28 23.28
N ASP A 745 2.53 2.44 23.07
CA ASP A 745 1.94 3.77 23.18
C ASP A 745 2.05 4.39 24.59
N ILE A 746 2.05 3.57 25.63
CA ILE A 746 2.28 4.06 27.00
C ILE A 746 3.77 4.44 27.14
N LEU A 747 4.64 3.50 26.76
CA LEU A 747 6.08 3.71 26.71
C LEU A 747 6.56 4.93 25.92
N LYS A 748 5.75 5.40 24.98
CA LYS A 748 6.19 6.48 24.12
C LYS A 748 5.65 7.83 24.53
N GLN A 749 4.68 7.85 25.45
CA GLN A 749 3.97 9.09 25.82
C GLN A 749 4.14 9.49 27.26
N GLU A 750 4.18 8.51 28.13
CA GLU A 750 4.23 8.74 29.56
C GLU A 750 5.49 8.19 30.22
N LYS A 751 6.11 7.16 29.64
CA LYS A 751 7.42 6.65 30.09
C LYS A 751 8.59 7.19 29.28
N LYS A 752 8.37 8.18 28.41
CA LYS A 752 9.47 9.02 27.91
C LYS A 752 9.88 9.91 29.08
N ASP A 753 11.14 10.31 29.07
CA ASP A 753 11.79 10.93 30.24
C ASP A 753 11.69 9.98 31.46
N GLU A 754 12.07 8.73 31.22
CA GLU A 754 12.37 7.73 32.24
C GLU A 754 13.55 6.94 31.69
N THR A 755 14.26 6.26 32.57
CA THR A 755 15.41 5.44 32.14
C THR A 755 14.97 4.14 31.47
N GLN A 756 15.74 3.74 30.44
CA GLN A 756 15.65 2.40 29.90
C GLN A 756 15.37 1.44 31.03
N LYS A 757 16.17 1.60 32.09
CA LYS A 757 15.99 0.84 33.31
C LYS A 757 14.53 0.86 33.79
N VAL A 758 13.96 2.06 33.97
CA VAL A 758 12.61 2.22 34.51
C VAL A 758 11.54 1.74 33.53
N GLN A 759 11.69 2.13 32.27
CA GLN A 759 10.85 1.63 31.16
C GLN A 759 10.79 0.08 31.17
N MET A 760 11.92 -0.60 31.03
CA MET A 760 11.99 -2.07 31.12
C MET A 760 11.27 -2.64 32.33
N LYS A 761 11.39 -1.99 33.49
CA LYS A 761 10.67 -2.46 34.68
C LYS A 761 9.19 -2.40 34.41
N PHE A 762 8.75 -1.34 33.75
CA PHE A 762 7.35 -1.25 33.31
C PHE A 762 6.94 -2.31 32.27
N LEU A 763 7.79 -2.59 31.28
CA LEU A 763 7.46 -3.55 30.20
C LEU A 763 7.32 -4.96 30.73
N VAL A 764 8.30 -5.42 31.51
CA VAL A 764 8.31 -6.78 32.02
C VAL A 764 7.15 -6.96 32.99
N GLU A 765 6.96 -5.98 33.88
CA GLU A 765 5.82 -6.00 34.81
C GLU A 765 4.50 -6.21 34.08
N GLN A 766 4.31 -5.43 33.01
CA GLN A 766 3.07 -5.47 32.21
C GLN A 766 2.91 -6.75 31.47
N MET A 767 3.97 -7.23 30.86
CA MET A 767 3.92 -8.49 30.14
C MET A 767 3.55 -9.65 31.06
N ARG A 768 3.91 -9.60 32.33
CA ARG A 768 3.58 -10.70 33.27
C ARG A 768 2.14 -10.72 33.79
N ARG A 769 1.40 -9.64 33.62
CA ARG A 769 -0.01 -9.68 33.95
C ARG A 769 -0.69 -10.77 33.10
N PRO A 770 -1.75 -11.40 33.64
CA PRO A 770 -2.34 -12.58 32.99
C PRO A 770 -3.08 -12.28 31.68
N ASP A 771 -3.70 -11.11 31.57
CA ASP A 771 -4.30 -10.69 30.31
C ASP A 771 -3.31 -10.57 29.17
N PHE A 772 -2.04 -10.21 29.47
CA PHE A 772 -0.99 -10.15 28.44
C PHE A 772 -0.48 -11.52 28.15
N MET A 773 -0.20 -12.26 29.21
CA MET A 773 0.26 -13.64 29.07
C MET A 773 -0.66 -14.44 28.17
N ASP A 774 -1.97 -14.40 28.48
CA ASP A 774 -3.02 -14.91 27.60
C ASP A 774 -2.85 -14.44 26.16
N ALA A 775 -2.85 -13.12 26.00
CA ALA A 775 -3.06 -12.47 24.71
C ALA A 775 -1.85 -12.45 23.80
N LEU A 776 -0.66 -12.66 24.39
CA LEU A 776 0.59 -12.63 23.64
C LEU A 776 1.28 -13.97 23.46
N GLN A 777 0.76 -15.06 24.05
CA GLN A 777 1.49 -16.34 23.99
C GLN A 777 1.05 -17.33 22.88
N GLY A 778 -0.18 -17.79 22.84
CA GLY A 778 -0.46 -18.82 21.84
C GLY A 778 -1.01 -18.25 20.55
N PHE A 779 -0.15 -17.93 19.58
CA PHE A 779 -0.63 -17.49 18.23
C PHE A 779 0.33 -17.68 17.04
N LEU A 780 -0.11 -17.36 15.83
CA LEU A 780 0.74 -17.51 14.63
C LEU A 780 1.42 -16.20 14.32
N SER A 781 2.69 -16.21 13.94
CA SER A 781 3.33 -14.97 13.53
C SER A 781 2.62 -14.40 12.29
N PRO A 782 2.24 -13.10 12.32
CA PRO A 782 1.77 -12.47 11.09
C PRO A 782 2.85 -12.30 10.01
N LEU A 783 4.11 -12.15 10.42
CA LEU A 783 5.24 -12.15 9.46
C LEU A 783 5.27 -13.40 8.58
N ASN A 784 4.84 -14.52 9.16
CA ASN A 784 4.69 -15.79 8.47
C ASN A 784 3.93 -16.78 9.35
N PRO A 785 2.68 -17.12 9.02
CA PRO A 785 1.85 -17.90 9.93
C PRO A 785 2.21 -19.37 9.97
N ALA A 786 3.16 -19.79 9.13
CA ALA A 786 3.81 -21.09 9.29
C ALA A 786 4.41 -21.23 10.68
N HIS A 787 5.13 -20.21 11.11
CA HIS A 787 5.78 -20.28 12.41
C HIS A 787 4.69 -20.09 13.42
N GLN A 788 4.75 -20.87 14.48
CA GLN A 788 3.90 -20.62 15.63
C GLN A 788 4.68 -19.79 16.59
N LEU A 789 3.95 -19.10 17.43
CA LEU A 789 4.53 -18.39 18.56
C LEU A 789 3.92 -19.02 19.82
N GLY A 790 4.77 -19.63 20.64
CA GLY A 790 4.34 -20.38 21.81
C GLY A 790 4.36 -19.51 23.02
N ASN A 791 4.87 -20.03 24.14
CA ASN A 791 5.12 -19.18 25.29
C ASN A 791 6.19 -18.19 24.92
N LEU A 792 6.16 -17.05 25.58
CA LEU A 792 7.10 -16.00 25.27
C LEU A 792 8.13 -16.02 26.39
N ARG A 793 9.40 -16.22 26.00
CA ARG A 793 10.54 -16.13 26.91
C ARG A 793 10.76 -14.62 27.19
N LEU A 794 10.46 -14.20 28.43
CA LEU A 794 10.47 -12.78 28.84
C LEU A 794 11.86 -12.25 29.16
N GLU A 795 12.74 -13.15 29.54
CA GLU A 795 14.10 -12.78 29.88
C GLU A 795 14.82 -12.20 28.65
N GLU A 796 14.49 -12.75 27.48
CA GLU A 796 15.00 -12.28 26.20
C GLU A 796 14.14 -11.20 25.52
N CYS A 797 13.03 -10.79 26.14
CA CYS A 797 12.26 -9.66 25.63
C CYS A 797 12.80 -8.35 26.17
N ARG A 798 12.91 -7.35 25.30
CA ARG A 798 13.45 -6.06 25.71
C ARG A 798 13.12 -4.93 24.75
N ILE A 799 13.12 -3.71 25.27
CA ILE A 799 12.94 -2.50 24.47
C ILE A 799 14.29 -2.22 23.86
N MET A 800 14.35 -2.15 22.54
CA MET A 800 15.56 -1.70 21.93
C MET A 800 15.86 -0.22 22.29
N SER A 801 17.07 0.18 21.91
CA SER A 801 17.62 1.48 22.23
C SER A 801 17.07 2.62 21.38
N SER A 802 16.41 2.36 20.26
CA SER A 802 15.87 3.46 19.45
C SER A 802 14.85 4.30 20.19
N ALA A 803 14.76 5.56 19.82
CA ALA A 803 13.81 6.49 20.43
C ALA A 803 12.33 6.13 20.17
N LYS A 804 12.08 5.40 19.08
CA LYS A 804 10.72 4.98 18.72
C LYS A 804 10.20 3.93 19.68
N ARG A 805 11.10 3.38 20.52
CA ARG A 805 10.78 2.33 21.48
C ARG A 805 10.18 1.12 20.74
N PRO A 806 11.01 0.48 19.88
CA PRO A 806 10.64 -0.83 19.33
C PRO A 806 10.79 -1.88 20.40
N LEU A 807 9.90 -2.88 20.40
CA LEU A 807 10.05 -4.03 21.28
C LEU A 807 10.70 -5.14 20.50
N TRP A 808 11.69 -5.77 21.16
CA TRP A 808 12.35 -7.00 20.70
C TRP A 808 11.71 -8.16 21.45
N LEU A 809 10.88 -8.92 20.73
CA LEU A 809 10.07 -9.95 21.33
C LEU A 809 10.56 -11.31 20.90
N ASN A 810 10.40 -12.28 21.81
CA ASN A 810 10.98 -13.60 21.72
C ASN A 810 9.94 -14.61 22.18
N TRP A 811 9.70 -15.62 21.36
CA TRP A 811 8.74 -16.68 21.67
C TRP A 811 9.41 -18.04 21.56
N GLU A 812 8.91 -19.01 22.32
CA GLU A 812 9.40 -20.38 22.23
C GLU A 812 8.66 -21.06 21.09
N ASN A 813 9.39 -21.58 20.10
CA ASN A 813 8.78 -22.35 19.00
C ASN A 813 8.17 -23.64 19.53
N PRO A 814 6.83 -23.73 19.58
CA PRO A 814 6.24 -24.88 20.27
C PRO A 814 6.17 -26.17 19.43
N ASP A 815 6.78 -26.18 18.25
CA ASP A 815 6.82 -27.38 17.41
C ASP A 815 7.29 -28.64 18.13
N ILE A 816 6.96 -29.79 17.56
CA ILE A 816 7.49 -31.09 18.01
C ILE A 816 9.00 -31.11 17.77
N MET A 817 9.42 -30.49 16.65
CA MET A 817 10.82 -30.43 16.22
C MET A 817 11.45 -29.02 16.30
N SEP A 818 11.03 -28.23 17.29
CA SEP A 818 11.63 -26.93 17.58
CB SEP A 818 11.55 -26.52 19.06
OG SEP A 818 10.52 -27.24 19.75
C SEP A 818 13.07 -27.02 17.23
O SEP A 818 13.56 -26.31 16.36
P SEP A 818 10.41 -27.37 21.37
O1P SEP A 818 9.05 -26.83 21.80
O2P SEP A 818 10.53 -28.87 21.52
O3P SEP A 818 11.58 -26.59 21.94
N GLU A 819 13.72 -27.96 17.89
CA GLU A 819 15.16 -28.12 17.86
C GLU A 819 15.72 -28.12 16.44
N LEU A 820 15.12 -28.89 15.54
CA LEU A 820 15.65 -29.01 14.17
C LEU A 820 15.60 -27.74 13.27
N LEU A 821 14.85 -26.70 13.68
CA LEU A 821 14.70 -25.47 12.85
C LEU A 821 15.10 -24.22 13.59
N PHE A 822 14.41 -23.89 14.69
CA PHE A 822 14.91 -22.87 15.60
C PHE A 822 14.16 -22.97 16.89
N GLN A 823 14.88 -22.94 18.01
CA GLN A 823 14.25 -23.19 19.30
C GLN A 823 13.48 -21.95 19.77
N ASN A 824 14.00 -20.79 19.42
CA ASN A 824 13.35 -19.54 19.75
C ASN A 824 13.08 -18.76 18.49
N ASN A 825 12.05 -17.94 18.55
CA ASN A 825 11.51 -17.19 17.41
C ASN A 825 11.44 -15.74 17.83
N GLU A 826 12.01 -14.84 17.05
CA GLU A 826 12.00 -13.45 17.46
C GLU A 826 11.69 -12.51 16.31
N ILE A 827 10.86 -11.51 16.62
CA ILE A 827 10.39 -10.51 15.67
C ILE A 827 10.27 -9.20 16.43
N ILE A 828 10.48 -8.10 15.71
CA ILE A 828 10.54 -6.78 16.30
C ILE A 828 9.24 -6.08 15.98
N PHE A 829 8.62 -5.52 17.02
CA PHE A 829 7.40 -4.73 16.87
C PHE A 829 7.78 -3.25 16.96
N LYS A 830 7.30 -2.41 16.04
CA LYS A 830 7.72 -0.98 15.99
C LYS A 830 6.55 0.00 15.93
N ASN A 831 6.35 0.81 16.99
CA ASN A 831 5.14 1.61 17.06
C ASN A 831 5.16 2.84 16.21
N GLY A 832 6.30 3.51 16.02
CA GLY A 832 6.37 4.60 15.00
C GLY A 832 6.50 4.19 13.51
N ASP A 833 7.01 5.12 12.73
CA ASP A 833 7.79 4.76 11.52
C ASP A 833 7.17 4.56 10.13
N ASP A 834 6.12 3.78 9.97
CA ASP A 834 5.56 3.53 8.61
C ASP A 834 6.47 2.64 7.79
N LEU A 835 6.16 1.35 7.89
CA LEU A 835 6.98 0.31 7.32
C LEU A 835 6.81 0.24 5.78
N ARG A 836 5.69 0.69 5.26
CA ARG A 836 5.34 0.36 3.88
C ARG A 836 6.24 0.85 2.74
N GLN A 837 7.15 1.77 3.02
CA GLN A 837 8.23 2.03 2.06
C GLN A 837 9.24 0.86 2.07
N ASP A 838 9.75 0.52 3.26
CA ASP A 838 10.60 -0.66 3.47
C ASP A 838 9.92 -1.88 2.82
N MET A 839 8.70 -2.13 3.24
CA MET A 839 7.88 -3.23 2.73
C MET A 839 8.04 -3.43 1.22
N LEU A 840 8.00 -2.31 0.49
CA LEU A 840 8.04 -2.35 -0.97
C LEU A 840 9.46 -2.59 -1.50
N THR A 841 10.44 -1.83 -1.01
CA THR A 841 11.85 -1.99 -1.46
C THR A 841 12.38 -3.44 -1.23
N LEU A 842 12.04 -3.99 -0.05
CA LEU A 842 12.31 -5.40 0.26
C LEU A 842 11.57 -6.29 -0.72
N GLN A 843 10.31 -5.99 -1.02
CA GLN A 843 9.61 -6.69 -2.09
C GLN A 843 10.30 -6.52 -3.46
N ILE A 844 10.84 -5.35 -3.74
CA ILE A 844 11.51 -5.11 -5.03
C ILE A 844 12.79 -5.96 -5.10
N ILE A 845 13.66 -5.77 -4.10
CA ILE A 845 14.83 -6.63 -3.88
C ILE A 845 14.54 -8.12 -4.13
N ARG A 846 13.54 -8.65 -3.42
CA ARG A 846 13.14 -10.05 -3.52
C ARG A 846 12.86 -10.46 -4.97
N ILE A 847 12.29 -9.54 -5.76
CA ILE A 847 12.01 -9.82 -7.18
C ILE A 847 13.27 -9.77 -8.04
N MET A 848 14.18 -8.84 -7.73
CA MET A 848 15.46 -8.78 -8.42
C MET A 848 16.29 -10.04 -8.14
N GLU A 849 16.25 -10.53 -6.91
CA GLU A 849 16.95 -11.76 -6.57
C GLU A 849 16.42 -12.86 -7.46
N ASN A 850 15.10 -13.01 -7.52
CA ASN A 850 14.49 -14.04 -8.36
C ASN A 850 14.82 -13.88 -9.82
N ILE A 851 14.61 -12.69 -10.35
CA ILE A 851 14.99 -12.38 -11.73
C ILE A 851 16.42 -12.83 -12.03
N TRP A 852 17.32 -12.51 -11.12
CA TRP A 852 18.72 -12.88 -11.28
C TRP A 852 18.93 -14.38 -11.23
N GLN A 853 18.56 -14.96 -10.09
CA GLN A 853 18.92 -16.34 -9.75
C GLN A 853 18.33 -17.30 -10.76
N ASN A 854 17.05 -17.15 -11.05
CA ASN A 854 16.35 -18.02 -12.01
C ASN A 854 16.78 -17.82 -13.47
N GLN A 855 17.53 -16.74 -13.74
CA GLN A 855 18.27 -16.57 -14.99
C GLN A 855 19.74 -16.99 -14.86
N GLY A 856 20.01 -17.98 -14.02
CA GLY A 856 21.37 -18.45 -13.77
C GLY A 856 22.41 -17.38 -13.44
N LEU A 857 22.24 -16.67 -12.32
CA LEU A 857 23.35 -15.94 -11.70
C LEU A 857 23.09 -15.59 -10.23
N ASP A 858 24.01 -16.03 -9.38
CA ASP A 858 23.79 -16.22 -7.95
C ASP A 858 24.28 -14.99 -7.19
N LEU A 859 23.37 -14.06 -6.95
CA LEU A 859 23.65 -12.93 -6.10
C LEU A 859 22.72 -13.08 -4.92
N ARG A 860 23.24 -13.08 -3.70
CA ARG A 860 22.39 -13.44 -2.58
C ARG A 860 21.96 -12.22 -1.72
N MET A 861 20.76 -11.77 -2.06
CA MET A 861 20.07 -10.70 -1.35
C MET A 861 19.31 -11.32 -0.17
N LEU A 862 19.14 -10.55 0.90
CA LEU A 862 18.41 -11.03 2.07
C LEU A 862 17.20 -10.10 2.28
N PRO A 863 16.11 -10.37 1.54
CA PRO A 863 14.90 -9.62 1.74
C PRO A 863 14.26 -10.05 3.06
N TYR A 864 14.84 -9.57 4.16
CA TYR A 864 14.34 -9.85 5.49
C TYR A 864 12.88 -9.39 5.56
N GLY A 865 12.03 -10.20 6.16
CA GLY A 865 10.59 -9.91 6.21
C GLY A 865 10.15 -8.62 6.92
N CYS A 866 9.13 -7.99 6.36
CA CYS A 866 8.52 -6.78 6.91
C CYS A 866 7.01 -6.80 6.69
N LEU A 867 6.27 -6.26 7.64
CA LEU A 867 4.81 -6.19 7.51
C LEU A 867 4.23 -5.05 8.32
N SER A 868 3.57 -4.12 7.63
CA SER A 868 2.83 -3.03 8.27
C SER A 868 1.48 -3.59 8.54
N ILE A 869 0.98 -3.35 9.76
CA ILE A 869 -0.34 -3.80 10.20
C ILE A 869 -1.29 -2.65 10.56
N GLY A 870 -0.88 -1.43 10.26
CA GLY A 870 -1.52 -0.27 10.88
C GLY A 870 -0.90 1.04 10.45
N ASP A 871 -1.26 2.11 11.17
CA ASP A 871 -0.85 3.46 10.83
C ASP A 871 0.50 3.62 11.47
N CYS A 872 1.53 3.50 10.65
CA CYS A 872 2.89 3.42 11.16
C CYS A 872 2.99 2.43 12.32
N VAL A 873 2.76 1.15 12.01
CA VAL A 873 2.92 0.03 12.94
C VAL A 873 3.30 -1.21 12.12
N GLY A 874 4.12 -2.09 12.69
CA GLY A 874 4.56 -3.26 11.95
C GLY A 874 5.51 -4.24 12.62
N LEU A 875 5.99 -5.16 11.80
CA LEU A 875 6.77 -6.25 12.27
C LEU A 875 7.92 -6.45 11.33
N ILE A 876 9.10 -6.64 11.93
CA ILE A 876 10.32 -6.84 11.18
C ILE A 876 11.00 -8.12 11.66
N GLU A 877 11.20 -9.07 10.72
CA GLU A 877 11.99 -10.30 10.91
C GLU A 877 13.37 -9.99 11.43
N VAL A 878 13.74 -10.68 12.51
CA VAL A 878 15.10 -10.60 13.07
C VAL A 878 16.01 -11.57 12.35
N VAL A 879 17.19 -11.10 11.94
CA VAL A 879 18.18 -12.01 11.40
C VAL A 879 19.23 -12.24 12.48
N ARG A 880 19.27 -13.47 13.03
CA ARG A 880 20.21 -13.85 14.10
C ARG A 880 21.60 -13.89 13.50
N ASN A 881 22.60 -13.56 14.31
CA ASN A 881 23.99 -13.54 13.89
C ASN A 881 24.23 -12.60 12.70
N SER A 882 23.79 -11.37 12.86
CA SER A 882 24.22 -10.34 11.93
C SER A 882 24.43 -9.04 12.70
N HIS A 883 25.37 -8.25 12.21
CA HIS A 883 25.83 -7.10 12.93
C HIS A 883 26.04 -5.96 11.96
N THR A 884 25.77 -4.74 12.44
CA THR A 884 26.04 -3.54 11.67
C THR A 884 27.53 -3.32 11.66
N ILE A 885 28.03 -2.88 10.51
CA ILE A 885 29.46 -2.70 10.35
C ILE A 885 29.98 -2.00 11.59
N MET A 886 29.34 -0.90 11.99
CA MET A 886 29.72 -0.19 13.21
C MET A 886 30.07 -1.13 14.37
N GLN A 887 29.18 -2.05 14.69
CA GLN A 887 29.45 -3.02 15.75
C GLN A 887 30.70 -3.84 15.48
N ILE A 888 30.88 -4.25 14.23
CA ILE A 888 32.12 -4.92 13.84
C ILE A 888 33.32 -4.08 14.31
N GLN A 889 33.29 -2.79 14.01
CA GLN A 889 34.43 -1.92 14.24
C GLN A 889 34.57 -1.49 15.69
N CYS A 890 33.49 -1.47 16.47
CA CYS A 890 33.59 -1.30 17.93
C CYS A 890 34.29 -2.49 18.60
N LYS A 891 33.86 -3.70 18.20
CA LYS A 891 34.45 -4.94 18.71
C LYS A 891 35.85 -5.28 18.16
N GLY A 892 36.32 -4.55 17.13
CA GLY A 892 37.72 -4.67 16.63
C GLY A 892 38.62 -3.47 16.92
N GLY A 893 38.08 -2.43 17.55
CA GLY A 893 38.82 -1.20 17.86
C GLY A 893 39.72 -1.35 19.06
N LEU A 894 41.00 -1.04 18.87
CA LEU A 894 42.06 -1.31 19.85
C LEU A 894 42.17 -0.21 20.91
N LYS A 895 42.54 -0.64 22.13
CA LYS A 895 43.06 0.22 23.22
C LYS A 895 42.39 1.62 23.33
N GLY A 896 43.19 2.70 23.30
CA GLY A 896 42.70 4.05 23.53
C GLY A 896 42.13 4.59 22.25
N ALA A 897 40.85 4.98 22.32
CA ALA A 897 40.05 5.44 21.17
C ALA A 897 40.82 6.46 20.29
N LEU A 898 41.24 6.02 19.09
CA LEU A 898 42.13 6.81 18.21
C LEU A 898 41.64 6.89 16.75
N GLN A 899 41.51 5.73 16.11
CA GLN A 899 40.99 5.57 14.73
C GLN A 899 40.66 4.09 14.50
N PHE A 900 39.55 3.79 13.81
CA PHE A 900 39.20 2.38 13.51
C PHE A 900 39.93 1.89 12.27
N ASN A 901 40.20 0.60 12.24
CA ASN A 901 41.01 -0.03 11.21
C ASN A 901 40.14 -0.52 10.04
N SER A 902 40.54 -0.22 8.80
CA SER A 902 39.83 -0.72 7.59
C SER A 902 39.79 -2.25 7.52
N HIS A 903 40.79 -2.88 8.11
CA HIS A 903 40.86 -4.33 8.13
C HIS A 903 39.96 -5.00 9.17
N THR A 904 39.54 -4.33 10.27
CA THR A 904 38.74 -5.02 11.31
C THR A 904 37.62 -5.85 10.67
N LEU A 905 36.91 -5.29 9.67
CA LEU A 905 35.83 -6.05 9.01
C LEU A 905 36.36 -7.40 8.57
N HIS A 906 37.40 -7.35 7.76
CA HIS A 906 38.06 -8.53 7.28
C HIS A 906 38.60 -9.41 8.42
N GLN A 907 39.21 -8.79 9.45
CA GLN A 907 39.76 -9.52 10.61
C GLN A 907 38.67 -10.20 11.43
N TRP A 908 37.55 -9.50 11.58
CA TRP A 908 36.37 -10.03 12.26
C TRP A 908 35.73 -11.17 11.46
N LEU A 909 35.76 -11.04 10.13
CA LEU A 909 35.20 -12.04 9.24
C LEU A 909 36.06 -13.29 9.18
N LYS A 910 37.39 -13.11 9.07
CA LYS A 910 38.36 -14.24 9.19
C LYS A 910 38.20 -15.06 10.47
N ASP A 911 38.15 -14.37 11.62
CA ASP A 911 37.91 -15.01 12.92
C ASP A 911 36.71 -15.99 12.90
N LYS A 912 35.68 -15.70 12.08
CA LYS A 912 34.49 -16.57 11.97
C LYS A 912 34.72 -17.72 10.99
N ASN A 913 35.21 -17.39 9.81
CA ASN A 913 35.36 -18.36 8.72
C ASN A 913 36.82 -18.73 8.49
N LYS A 914 37.18 -19.98 8.77
CA LYS A 914 38.58 -20.44 8.81
C LYS A 914 38.74 -21.75 8.04
N GLY A 915 39.60 -21.76 7.03
CA GLY A 915 39.89 -22.98 6.27
C GLY A 915 39.43 -22.81 4.85
N GLU A 916 38.85 -23.88 4.29
CA GLU A 916 38.16 -23.78 3.00
C GLU A 916 36.87 -22.95 3.16
N ILE A 917 36.32 -22.96 4.38
CA ILE A 917 35.19 -22.12 4.79
C ILE A 917 35.43 -20.65 4.41
N TYR A 918 36.60 -20.10 4.76
CA TYR A 918 36.99 -18.71 4.41
C TYR A 918 36.73 -18.35 2.94
N ASP A 919 37.24 -19.13 2.00
CA ASP A 919 37.06 -18.81 0.57
C ASP A 919 35.61 -18.61 0.12
N ALA A 920 34.70 -19.44 0.65
CA ALA A 920 33.27 -19.34 0.36
C ALA A 920 32.61 -18.13 1.05
N ALA A 921 33.09 -17.78 2.24
CA ALA A 921 32.63 -16.58 2.96
C ALA A 921 32.93 -15.26 2.23
N ILE A 922 34.00 -15.22 1.43
CA ILE A 922 34.33 -14.05 0.60
C ILE A 922 33.45 -14.04 -0.62
N ASP A 923 33.42 -15.16 -1.36
CA ASP A 923 32.48 -15.38 -2.48
C ASP A 923 31.08 -14.89 -2.14
N LEU A 924 30.61 -15.22 -0.93
CA LEU A 924 29.30 -14.80 -0.45
C LEU A 924 29.21 -13.30 -0.27
N PHE A 925 30.13 -12.76 0.52
CA PHE A 925 30.27 -11.32 0.68
C PHE A 925 30.28 -10.65 -0.68
N THR A 926 31.11 -11.16 -1.59
CA THR A 926 31.27 -10.58 -2.92
C THR A 926 30.06 -10.75 -3.80
N ARG A 927 29.37 -11.87 -3.69
CA ARG A 927 28.12 -12.05 -4.41
C ARG A 927 27.00 -11.14 -3.83
N SER A 928 26.83 -11.15 -2.50
CA SER A 928 25.79 -10.33 -1.85
C SER A 928 26.07 -8.84 -1.96
N CYS A 929 27.33 -8.47 -1.92
CA CYS A 929 27.72 -7.08 -2.07
C CYS A 929 27.43 -6.61 -3.49
N ALA A 930 27.65 -7.48 -4.46
CA ALA A 930 27.41 -7.12 -5.86
C ALA A 930 25.94 -6.80 -6.10
N GLY A 931 25.08 -7.69 -5.64
CA GLY A 931 23.65 -7.48 -5.81
C GLY A 931 23.15 -6.26 -5.07
N TYR A 932 23.57 -6.10 -3.81
CA TYR A 932 23.13 -4.98 -3.01
C TYR A 932 23.68 -3.67 -3.57
N CYS A 933 24.80 -3.71 -4.28
CA CYS A 933 25.30 -2.51 -4.99
C CYS A 933 24.31 -2.09 -6.08
N VAL A 934 23.94 -3.04 -6.94
CA VAL A 934 23.12 -2.79 -8.12
C VAL A 934 21.68 -2.41 -7.79
N ALA A 935 21.07 -3.14 -6.86
CA ALA A 935 19.68 -2.87 -6.43
C ALA A 935 19.61 -1.47 -5.85
N THR A 936 20.46 -1.22 -4.86
CA THR A 936 20.57 0.07 -4.20
C THR A 936 20.74 1.27 -5.12
N PHE A 937 21.70 1.18 -6.03
CA PHE A 937 21.90 2.22 -7.07
C PHE A 937 20.66 2.43 -7.94
N ILE A 938 20.08 1.34 -8.45
CA ILE A 938 18.85 1.40 -9.28
C ILE A 938 17.64 2.00 -8.53
N LEU A 939 17.48 1.63 -7.27
CA LEU A 939 16.36 2.14 -6.47
C LEU A 939 16.63 3.50 -5.86
N GLY A 940 17.89 3.90 -5.77
CA GLY A 940 18.25 5.20 -5.20
C GLY A 940 17.97 5.34 -3.71
N ILE A 941 17.84 4.21 -3.02
CA ILE A 941 17.51 4.15 -1.58
C ILE A 941 18.43 5.03 -0.71
N GLY A 942 17.97 5.40 0.49
CA GLY A 942 18.69 6.36 1.35
C GLY A 942 20.15 5.98 1.52
N ASP A 943 21.04 6.98 1.55
CA ASP A 943 22.49 6.73 1.57
C ASP A 943 22.89 5.64 2.58
N ARG A 944 23.80 4.75 2.14
CA ARG A 944 24.30 3.64 2.97
C ARG A 944 25.48 4.10 3.81
N HIS A 945 25.53 3.70 5.08
CA HIS A 945 26.68 3.98 5.93
C HIS A 945 26.70 3.01 7.09
N ASN A 946 27.84 2.95 7.76
CA ASN A 946 28.17 1.90 8.76
C ASN A 946 27.04 1.34 9.64
N SER A 947 26.09 2.18 10.06
CA SER A 947 25.00 1.76 10.95
C SER A 947 23.74 1.24 10.25
N ASN A 948 23.72 1.18 8.92
CA ASN A 948 22.60 0.56 8.20
C ASN A 948 23.02 -0.52 7.18
N ILE A 949 24.24 -1.02 7.31
CA ILE A 949 24.76 -2.10 6.46
C ILE A 949 25.14 -3.21 7.40
N MET A 950 24.71 -4.43 7.08
CA MET A 950 24.91 -5.53 7.97
C MET A 950 25.57 -6.73 7.30
N VAL A 951 26.46 -7.35 8.08
CA VAL A 951 27.22 -8.50 7.66
C VAL A 951 26.97 -9.57 8.68
N LYS A 952 26.90 -10.82 8.20
CA LYS A 952 26.66 -12.00 9.06
C LYS A 952 27.92 -12.76 9.38
N ASP A 953 27.79 -13.69 10.33
CA ASP A 953 28.86 -14.65 10.60
C ASP A 953 29.30 -15.35 9.31
N ASP A 954 28.37 -15.92 8.54
CA ASP A 954 28.74 -16.59 7.27
C ASP A 954 29.33 -15.69 6.19
N GLY A 955 29.28 -14.37 6.36
CA GLY A 955 29.94 -13.42 5.44
C GLY A 955 29.05 -12.78 4.40
N GLN A 956 27.73 -12.99 4.52
CA GLN A 956 26.75 -12.39 3.63
C GLN A 956 26.51 -10.98 4.10
N LEU A 957 26.30 -10.11 3.12
CA LEU A 957 26.00 -8.70 3.37
C LEU A 957 24.55 -8.41 3.00
N PHE A 958 23.96 -7.48 3.75
CA PHE A 958 22.61 -6.99 3.48
C PHE A 958 22.36 -5.64 4.15
N HIS A 959 21.51 -4.84 3.50
CA HIS A 959 21.16 -3.50 3.98
C HIS A 959 19.86 -3.53 4.79
N ILE A 960 19.78 -2.64 5.78
CA ILE A 960 18.57 -2.39 6.58
C ILE A 960 18.20 -0.91 6.45
N ASP A 961 17.10 -0.51 7.08
CA ASP A 961 16.67 0.88 7.21
C ASP A 961 16.87 1.69 5.92
N PHE A 962 15.99 1.46 4.95
CA PHE A 962 16.19 2.02 3.62
C PHE A 962 15.83 3.51 3.49
N GLY A 963 15.03 4.02 4.44
CA GLY A 963 14.56 5.41 4.40
C GLY A 963 13.63 5.64 3.24
N HIS A 964 13.94 6.63 2.41
CA HIS A 964 13.10 6.98 1.29
C HIS A 964 13.70 6.42 0.02
N PHE A 965 12.90 5.76 -0.83
CA PHE A 965 13.44 5.01 -2.00
C PHE A 965 13.86 5.82 -3.23
N LEU A 966 12.95 6.36 -4.03
CA LEU A 966 13.35 6.78 -5.40
C LEU A 966 14.16 8.10 -5.48
N ASP A 967 14.89 8.42 -4.42
CA ASP A 967 15.66 9.66 -4.24
C ASP A 967 14.71 10.76 -3.79
N HIS A 968 13.93 10.47 -2.75
CA HIS A 968 12.92 11.40 -2.26
C HIS A 968 13.48 12.52 -1.35
N LYS A 969 14.78 12.51 -1.06
CA LYS A 969 15.45 13.71 -0.52
C LYS A 969 15.89 14.72 -1.60
N LYS A 970 15.65 14.39 -2.89
CA LYS A 970 15.91 15.31 -4.04
C LYS A 970 14.78 16.34 -4.31
N LYS A 971 13.67 16.27 -3.54
CA LYS A 971 12.63 17.33 -3.55
C LYS A 971 13.26 18.65 -3.10
N LYS A 972 14.09 18.55 -2.06
CA LYS A 972 15.05 19.61 -1.73
C LYS A 972 16.15 19.50 -2.79
N PHE A 973 16.42 20.61 -3.50
CA PHE A 973 17.22 20.63 -4.75
C PHE A 973 17.04 19.45 -5.75
N GLY A 974 17.73 18.33 -5.51
CA GLY A 974 17.75 17.21 -6.43
C GLY A 974 18.36 17.48 -7.79
N TYR A 975 17.58 17.21 -8.85
CA TYR A 975 17.96 17.45 -10.25
C TYR A 975 19.17 16.61 -10.72
N LYS A 976 18.89 15.64 -11.61
CA LYS A 976 19.90 14.77 -12.27
C LYS A 976 21.11 14.38 -11.40
N ARG A 977 20.83 14.07 -10.13
CA ARG A 977 21.86 13.70 -9.16
C ARG A 977 22.33 12.26 -9.36
N GLU A 978 21.40 11.38 -9.77
CA GLU A 978 21.68 9.96 -10.08
C GLU A 978 22.71 9.39 -9.13
N ARG A 979 22.31 9.34 -7.86
CA ARG A 979 23.22 9.12 -6.74
C ARG A 979 23.68 7.66 -6.60
N VAL A 980 24.88 7.49 -6.03
CA VAL A 980 25.38 6.18 -5.60
C VAL A 980 25.22 6.10 -4.09
N PRO A 981 24.29 5.24 -3.62
CA PRO A 981 24.09 5.13 -2.17
C PRO A 981 25.00 4.10 -1.52
N PHE A 982 25.28 2.98 -2.21
CA PHE A 982 26.29 2.03 -1.74
C PHE A 982 27.63 2.34 -2.40
N VAL A 983 28.48 3.00 -1.60
CA VAL A 983 29.83 3.43 -1.99
C VAL A 983 30.83 2.57 -1.22
N LEU A 984 31.43 1.61 -1.93
CA LEU A 984 32.34 0.65 -1.35
C LEU A 984 33.60 1.35 -0.87
N THR A 985 33.62 1.62 0.43
CA THR A 985 34.83 2.07 1.10
C THR A 985 35.95 1.02 0.98
N GLN A 986 37.11 1.32 1.55
CA GLN A 986 38.23 0.36 1.57
C GLN A 986 37.72 -0.92 2.22
N ASP A 987 37.22 -0.76 3.45
CA ASP A 987 36.68 -1.86 4.25
C ASP A 987 36.15 -3.00 3.42
N PHE A 988 35.27 -2.63 2.47
CA PHE A 988 34.58 -3.59 1.59
C PHE A 988 35.52 -4.16 0.56
N LEU A 989 36.29 -3.27 -0.06
CA LEU A 989 37.25 -3.65 -1.10
C LEU A 989 38.31 -4.64 -0.60
N ILE A 990 38.84 -4.39 0.60
CA ILE A 990 39.84 -5.27 1.19
C ILE A 990 39.31 -6.71 1.24
N VAL A 991 38.12 -6.84 1.81
CA VAL A 991 37.48 -8.14 2.02
C VAL A 991 37.24 -8.82 0.67
N ILE A 992 36.82 -8.04 -0.32
CA ILE A 992 36.53 -8.56 -1.66
C ILE A 992 37.74 -9.22 -2.33
N SER A 993 38.93 -8.67 -2.06
CA SER A 993 40.18 -9.15 -2.66
C SER A 993 41.08 -9.85 -1.63
N LYS A 994 40.47 -10.81 -0.94
CA LYS A 994 41.08 -11.53 0.18
C LYS A 994 41.78 -10.64 1.19
N GLY A 995 43.01 -10.20 0.90
CA GLY A 995 43.66 -9.21 1.76
C GLY A 995 44.61 -8.22 1.13
N ALA A 996 44.63 -8.12 -0.21
CA ALA A 996 45.67 -7.35 -0.92
C ALA A 996 45.64 -5.86 -0.60
N GLN A 997 46.80 -5.23 -0.68
CA GLN A 997 46.87 -3.78 -0.70
C GLN A 997 46.75 -3.38 -2.17
N GLU A 998 46.09 -2.25 -2.39
CA GLU A 998 45.69 -1.80 -3.74
C GLU A 998 44.73 -2.84 -4.35
N CYS A 999 43.60 -2.94 -3.65
CA CYS A 999 42.55 -3.94 -3.81
C CYS A 999 41.90 -3.85 -5.15
N THR A 1000 41.67 -2.59 -5.57
CA THR A 1000 41.07 -2.22 -6.85
C THR A 1000 41.72 -2.83 -8.09
N LYS A 1001 42.74 -3.67 -7.89
CA LYS A 1001 43.61 -4.16 -8.96
C LYS A 1001 43.62 -5.70 -9.12
N THR A 1002 43.01 -6.44 -8.18
CA THR A 1002 42.97 -7.91 -8.25
C THR A 1002 42.02 -8.44 -9.34
N ARG A 1003 42.12 -9.73 -9.65
CA ARG A 1003 41.10 -10.42 -10.46
C ARG A 1003 39.88 -10.71 -9.60
N GLU A 1004 40.10 -10.83 -8.29
CA GLU A 1004 39.01 -10.96 -7.30
C GLU A 1004 37.97 -9.86 -7.54
N PHE A 1005 38.47 -8.65 -7.80
CA PHE A 1005 37.68 -7.44 -8.08
C PHE A 1005 37.23 -7.30 -9.52
N GLU A 1006 38.00 -7.77 -10.48
CA GLU A 1006 37.51 -7.89 -11.85
C GLU A 1006 36.20 -8.67 -11.89
N ARG A 1007 36.18 -9.84 -11.24
CA ARG A 1007 34.98 -10.69 -11.16
C ARG A 1007 33.81 -9.91 -10.59
N PHE A 1008 34.02 -9.29 -9.43
CA PHE A 1008 33.02 -8.50 -8.72
C PHE A 1008 32.34 -7.50 -9.64
N GLN A 1009 33.15 -6.68 -10.33
CA GLN A 1009 32.64 -5.74 -11.32
C GLN A 1009 31.80 -6.44 -12.38
N GLU A 1010 32.33 -7.53 -12.93
CA GLU A 1010 31.60 -8.36 -13.90
C GLU A 1010 30.29 -8.92 -13.35
N MET A 1011 30.20 -9.18 -12.04
CA MET A 1011 28.92 -9.52 -11.44
C MET A 1011 28.00 -8.31 -11.59
N CYS A 1012 28.47 -7.17 -11.07
CA CYS A 1012 27.70 -5.92 -11.05
C CYS A 1012 27.14 -5.56 -12.45
N TYR A 1013 27.97 -5.62 -13.49
CA TYR A 1013 27.52 -5.27 -14.87
C TYR A 1013 26.45 -6.23 -15.40
N LYS A 1014 26.69 -7.53 -15.23
CA LYS A 1014 25.75 -8.56 -15.67
C LYS A 1014 24.42 -8.44 -14.96
N ALA A 1015 24.47 -8.13 -13.66
CA ALA A 1015 23.27 -7.89 -12.83
C ALA A 1015 22.51 -6.61 -13.22
N TYR A 1016 23.24 -5.49 -13.32
CA TYR A 1016 22.67 -4.24 -13.83
C TYR A 1016 21.91 -4.39 -15.16
N LEU A 1017 22.49 -5.12 -16.10
CA LEU A 1017 21.83 -5.41 -17.36
C LEU A 1017 20.63 -6.34 -17.21
N ALA A 1018 20.73 -7.30 -16.29
CA ALA A 1018 19.63 -8.26 -16.06
C ALA A 1018 18.34 -7.58 -15.59
N ILE A 1019 18.47 -6.61 -14.69
CA ILE A 1019 17.34 -5.80 -14.24
C ILE A 1019 16.80 -4.89 -15.37
N ARG A 1020 17.70 -4.40 -16.21
CA ARG A 1020 17.39 -3.54 -17.34
C ARG A 1020 16.48 -4.20 -18.36
N GLN A 1021 16.60 -5.50 -18.52
CA GLN A 1021 15.70 -6.21 -19.43
C GLN A 1021 14.30 -6.43 -18.83
N HIS A 1022 14.17 -6.23 -17.52
CA HIS A 1022 12.89 -6.38 -16.85
C HIS A 1022 12.25 -5.07 -16.39
N ALA A 1023 12.85 -3.95 -16.76
CA ALA A 1023 12.41 -2.61 -16.30
C ALA A 1023 10.95 -2.27 -16.57
N ASN A 1024 10.32 -2.95 -17.53
CA ASN A 1024 8.88 -2.80 -17.69
C ASN A 1024 8.15 -3.11 -16.38
N LEU A 1025 8.44 -4.27 -15.82
CA LEU A 1025 7.87 -4.70 -14.55
C LEU A 1025 8.09 -3.67 -13.45
N PHE A 1026 9.34 -3.31 -13.24
CA PHE A 1026 9.68 -2.50 -12.10
C PHE A 1026 8.99 -1.15 -12.11
N ILE A 1027 8.86 -0.58 -13.30
CA ILE A 1027 8.01 0.59 -13.54
C ILE A 1027 6.59 0.24 -13.02
N ASN A 1028 5.98 -0.80 -13.61
CA ASN A 1028 4.57 -1.17 -13.36
C ASN A 1028 4.27 -1.46 -11.91
N LEU A 1029 5.25 -2.04 -11.21
CA LEU A 1029 5.14 -2.33 -9.79
C LEU A 1029 5.09 -1.03 -9.02
N PHE A 1030 5.94 -0.07 -9.39
CA PHE A 1030 5.92 1.23 -8.76
C PHE A 1030 4.66 2.01 -9.19
N SER A 1031 4.28 1.85 -10.45
CA SER A 1031 3.04 2.45 -10.95
C SER A 1031 1.80 1.99 -10.16
N MET A 1032 1.74 0.71 -9.84
CA MET A 1032 0.60 0.21 -9.09
C MET A 1032 0.53 0.77 -7.68
N MET A 1033 1.68 1.23 -7.15
CA MET A 1033 1.78 1.70 -5.77
C MET A 1033 1.40 3.17 -5.55
N LEU A 1034 1.22 3.90 -6.64
CA LEU A 1034 0.77 5.31 -6.57
C LEU A 1034 -0.53 5.47 -5.77
N GLY A 1035 -1.40 4.47 -5.87
CA GLY A 1035 -2.63 4.35 -5.08
C GLY A 1035 -2.44 4.68 -3.60
N SER A 1036 -1.51 3.99 -2.95
CA SER A 1036 -1.20 4.28 -1.55
C SER A 1036 -0.78 5.72 -1.37
N GLY A 1037 -0.90 6.18 -0.14
CA GLY A 1037 -0.48 7.53 0.21
C GLY A 1037 0.97 7.62 0.64
N MET A 1038 1.87 6.95 -0.07
CA MET A 1038 3.30 7.08 0.21
C MET A 1038 3.79 8.39 -0.41
N PRO A 1039 4.41 9.28 0.40
CA PRO A 1039 4.90 10.53 -0.18
C PRO A 1039 5.97 10.31 -1.25
N GLU A 1040 6.70 9.20 -1.17
CA GLU A 1040 7.74 8.89 -2.14
C GLU A 1040 7.17 8.59 -3.53
N LEU A 1041 5.88 8.21 -3.59
CA LEU A 1041 5.16 7.89 -4.84
C LEU A 1041 3.86 8.67 -4.91
N GLN A 1042 3.95 9.91 -5.39
CA GLN A 1042 2.78 10.77 -5.56
C GLN A 1042 2.32 10.85 -6.99
N SER A 1043 3.25 10.80 -7.95
CA SER A 1043 2.92 10.72 -9.39
C SER A 1043 4.07 10.18 -10.25
N PHE A 1044 3.71 9.68 -11.42
CA PHE A 1044 4.59 8.89 -12.32
C PHE A 1044 6.03 9.35 -12.55
N ASP A 1045 6.29 10.64 -12.49
CA ASP A 1045 7.67 11.12 -12.60
C ASP A 1045 8.48 10.86 -11.33
N ASP A 1046 7.82 10.71 -10.18
CA ASP A 1046 8.50 10.08 -9.03
C ASP A 1046 9.15 8.77 -9.50
N ILE A 1047 8.37 7.94 -10.18
CA ILE A 1047 8.81 6.66 -10.70
C ILE A 1047 9.84 6.81 -11.78
N ALA A 1048 9.73 7.89 -12.55
CA ALA A 1048 10.65 8.13 -13.66
C ALA A 1048 12.15 8.22 -13.32
N TYR A 1049 12.52 8.41 -12.05
CA TYR A 1049 13.94 8.27 -11.63
C TYR A 1049 14.54 6.93 -12.07
N ILE A 1050 13.74 5.88 -11.92
CA ILE A 1050 14.15 4.52 -12.28
C ILE A 1050 14.50 4.35 -13.77
N ARG A 1051 14.03 5.27 -14.62
CA ARG A 1051 14.35 5.25 -16.05
C ARG A 1051 15.77 5.72 -16.29
N LYS A 1052 16.14 6.80 -15.61
CA LYS A 1052 17.48 7.39 -15.76
C LYS A 1052 18.53 6.42 -15.28
N THR A 1053 18.32 5.95 -14.06
CA THR A 1053 19.23 5.03 -13.37
C THR A 1053 19.37 3.67 -14.11
N LEU A 1054 18.30 3.15 -14.69
CA LEU A 1054 18.40 1.99 -15.60
C LEU A 1054 18.85 2.38 -17.02
N ALA A 1055 18.73 3.66 -17.37
CA ALA A 1055 19.16 4.21 -18.66
C ALA A 1055 18.42 3.54 -19.83
N LEU A 1056 17.11 3.76 -19.87
CA LEU A 1056 16.23 3.06 -20.81
C LEU A 1056 16.12 3.79 -22.16
N ASP A 1057 16.33 5.11 -22.15
CA ASP A 1057 16.35 5.91 -23.40
C ASP A 1057 17.63 5.71 -24.24
N LYS A 1058 18.56 4.87 -23.75
CA LYS A 1058 19.80 4.55 -24.45
C LYS A 1058 19.82 3.09 -24.96
N THR A 1059 20.92 2.72 -25.64
CA THR A 1059 21.23 1.32 -25.94
C THR A 1059 21.83 0.71 -24.70
N GLU A 1060 21.82 -0.62 -24.63
CA GLU A 1060 22.40 -1.27 -23.48
C GLU A 1060 23.90 -0.99 -23.33
N GLN A 1061 24.62 -0.89 -24.45
CA GLN A 1061 26.06 -0.60 -24.39
C GLN A 1061 26.31 0.77 -23.76
N GLU A 1062 25.50 1.75 -24.12
CA GLU A 1062 25.59 3.07 -23.49
C GLU A 1062 25.27 2.92 -22.02
N ALA A 1063 24.17 2.20 -21.74
CA ALA A 1063 23.71 1.97 -20.38
C ALA A 1063 24.77 1.31 -19.49
N LEU A 1064 25.53 0.36 -20.04
CA LEU A 1064 26.69 -0.19 -19.34
C LEU A 1064 27.71 0.88 -18.98
N GLU A 1065 28.07 1.68 -19.99
CA GLU A 1065 29.05 2.73 -19.84
C GLU A 1065 28.54 3.82 -18.90
N TYR A 1066 27.25 4.14 -19.03
CA TYR A 1066 26.55 5.01 -18.07
C TYR A 1066 26.76 4.49 -16.65
N PHE A 1067 26.50 3.20 -16.44
CA PHE A 1067 26.59 2.60 -15.11
C PHE A 1067 28.03 2.64 -14.61
N MET A 1068 28.96 2.23 -15.47
CA MET A 1068 30.38 2.28 -15.15
C MET A 1068 30.81 3.68 -14.78
N LYS A 1069 30.43 4.66 -15.61
CA LYS A 1069 30.66 6.08 -15.28
C LYS A 1069 30.11 6.43 -13.90
N GLN A 1070 28.82 6.15 -13.70
CA GLN A 1070 28.15 6.45 -12.44
C GLN A 1070 28.86 5.77 -11.28
N MET A 1071 29.27 4.52 -11.49
CA MET A 1071 30.02 3.76 -10.46
C MET A 1071 31.43 4.31 -10.25
N ASN A 1072 32.08 4.72 -11.34
CA ASN A 1072 33.47 5.19 -11.26
C ASN A 1072 33.60 6.41 -10.36
N ASP A 1073 32.78 7.43 -10.63
CA ASP A 1073 32.88 8.73 -9.96
C ASP A 1073 32.57 8.79 -8.46
N ALA A 1074 31.87 7.77 -7.94
CA ALA A 1074 31.63 7.67 -6.50
C ALA A 1074 32.82 7.06 -5.75
N HIS A 1075 33.57 6.19 -6.44
CA HIS A 1075 34.83 5.61 -5.89
C HIS A 1075 36.11 6.30 -6.40
N HIS A 1076 35.98 7.17 -7.41
CA HIS A 1076 37.09 7.89 -8.06
C HIS A 1076 38.21 6.95 -8.53
N GLY A 1077 37.87 6.13 -9.53
CA GLY A 1077 38.80 5.18 -10.15
C GLY A 1077 38.41 3.74 -9.91
N GLY A 1078 38.47 2.92 -10.96
CA GLY A 1078 38.20 1.49 -10.86
C GLY A 1078 37.59 0.82 -12.08
N TRP A 1079 36.80 1.57 -12.86
CA TRP A 1079 35.78 0.99 -13.76
C TRP A 1079 35.99 1.38 -15.24
N THR A 1080 36.36 0.39 -16.08
CA THR A 1080 36.47 0.56 -17.55
C THR A 1080 36.12 -0.74 -18.29
N SER B 6 21.78 31.07 -33.70
CA SER B 6 20.29 31.27 -33.49
C SER B 6 19.54 29.96 -33.26
N LEU B 7 19.72 28.99 -34.16
CA LEU B 7 19.00 27.69 -34.07
C LEU B 7 19.43 26.83 -32.87
N GLN B 8 20.63 27.12 -32.34
CA GLN B 8 21.09 26.64 -31.01
C GLN B 8 20.49 27.46 -29.87
N ASP B 9 20.39 28.79 -30.06
CA ASP B 9 19.75 29.67 -29.07
C ASP B 9 18.22 29.50 -29.15
N ALA B 10 17.57 30.15 -30.13
CA ALA B 10 16.15 29.96 -30.44
C ALA B 10 15.12 30.05 -29.29
N GLU B 11 15.50 30.62 -28.14
CA GLU B 11 14.63 30.71 -26.93
C GLU B 11 14.07 29.34 -26.46
N TRP B 12 13.07 28.82 -27.18
CA TRP B 12 12.41 27.56 -26.85
C TRP B 12 13.24 26.30 -27.10
N TYR B 13 14.27 26.38 -27.94
CA TYR B 13 15.07 25.20 -28.21
C TYR B 13 16.01 24.98 -27.03
N TRP B 14 16.09 23.71 -26.58
CA TRP B 14 16.98 23.31 -25.49
C TRP B 14 17.96 22.26 -26.02
N GLY B 15 17.45 21.09 -26.41
CA GLY B 15 18.26 20.03 -27.01
C GLY B 15 19.47 19.57 -26.21
N ARG B 19 13.75 14.38 -21.10
CA ARG B 19 12.37 13.91 -21.20
C ARG B 19 11.68 14.17 -19.89
N GLU B 20 12.33 13.74 -18.81
CA GLU B 20 11.82 13.94 -17.48
C GLU B 20 11.88 15.44 -17.21
N GLU B 21 13.06 16.03 -17.42
CA GLU B 21 13.32 17.46 -17.16
C GLU B 21 12.53 18.42 -18.06
N VAL B 22 12.03 17.91 -19.19
CA VAL B 22 11.01 18.62 -19.97
C VAL B 22 9.73 18.73 -19.14
N ASN B 23 9.22 17.58 -18.68
CA ASN B 23 7.97 17.51 -17.90
C ASN B 23 8.02 18.37 -16.63
N GLU B 24 9.20 18.52 -16.02
CA GLU B 24 9.39 19.37 -14.83
C GLU B 24 9.42 20.88 -15.18
N LYS B 25 9.90 21.23 -16.36
CA LYS B 25 9.77 22.59 -16.89
C LYS B 25 8.36 22.90 -17.39
N LEU B 26 7.66 21.87 -17.88
CA LEU B 26 6.24 21.97 -18.25
C LEU B 26 5.25 21.91 -17.06
N ARG B 27 5.66 21.33 -15.93
CA ARG B 27 4.77 21.17 -14.76
C ARG B 27 4.19 22.51 -14.30
N ASP B 28 2.88 22.53 -14.04
CA ASP B 28 2.12 23.70 -13.55
C ASP B 28 2.09 24.95 -14.46
N THR B 29 2.32 24.81 -15.78
CA THR B 29 2.06 25.92 -16.74
C THR B 29 0.71 25.68 -17.43
N ALA B 30 0.19 26.73 -18.05
CA ALA B 30 -1.19 26.77 -18.55
C ALA B 30 -1.37 26.10 -19.92
N ASP B 31 -2.63 26.06 -20.35
CA ASP B 31 -3.05 25.46 -21.61
C ASP B 31 -2.46 26.22 -22.83
N GLY B 32 -1.41 25.68 -23.44
CA GLY B 32 -0.77 26.30 -24.61
C GLY B 32 0.75 26.41 -24.59
N THR B 33 1.36 26.25 -23.40
CA THR B 33 2.84 26.32 -23.24
C THR B 33 3.61 25.20 -23.99
N PHE B 34 4.85 25.50 -24.43
CA PHE B 34 5.65 24.55 -25.23
C PHE B 34 7.18 24.75 -25.21
N LEU B 35 7.85 23.76 -25.82
CA LEU B 35 9.28 23.78 -26.11
C LEU B 35 9.66 22.62 -27.06
N VAL B 36 10.90 22.64 -27.57
CA VAL B 36 11.40 21.59 -28.48
C VAL B 36 12.56 20.77 -27.85
N ARG B 37 12.57 19.47 -28.16
CA ARG B 37 13.58 18.50 -27.70
C ARG B 37 14.33 17.93 -28.88
N ASP B 38 15.34 17.10 -28.59
CA ASP B 38 16.06 16.35 -29.61
C ASP B 38 15.38 14.97 -29.85
N THR B 41 17.13 8.06 -29.24
CA THR B 41 17.46 7.40 -30.50
C THR B 41 17.27 8.42 -31.63
N LYS B 42 18.27 8.49 -32.52
CA LYS B 42 18.17 9.24 -33.78
C LYS B 42 17.40 8.40 -34.82
N MET B 43 17.62 7.08 -34.79
CA MET B 43 16.82 6.10 -35.57
C MET B 43 15.43 5.89 -34.90
N HIS B 44 14.58 6.90 -35.10
CA HIS B 44 13.31 7.11 -34.36
C HIS B 44 12.69 8.38 -35.02
N GLY B 45 13.39 9.50 -34.83
CA GLY B 45 13.14 10.77 -35.53
C GLY B 45 14.30 11.69 -35.17
N ASP B 46 14.23 12.98 -35.50
CA ASP B 46 15.22 13.94 -35.02
C ASP B 46 14.71 14.74 -33.79
N TYR B 47 13.99 15.86 -34.00
CA TYR B 47 13.53 16.72 -32.88
C TYR B 47 12.12 16.36 -32.36
N THR B 48 11.69 16.99 -31.24
CA THR B 48 10.37 16.72 -30.62
C THR B 48 9.72 17.93 -29.94
N LEU B 49 8.66 18.45 -30.55
CA LEU B 49 7.83 19.51 -29.94
C LEU B 49 7.04 18.91 -28.79
N THR B 50 7.12 19.53 -27.62
CA THR B 50 6.35 19.10 -26.43
C THR B 50 5.34 20.20 -26.01
N LEU B 51 4.12 20.10 -26.53
CA LEU B 51 3.05 21.07 -26.28
C LEU B 51 2.18 20.64 -25.09
N ARG B 52 1.94 21.55 -24.15
CA ARG B 52 1.08 21.28 -22.97
C ARG B 52 -0.39 21.70 -23.19
N LYS B 53 -1.32 20.77 -22.91
CA LYS B 53 -2.77 21.03 -23.08
C LYS B 53 -3.63 20.52 -21.90
N GLY B 54 -3.96 21.41 -20.97
CA GLY B 54 -4.85 21.13 -19.85
C GLY B 54 -4.22 20.16 -18.86
N GLY B 55 -3.02 20.49 -18.40
CA GLY B 55 -2.28 19.66 -17.44
C GLY B 55 -1.69 18.37 -17.99
N ASN B 56 -1.63 18.24 -19.32
CA ASN B 56 -1.12 17.04 -19.99
C ASN B 56 -0.18 17.40 -21.14
N ASN B 57 0.84 16.56 -21.34
CA ASN B 57 1.92 16.81 -22.28
C ASN B 57 1.75 16.08 -23.61
N LYS B 58 1.49 16.85 -24.69
CA LYS B 58 1.38 16.33 -26.06
C LYS B 58 2.73 16.43 -26.80
N LEU B 59 3.31 15.27 -27.13
CA LEU B 59 4.60 15.18 -27.80
C LEU B 59 4.37 14.97 -29.30
N ILE B 60 4.92 15.88 -30.11
CA ILE B 60 4.74 15.86 -31.57
C ILE B 60 6.10 15.71 -32.26
N LYS B 61 6.22 14.67 -33.09
CA LYS B 61 7.46 14.31 -33.81
C LYS B 61 7.85 15.27 -34.95
N ILE B 62 9.14 15.65 -35.01
CA ILE B 62 9.74 16.47 -36.10
C ILE B 62 10.73 15.62 -36.92
N PHE B 63 10.36 15.34 -38.17
CA PHE B 63 11.17 14.53 -39.08
C PHE B 63 12.00 15.42 -40.01
N HIS B 64 13.25 15.01 -40.26
CA HIS B 64 14.19 15.71 -41.16
C HIS B 64 14.75 14.73 -42.21
N ARG B 65 14.65 15.09 -43.50
CA ARG B 65 15.18 14.25 -44.61
C ARG B 65 15.88 15.12 -45.69
N ASP B 66 15.27 15.33 -46.85
CA ASP B 66 15.86 16.19 -47.90
C ASP B 66 15.58 17.64 -47.55
N GLY B 67 16.38 18.20 -46.64
CA GLY B 67 16.24 19.59 -46.21
C GLY B 67 15.04 19.88 -45.32
N LYS B 68 13.85 19.53 -45.79
CA LYS B 68 12.58 19.85 -45.10
C LYS B 68 12.51 19.31 -43.67
N TYR B 69 11.87 20.11 -42.81
CA TYR B 69 11.55 19.73 -41.46
C TYR B 69 10.01 19.75 -41.33
N GLY B 70 9.42 18.66 -40.84
CA GLY B 70 7.96 18.57 -40.70
C GLY B 70 7.42 17.50 -39.78
N PHE B 71 6.11 17.57 -39.52
CA PHE B 71 5.38 16.56 -38.74
C PHE B 71 5.10 15.28 -39.54
N SER B 72 4.65 15.45 -40.78
CA SER B 72 4.44 14.32 -41.71
C SER B 72 4.42 14.73 -43.20
N ASP B 73 3.24 15.02 -43.75
CA ASP B 73 3.10 15.42 -45.16
C ASP B 73 3.53 16.86 -45.46
N PRO B 74 2.93 17.87 -44.77
CA PRO B 74 3.23 19.27 -45.13
C PRO B 74 4.67 19.67 -44.77
N LEU B 75 5.60 19.26 -45.64
CA LEU B 75 7.03 19.27 -45.34
C LEU B 75 7.72 20.61 -45.62
N THR B 76 7.18 21.41 -46.55
CA THR B 76 7.86 22.65 -46.98
C THR B 76 7.98 23.72 -45.87
N PHE B 77 8.93 23.48 -44.97
CA PHE B 77 9.42 24.45 -43.99
C PHE B 77 10.92 24.14 -43.88
N SER B 78 11.76 25.05 -44.37
CA SER B 78 13.20 24.76 -44.56
C SER B 78 14.06 24.66 -43.29
N SER B 79 13.47 24.97 -42.13
CA SER B 79 14.17 24.81 -40.84
C SER B 79 13.23 24.47 -39.68
N VAL B 80 13.87 24.11 -38.56
CA VAL B 80 13.17 23.87 -37.31
C VAL B 80 12.44 25.13 -36.84
N VAL B 81 13.12 26.29 -36.89
CA VAL B 81 12.54 27.59 -36.47
C VAL B 81 11.45 28.08 -37.46
N GLU B 82 11.53 27.64 -38.72
CA GLU B 82 10.48 27.89 -39.70
C GLU B 82 9.15 27.28 -39.22
N LEU B 83 9.20 26.03 -38.78
CA LEU B 83 8.00 25.27 -38.40
C LEU B 83 7.26 25.78 -37.14
N ILE B 84 7.99 26.37 -36.20
CA ILE B 84 7.44 26.74 -34.89
C ILE B 84 6.77 28.13 -34.88
N ASN B 85 7.42 29.13 -35.50
CA ASN B 85 6.85 30.48 -35.65
C ASN B 85 5.50 30.46 -36.38
N HIS B 86 5.40 29.61 -37.41
CA HIS B 86 4.16 29.38 -38.16
C HIS B 86 3.00 28.93 -37.26
N TYR B 87 3.30 28.05 -36.30
CA TYR B 87 2.30 27.54 -35.35
C TYR B 87 2.18 28.30 -34.02
N ARG B 88 3.01 29.33 -33.82
CA ARG B 88 2.81 30.27 -32.69
C ARG B 88 1.62 31.20 -32.98
N ASN B 89 1.50 31.62 -34.24
CA ASN B 89 0.32 32.37 -34.72
C ASN B 89 -0.94 31.52 -34.83
N GLU B 90 -0.77 30.26 -35.27
CA GLU B 90 -1.90 29.41 -35.71
C GLU B 90 -2.13 28.14 -34.87
N SER B 91 -3.30 27.55 -35.06
CA SER B 91 -3.72 26.34 -34.35
C SER B 91 -3.14 25.09 -35.02
N LEU B 92 -3.26 23.95 -34.33
CA LEU B 92 -2.72 22.67 -34.81
C LEU B 92 -3.78 21.71 -35.41
N ALA B 93 -5.02 22.18 -35.56
CA ALA B 93 -6.14 21.34 -36.00
C ALA B 93 -6.13 20.99 -37.50
N GLN B 94 -5.62 21.91 -38.33
CA GLN B 94 -5.49 21.70 -39.81
C GLN B 94 -4.55 20.55 -40.25
N TYR B 95 -3.62 20.18 -39.37
CA TYR B 95 -2.69 19.08 -39.61
C TYR B 95 -3.32 17.78 -39.09
N ASN B 96 -3.74 17.80 -37.82
CA ASN B 96 -4.30 16.64 -37.11
C ASN B 96 -5.51 17.09 -36.28
N PRO B 97 -6.71 16.46 -36.50
CA PRO B 97 -7.99 16.95 -35.96
C PRO B 97 -7.96 17.54 -34.54
N LYS B 98 -7.90 16.71 -33.48
CA LYS B 98 -8.17 17.17 -32.09
C LYS B 98 -6.96 17.88 -31.46
N LEU B 99 -6.53 18.97 -32.11
CA LEU B 99 -5.45 19.81 -31.62
C LEU B 99 -5.77 21.28 -31.94
N ASP B 100 -6.98 21.71 -31.55
CA ASP B 100 -7.41 23.10 -31.74
C ASP B 100 -6.93 24.00 -30.58
N VAL B 101 -5.60 24.05 -30.42
CA VAL B 101 -4.91 24.90 -29.45
C VAL B 101 -3.58 25.27 -30.10
N LYS B 102 -3.13 26.50 -29.88
CA LYS B 102 -1.93 27.04 -30.52
C LYS B 102 -0.69 26.75 -29.69
N LEU B 103 0.47 27.15 -30.23
CA LEU B 103 1.74 27.17 -29.51
C LEU B 103 1.89 28.54 -28.83
N LEU B 104 1.00 28.83 -27.87
CA LEU B 104 0.77 30.20 -27.38
C LEU B 104 1.94 30.76 -26.55
N TYR B 105 2.39 29.98 -25.57
CA TYR B 105 3.42 30.40 -24.62
C TYR B 105 4.76 29.73 -24.90
N PRO B 106 5.68 30.40 -25.64
CA PRO B 106 7.00 29.80 -25.85
C PRO B 106 7.90 29.97 -24.63
N VAL B 107 7.40 29.62 -23.44
CA VAL B 107 8.10 29.91 -22.20
C VAL B 107 9.34 29.04 -22.20
N SER B 108 10.45 29.66 -22.57
CA SER B 108 11.80 29.14 -22.31
C SER B 108 12.82 30.28 -22.28
N LYS B 109 12.41 31.38 -21.63
CA LYS B 109 13.32 32.48 -21.33
C LYS B 109 14.48 31.88 -20.58
N TYR B 110 15.68 32.36 -20.86
CA TYR B 110 16.87 31.90 -20.12
C TYR B 110 16.95 32.49 -18.69
N GLN B 111 15.83 33.04 -18.21
CA GLN B 111 15.58 33.34 -16.79
C GLN B 111 16.49 34.46 -16.29
N GLN B 112 16.62 35.47 -17.17
CA GLN B 112 17.29 36.72 -16.88
C GLN B 112 16.22 37.80 -16.73
N ASP B 113 14.95 37.38 -16.70
CA ASP B 113 13.78 38.25 -16.63
C ASP B 113 13.76 38.98 -15.28
N GLN B 114 14.05 38.23 -14.22
CA GLN B 114 14.29 38.78 -12.89
C GLN B 114 15.66 38.30 -12.39
N VAL B 115 15.71 37.40 -11.39
CA VAL B 115 16.95 37.05 -10.64
C VAL B 115 17.90 38.22 -10.28
N VAL B 116 17.32 39.41 -10.04
CA VAL B 116 18.06 40.68 -9.83
C VAL B 116 19.09 40.96 -10.94
N LYS B 117 18.80 40.53 -12.17
CA LYS B 117 19.74 40.56 -13.34
C LYS B 117 21.23 40.31 -13.04
N GLU B 118 21.49 39.59 -11.95
CA GLU B 118 22.83 39.49 -11.36
C GLU B 118 23.73 38.66 -12.25
N ASP B 119 24.73 39.30 -12.84
CA ASP B 119 25.74 38.62 -13.64
C ASP B 119 26.97 38.26 -12.79
N ASN B 120 26.78 38.22 -11.46
CA ASN B 120 27.86 37.97 -10.51
C ASN B 120 28.35 36.53 -10.57
N ILE B 121 27.49 35.60 -10.98
CA ILE B 121 27.81 34.16 -11.00
C ILE B 121 27.86 33.63 -9.56
N GLU B 122 28.83 34.10 -8.77
CA GLU B 122 29.01 33.66 -7.39
C GLU B 122 27.84 34.05 -6.48
N ALA B 123 27.49 35.33 -6.47
CA ALA B 123 26.46 35.87 -5.58
C ALA B 123 25.02 35.54 -6.02
N VAL B 124 24.85 35.09 -7.27
CA VAL B 124 23.60 34.44 -7.68
C VAL B 124 23.47 33.09 -6.96
N GLY B 125 24.60 32.37 -6.83
CA GLY B 125 24.68 31.13 -6.07
C GLY B 125 24.44 31.25 -4.58
N LYS B 126 24.82 32.38 -3.99
CA LYS B 126 24.50 32.68 -2.59
C LYS B 126 22.99 32.83 -2.39
N LYS B 127 22.34 33.54 -3.32
CA LYS B 127 20.88 33.67 -3.34
C LYS B 127 20.18 32.32 -3.45
N LEU B 128 20.74 31.43 -4.26
CA LEU B 128 20.22 30.09 -4.43
C LEU B 128 20.23 29.29 -3.12
N HIS B 129 21.28 29.45 -2.31
CA HIS B 129 21.27 28.90 -0.94
C HIS B 129 20.18 29.59 -0.11
N GLU B 130 20.15 30.93 -0.15
CA GLU B 130 19.21 31.71 0.66
C GLU B 130 17.78 31.27 0.39
N TYR B 131 17.39 31.28 -0.88
CA TYR B 131 16.03 30.87 -1.30
C TYR B 131 15.72 29.41 -0.99
N ASN B 132 16.70 28.54 -1.19
CA ASN B 132 16.56 27.12 -0.89
C ASN B 132 16.48 26.83 0.63
N THR B 133 17.10 27.67 1.48
CA THR B 133 16.92 27.58 2.95
C THR B 133 15.50 28.05 3.36
N GLN B 134 15.03 29.15 2.75
CA GLN B 134 13.68 29.65 2.96
C GLN B 134 12.68 28.60 2.50
N PHE B 135 12.91 28.04 1.31
CA PHE B 135 12.06 26.97 0.80
C PHE B 135 12.04 25.79 1.77
N GLN B 136 13.21 25.20 2.02
CA GLN B 136 13.32 24.02 2.91
C GLN B 136 12.78 24.28 4.32
N GLU B 137 12.91 25.52 4.80
CA GLU B 137 12.23 25.93 6.03
C GLU B 137 10.72 25.81 5.82
N LYS B 138 10.25 26.43 4.74
CA LYS B 138 8.82 26.54 4.43
C LYS B 138 8.15 25.16 4.28
N SER B 139 8.84 24.23 3.61
CA SER B 139 8.33 22.86 3.41
C SER B 139 8.18 22.09 4.71
N ARG B 140 9.03 22.36 5.71
CA ARG B 140 8.84 21.80 7.06
C ARG B 140 7.58 22.38 7.70
N GLU B 141 7.41 23.71 7.64
CA GLU B 141 6.21 24.36 8.19
C GLU B 141 4.96 23.76 7.54
N TYR B 142 4.98 23.63 6.20
CA TYR B 142 3.88 22.97 5.49
C TYR B 142 3.69 21.54 5.97
N ASP B 143 4.78 20.78 6.07
CA ASP B 143 4.71 19.39 6.54
C ASP B 143 4.20 19.30 7.99
N ARG B 144 4.82 20.07 8.89
CA ARG B 144 4.40 20.19 10.31
C ARG B 144 2.91 20.38 10.47
N LEU B 145 2.37 21.33 9.71
CA LEU B 145 0.94 21.66 9.76
C LEU B 145 0.05 20.54 9.20
N TYR B 146 0.51 19.84 8.16
CA TYR B 146 -0.24 18.72 7.58
C TYR B 146 -0.41 17.58 8.62
N GLU B 147 0.62 17.34 9.44
CA GLU B 147 0.52 16.35 10.52
C GLU B 147 -0.54 16.80 11.53
N GLU B 148 -0.46 18.07 11.97
CA GLU B 148 -1.44 18.66 12.89
C GLU B 148 -2.87 18.50 12.36
N TYR B 149 -3.06 18.89 11.10
CA TYR B 149 -4.34 18.72 10.40
C TYR B 149 -4.86 17.28 10.59
N THR B 150 -4.03 16.31 10.21
CA THR B 150 -4.47 14.91 10.16
C THR B 150 -4.58 14.26 11.54
N ARG B 151 -3.75 14.70 12.49
CA ARG B 151 -3.96 14.33 13.89
C ARG B 151 -5.28 14.89 14.36
N THR B 152 -5.56 16.14 14.01
CA THR B 152 -6.77 16.82 14.47
C THR B 152 -8.05 16.24 13.87
N SER B 153 -8.05 15.99 12.57
CA SER B 153 -9.13 15.22 11.92
C SER B 153 -9.47 13.92 12.69
N GLN B 154 -8.43 13.23 13.14
CA GLN B 154 -8.60 12.00 13.91
C GLN B 154 -9.16 12.28 15.31
N GLU B 155 -8.43 13.07 16.10
CA GLU B 155 -8.84 13.41 17.46
C GLU B 155 -10.28 13.93 17.53
N ILE B 156 -10.69 14.70 16.51
CA ILE B 156 -12.08 15.17 16.37
C ILE B 156 -13.04 13.99 16.30
N GLN B 157 -12.84 13.11 15.33
CA GLN B 157 -13.80 12.04 15.11
C GLN B 157 -13.90 11.07 16.29
N MET B 158 -12.77 10.85 16.97
CA MET B 158 -12.71 10.13 18.25
C MET B 158 -13.58 10.79 19.33
N LYS B 159 -13.60 12.12 19.34
CA LYS B 159 -14.53 12.86 20.18
C LYS B 159 -15.96 12.65 19.70
N ARG B 160 -16.19 12.77 18.38
CA ARG B 160 -17.52 12.56 17.81
C ARG B 160 -18.05 11.18 18.16
N THR B 161 -17.20 10.17 18.06
CA THR B 161 -17.56 8.81 18.46
C THR B 161 -17.83 8.75 19.96
N ALA B 162 -16.91 9.32 20.73
CA ALA B 162 -17.03 9.36 22.20
C ALA B 162 -18.38 9.93 22.66
N ILE B 163 -18.84 10.95 21.95
CA ILE B 163 -20.10 11.62 22.26
C ILE B 163 -21.26 10.66 22.08
N GLU B 164 -21.28 9.96 20.95
CA GLU B 164 -22.31 8.94 20.67
C GLU B 164 -22.29 7.86 21.77
N ALA B 165 -21.09 7.46 22.17
CA ALA B 165 -20.91 6.48 23.24
C ALA B 165 -21.47 7.04 24.54
N PHE B 166 -21.07 8.26 24.87
CA PHE B 166 -21.64 8.98 26.01
C PHE B 166 -23.17 8.95 25.94
N ASN B 167 -23.71 9.43 24.81
CA ASN B 167 -25.16 9.48 24.63
C ASN B 167 -25.81 8.13 24.76
N GLU B 168 -25.12 7.09 24.28
CA GLU B 168 -25.63 5.72 24.38
C GLU B 168 -25.54 5.22 25.84
N THR B 169 -24.45 5.58 26.53
CA THR B 169 -24.29 5.26 27.94
C THR B 169 -25.44 5.87 28.73
N ILE B 170 -25.66 7.17 28.49
CA ILE B 170 -26.72 7.94 29.11
C ILE B 170 -28.06 7.27 28.91
N LYS B 171 -28.35 6.87 27.67
CA LYS B 171 -29.59 6.12 27.37
C LYS B 171 -29.77 4.91 28.27
N ILE B 172 -28.70 4.17 28.53
CA ILE B 172 -28.81 2.96 29.40
C ILE B 172 -29.07 3.36 30.86
N PHE B 173 -28.60 4.53 31.25
CA PHE B 173 -28.79 5.04 32.59
C PHE B 173 -30.14 5.75 32.76
N GLU B 174 -30.55 6.52 31.74
CA GLU B 174 -31.88 7.15 31.71
C GLU B 174 -32.93 6.06 31.80
N GLU B 175 -32.72 4.96 31.06
CA GLU B 175 -33.54 3.74 31.16
C GLU B 175 -33.51 3.12 32.55
N GLN B 176 -32.34 3.06 33.17
CA GLN B 176 -32.17 2.45 34.49
C GLN B 176 -32.92 3.16 35.61
N CYS B 177 -32.92 4.50 35.60
CA CYS B 177 -33.67 5.25 36.63
C CYS B 177 -35.17 5.02 36.42
N GLN B 178 -35.57 4.93 35.15
CA GLN B 178 -36.95 4.59 34.77
C GLN B 178 -37.27 3.12 35.04
N THR B 179 -36.34 2.22 34.77
CA THR B 179 -36.52 0.79 35.02
C THR B 179 -36.92 0.51 36.46
N GLN B 180 -36.29 1.18 37.42
CA GLN B 180 -36.58 0.90 38.83
C GLN B 180 -37.93 1.47 39.27
N GLU B 181 -38.27 2.69 38.84
CA GLU B 181 -39.60 3.29 39.09
C GLU B 181 -40.72 2.25 38.96
N ARG B 182 -40.67 1.45 37.89
CA ARG B 182 -41.67 0.42 37.67
C ARG B 182 -41.61 -0.64 38.76
N TYR B 183 -40.44 -1.26 38.95
CA TYR B 183 -40.32 -2.39 39.90
C TYR B 183 -40.24 -1.99 41.39
N SER B 184 -39.81 -0.76 41.66
CA SER B 184 -39.78 -0.20 43.03
C SER B 184 -41.18 0.21 43.51
N LYS B 185 -41.92 0.95 42.69
CA LYS B 185 -43.25 1.46 43.08
C LYS B 185 -44.37 0.42 42.97
N GLU B 186 -44.04 -0.78 42.50
CA GLU B 186 -44.85 -1.97 42.80
C GLU B 186 -44.62 -2.40 44.25
N TYR B 187 -43.35 -2.37 44.68
CA TYR B 187 -42.92 -2.76 46.03
C TYR B 187 -43.03 -1.67 47.11
N ILE B 188 -43.58 -0.50 46.78
CA ILE B 188 -44.03 0.47 47.80
C ILE B 188 -45.47 0.16 48.22
N GLU B 189 -46.37 0.01 47.24
CA GLU B 189 -47.81 -0.04 47.50
C GLU B 189 -48.26 -1.39 48.07
N LYS B 190 -47.78 -2.48 47.49
CA LYS B 190 -47.94 -3.78 48.12
C LYS B 190 -47.20 -3.76 49.45
N PHE B 191 -47.90 -4.18 50.51
CA PHE B 191 -47.37 -4.25 51.89
C PHE B 191 -47.33 -2.89 52.63
N LYS B 192 -46.47 -1.96 52.18
CA LYS B 192 -46.29 -0.59 52.79
C LYS B 192 -45.84 -0.49 54.27
N ARG B 193 -46.56 -1.13 55.19
CA ARG B 193 -46.15 -1.21 56.62
C ARG B 193 -44.88 -2.06 56.85
N GLU B 194 -44.70 -3.11 56.05
CA GLU B 194 -43.50 -3.96 56.10
C GLU B 194 -42.27 -3.21 55.56
N GLY B 195 -41.27 -3.02 56.41
CA GLY B 195 -40.11 -2.20 56.07
C GLY B 195 -40.43 -0.72 56.13
N ASN B 196 -41.26 -0.25 55.19
CA ASN B 196 -41.83 1.11 55.21
C ASN B 196 -40.76 2.18 54.94
N GLU B 197 -40.20 2.82 55.98
CA GLU B 197 -39.09 3.79 55.81
C GLU B 197 -37.76 3.04 55.75
N LYS B 198 -37.64 1.94 56.50
CA LYS B 198 -36.48 1.06 56.41
C LYS B 198 -36.21 0.55 54.98
N GLU B 199 -37.26 0.10 54.29
CA GLU B 199 -37.11 -0.47 52.96
C GLU B 199 -37.01 0.60 51.91
N ILE B 200 -37.95 1.55 51.94
CA ILE B 200 -38.06 2.58 50.88
C ILE B 200 -36.92 3.60 50.93
N GLN B 201 -36.35 3.87 52.10
CA GLN B 201 -35.16 4.74 52.16
C GLN B 201 -34.01 4.13 51.37
N ARG B 202 -33.66 2.89 51.70
CA ARG B 202 -32.55 2.21 51.05
C ARG B 202 -32.81 1.85 49.57
N ILE B 203 -34.08 1.97 49.13
CA ILE B 203 -34.44 2.02 47.71
C ILE B 203 -34.34 3.45 47.16
N MET B 204 -34.79 4.42 47.94
CA MET B 204 -34.65 5.85 47.61
C MET B 204 -33.17 6.29 47.48
N HIS B 205 -32.28 5.66 48.26
CA HIS B 205 -30.83 5.95 48.23
C HIS B 205 -30.21 5.54 46.91
N ASN B 206 -30.46 4.29 46.55
CA ASN B 206 -30.08 3.75 45.25
C ASN B 206 -30.55 4.62 44.07
N TYR B 207 -31.81 5.06 44.10
CA TYR B 207 -32.36 5.93 43.05
C TYR B 207 -31.72 7.33 43.05
N ASP B 208 -31.44 7.86 44.23
CA ASP B 208 -30.76 9.16 44.31
C ASP B 208 -29.32 9.08 43.81
N LYS B 209 -28.64 7.95 44.03
CA LYS B 209 -27.31 7.71 43.39
C LYS B 209 -27.43 7.78 41.88
N LEU B 210 -28.40 7.02 41.38
CA LEU B 210 -28.60 6.80 39.96
C LEU B 210 -28.75 8.10 39.14
N LYS B 211 -29.60 9.02 39.60
CA LYS B 211 -29.84 10.26 38.84
C LYS B 211 -28.70 11.27 38.91
N SER B 212 -28.05 11.41 40.07
CA SER B 212 -26.91 12.33 40.20
C SER B 212 -25.71 11.82 39.37
N ARG B 213 -25.62 10.48 39.24
CA ARG B 213 -24.66 9.83 38.34
C ARG B 213 -24.95 10.27 36.88
N ILE B 214 -26.19 10.05 36.43
CA ILE B 214 -26.64 10.58 35.11
C ILE B 214 -26.21 12.04 35.00
N SER B 215 -26.51 12.83 36.04
CA SER B 215 -26.18 14.23 36.06
C SER B 215 -24.70 14.46 35.78
N GLU B 216 -23.84 13.70 36.45
CA GLU B 216 -22.38 13.76 36.21
C GLU B 216 -22.06 13.42 34.76
N ILE B 217 -22.62 12.28 34.31
CA ILE B 217 -22.34 11.76 32.96
C ILE B 217 -22.64 12.81 31.89
N ILE B 218 -23.81 13.43 32.02
CA ILE B 218 -24.25 14.44 31.05
C ILE B 218 -23.29 15.63 31.07
N ASP B 219 -22.90 16.04 32.28
CA ASP B 219 -21.90 17.11 32.44
C ASP B 219 -20.53 16.70 31.88
N SER B 220 -20.22 15.41 31.95
CA SER B 220 -19.03 14.88 31.30
C SER B 220 -19.07 15.00 29.77
N ARG B 221 -20.24 14.76 29.17
CA ARG B 221 -20.40 14.86 27.70
C ARG B 221 -20.31 16.29 27.17
N ARG B 222 -21.09 17.18 27.80
CA ARG B 222 -21.04 18.61 27.52
C ARG B 222 -19.59 19.09 27.45
N ARG B 223 -18.85 18.82 28.51
CA ARG B 223 -17.45 19.24 28.67
C ARG B 223 -16.54 18.71 27.54
N LEU B 224 -16.90 17.57 26.97
CA LEU B 224 -16.25 17.05 25.77
C LEU B 224 -16.60 17.92 24.57
N GLU B 225 -17.89 18.16 24.40
CA GLU B 225 -18.42 18.94 23.27
C GLU B 225 -17.81 20.34 23.15
N GLU B 226 -17.69 21.03 24.27
CA GLU B 226 -17.02 22.34 24.29
C GLU B 226 -15.58 22.23 23.78
N ASP B 227 -14.88 21.14 24.12
CA ASP B 227 -13.51 20.90 23.61
C ASP B 227 -13.50 20.53 22.16
N LEU B 228 -14.59 19.92 21.68
CA LEU B 228 -14.75 19.60 20.25
C LEU B 228 -14.79 20.84 19.36
N LYS B 229 -15.60 21.82 19.77
CA LYS B 229 -15.68 23.10 19.06
C LYS B 229 -14.31 23.80 19.05
N LYS B 230 -13.61 23.75 20.18
CA LYS B 230 -12.29 24.38 20.31
C LYS B 230 -11.26 23.68 19.44
N GLN B 231 -11.31 22.36 19.43
CA GLN B 231 -10.55 21.54 18.47
C GLN B 231 -10.93 21.85 17.02
N ALA B 232 -12.23 21.76 16.73
CA ALA B 232 -12.75 22.03 15.40
C ALA B 232 -12.38 23.44 14.92
N ALA B 233 -12.36 24.39 15.86
CA ALA B 233 -11.92 25.76 15.57
C ALA B 233 -10.46 25.81 15.13
N GLU B 234 -9.58 25.21 15.93
CA GLU B 234 -8.14 25.11 15.62
C GLU B 234 -7.90 24.36 14.31
N TYR B 235 -8.71 23.34 14.07
CA TYR B 235 -8.68 22.58 12.82
C TYR B 235 -8.81 23.51 11.62
N ARG B 236 -9.79 24.43 11.66
CA ARG B 236 -9.98 25.49 10.65
C ARG B 236 -8.74 26.39 10.53
N GLU B 237 -8.22 26.84 11.68
CA GLU B 237 -7.05 27.73 11.72
C GLU B 237 -5.79 27.12 11.11
N ILE B 238 -5.67 25.79 11.17
CA ILE B 238 -4.56 25.08 10.53
C ILE B 238 -4.73 25.19 9.02
N ASP B 239 -5.89 24.74 8.51
CA ASP B 239 -6.19 24.76 7.07
C ASP B 239 -5.98 26.17 6.54
N LYS B 240 -6.64 27.12 7.20
CA LYS B 240 -6.50 28.56 6.95
C LYS B 240 -5.07 29.00 6.64
N ARG B 241 -4.14 28.53 7.48
CA ARG B 241 -2.71 28.88 7.39
C ARG B 241 -1.90 27.95 6.51
N MET B 242 -2.37 26.72 6.32
CA MET B 242 -1.80 25.87 5.27
C MET B 242 -1.92 26.63 3.94
N ASN B 243 -3.13 27.12 3.67
CA ASN B 243 -3.45 27.78 2.40
C ASN B 243 -2.81 29.16 2.24
N SER B 244 -2.36 29.76 3.34
CA SER B 244 -1.50 30.94 3.27
C SER B 244 -0.09 30.57 2.85
N ILE B 245 0.43 29.48 3.42
CA ILE B 245 1.80 29.03 3.14
C ILE B 245 1.94 28.43 1.73
N LYS B 246 0.92 27.69 1.28
CA LYS B 246 0.93 27.06 -0.06
C LYS B 246 1.40 27.91 -1.27
N PRO B 247 0.84 29.14 -1.46
CA PRO B 247 1.16 29.97 -2.65
C PRO B 247 2.55 30.59 -2.65
N ASP B 248 3.04 30.98 -1.48
CA ASP B 248 4.41 31.44 -1.31
C ASP B 248 5.36 30.29 -1.69
N LEU B 249 5.07 29.12 -1.11
CA LEU B 249 5.85 27.89 -1.36
C LEU B 249 6.03 27.54 -2.84
N ILE B 250 5.05 27.85 -3.69
CA ILE B 250 5.17 27.57 -5.12
C ILE B 250 6.07 28.60 -5.80
N GLN B 251 5.96 29.86 -5.39
CA GLN B 251 6.74 30.94 -6.01
C GLN B 251 8.18 30.94 -5.54
N LEU B 252 8.37 30.73 -4.22
CA LEU B 252 9.71 30.52 -3.64
C LEU B 252 10.41 29.33 -4.27
N ARG B 253 9.63 28.33 -4.65
CA ARG B 253 10.13 27.19 -5.39
C ARG B 253 10.42 27.60 -6.83
N LYS B 254 9.50 28.33 -7.45
CA LYS B 254 9.67 28.72 -8.86
C LYS B 254 10.88 29.62 -9.11
N THR B 255 11.16 30.54 -8.19
CA THR B 255 12.36 31.40 -8.30
C THR B 255 13.64 30.55 -8.17
N ARG B 256 13.64 29.62 -7.22
CA ARG B 256 14.76 28.67 -7.00
C ARG B 256 15.00 27.67 -8.15
N ASP B 257 14.03 27.50 -9.04
CA ASP B 257 14.26 26.74 -10.27
C ASP B 257 14.92 27.65 -11.31
N GLN B 258 14.44 28.89 -11.40
CA GLN B 258 14.91 29.85 -12.40
C GLN B 258 16.35 30.34 -12.12
N TYR B 259 16.65 30.58 -10.84
CA TYR B 259 18.02 30.87 -10.40
C TYR B 259 18.98 29.74 -10.76
N LEU B 260 18.60 28.53 -10.38
CA LEU B 260 19.40 27.33 -10.63
C LEU B 260 19.53 27.03 -12.13
N MET B 261 18.50 27.40 -12.89
CA MET B 261 18.56 27.34 -14.35
C MET B 261 19.50 28.40 -14.92
N TRP B 262 19.35 29.65 -14.48
CA TRP B 262 20.19 30.77 -14.96
C TRP B 262 21.70 30.48 -14.84
N LEU B 263 22.08 29.78 -13.77
CA LEU B 263 23.47 29.36 -13.56
C LEU B 263 23.87 28.26 -14.55
N THR B 264 23.06 27.19 -14.57
CA THR B 264 23.33 26.05 -15.46
C THR B 264 23.06 26.36 -16.95
N GLN B 265 22.87 27.64 -17.31
CA GLN B 265 23.05 28.11 -18.69
C GLN B 265 24.54 28.30 -19.01
N LYS B 266 25.20 29.23 -18.31
CA LYS B 266 26.55 29.68 -18.67
C LYS B 266 27.61 28.65 -18.21
N GLY B 267 27.88 28.58 -16.92
CA GLY B 267 28.91 27.70 -16.36
C GLY B 267 28.23 26.46 -15.85
N VAL B 268 28.54 25.31 -16.45
CA VAL B 268 27.79 24.06 -16.21
C VAL B 268 27.76 23.75 -14.70
N ARG B 269 28.94 23.64 -14.08
CA ARG B 269 29.12 23.55 -12.61
C ARG B 269 28.02 22.79 -11.84
N GLN B 270 27.59 21.65 -12.39
CA GLN B 270 26.49 20.85 -11.80
C GLN B 270 26.85 20.31 -10.41
N LYS B 271 28.13 20.01 -10.23
CA LYS B 271 28.66 19.42 -9.00
C LYS B 271 28.96 20.47 -7.91
N LYS B 272 29.29 21.70 -8.33
CA LYS B 272 29.55 22.84 -7.42
C LYS B 272 28.32 23.30 -6.62
N LEU B 273 27.13 23.06 -7.20
CA LEU B 273 25.85 23.49 -6.63
C LEU B 273 25.57 22.93 -5.21
N ASN B 274 25.90 21.65 -4.98
CA ASN B 274 25.49 20.94 -3.75
C ASN B 274 25.88 21.56 -2.39
N GLU B 275 26.90 22.41 -2.37
CA GLU B 275 27.27 23.12 -1.12
C GLU B 275 26.24 24.18 -0.75
N TRP B 276 25.82 24.98 -1.74
CA TRP B 276 24.74 25.96 -1.55
C TRP B 276 23.42 25.29 -1.19
N LEU B 277 23.10 24.23 -1.93
CA LEU B 277 21.84 23.51 -1.78
C LEU B 277 21.95 22.43 -0.70
CL CL C . 17.04 -7.21 10.87
C6 70T D . 6.69 -12.15 3.16
C5 70T D . 6.66 -13.06 2.05
C4 70T D . 5.54 -12.66 1.17
C2 70T D . 5.64 -11.26 2.94
C7 70T D . 5.30 -13.40 0.00
C8 70T D . 6.12 -14.51 -0.31
C9 70T D . 7.18 -14.90 0.52
C10 70T D . 7.45 -14.17 1.71
C1 70T D . 5.46 -10.17 3.96
N3 70T D . 4.99 -11.56 1.78
N11 70T D . 8.00 -16.01 0.20
O12 70T D . 9.37 -15.84 -0.07
O13 70T D . 7.53 -17.16 0.13
C1 2ZV E . 3.31 10.49 -18.47
C2 2ZV E . 2.64 11.73 -18.38
C3 2ZV E . 3.39 12.90 -18.15
C4 2ZV E . 2.73 14.15 -18.06
N5 2ZV E . 1.33 14.24 -18.20
C6 2ZV E . 0.61 13.13 -18.43
N7 2ZV E . -0.71 13.15 -18.59
C8 2ZV E . 1.24 11.87 -18.52
N9 2ZV E . 0.46 10.81 -18.75
O10 2ZV E . -0.41 10.84 -19.97
O11 2ZV E . 0.44 9.63 -17.69
#